data_6Q1H
#
_entry.id   6Q1H
#
_cell.length_a   80.498
_cell.length_b   80.450
_cell.length_c   262.078
_cell.angle_alpha   90.000
_cell.angle_beta   90.000
_cell.angle_gamma   90.000
#
_symmetry.space_group_name_H-M   'P 21 21 21'
#
loop_
_entity.id
_entity.type
_entity.pdbx_description
1 polymer 'Bacterial protein ORF C62'
2 polymer "RNA (5'-R(P*AP*AP*A)-3')"
3 water water
#
loop_
_entity_poly.entity_id
_entity_poly.type
_entity_poly.pdbx_seq_one_letter_code
_entity_poly.pdbx_strand_id
1 'polypeptide(L)'
;MSQWSLSQLLSSLHEDIQQRLSVVRKTFGHPGTKGDASENVWIDMLDTYLPKRYQAAKAHVVDSLGNFSQQINVVVFDRQ
YSPFIFTYENETIIPAESVYAVFEAKQTADAGLVAYAQEKVASVRRLHRTSLPIPHAGGTYPAKPLIPILGGLLTFESEW
SPALGPSMDKALNANLTEGRLDIGCVAAHGHFFYDQASGAYSYTNENKPATAFLFKLIAQLQFSGTVPMIDVEAYGQWLT
K
;
A,B,C,E,F,G
2 'polyribonucleotide' AAA D,H
#
# COMPACT_ATOMS: atom_id res chain seq x y z
N SER A 2 -10.60 -12.12 -29.06
CA SER A 2 -11.73 -13.03 -29.01
C SER A 2 -11.28 -14.46 -28.72
N GLN A 3 -10.35 -14.97 -29.50
CA GLN A 3 -9.76 -16.29 -29.27
C GLN A 3 -8.46 -16.12 -28.49
N TRP A 4 -8.27 -16.98 -27.51
CA TRP A 4 -7.03 -16.95 -26.76
C TRP A 4 -5.88 -17.52 -27.61
N SER A 5 -4.72 -16.88 -27.49
CA SER A 5 -3.51 -17.29 -28.18
C SER A 5 -2.32 -17.12 -27.27
N LEU A 6 -1.58 -18.22 -27.02
CA LEU A 6 -0.38 -18.11 -26.22
C LEU A 6 0.66 -17.25 -26.92
N SER A 7 0.79 -17.39 -28.24
N SER A 7 0.79 -17.40 -28.25
CA SER A 7 1.72 -16.53 -28.98
CA SER A 7 1.71 -16.55 -29.00
C SER A 7 1.38 -15.06 -28.76
C SER A 7 1.38 -15.07 -28.77
N GLN A 8 0.10 -14.73 -28.75
CA GLN A 8 -0.29 -13.34 -28.55
C GLN A 8 0.04 -12.87 -27.14
N LEU A 9 -0.14 -13.73 -26.13
CA LEU A 9 0.28 -13.35 -24.77
C LEU A 9 1.76 -12.97 -24.76
N LEU A 10 2.59 -13.81 -25.36
CA LEU A 10 4.04 -13.54 -25.34
C LEU A 10 4.40 -12.33 -26.17
N SER A 11 3.70 -12.11 -27.29
N SER A 11 3.71 -12.11 -27.29
CA SER A 11 3.96 -10.92 -28.08
CA SER A 11 3.94 -10.91 -28.08
C SER A 11 3.59 -9.65 -27.31
C SER A 11 3.59 -9.66 -27.29
N SER A 12 2.44 -9.67 -26.62
CA SER A 12 1.98 -8.47 -25.92
C SER A 12 2.87 -8.14 -24.74
N LEU A 13 3.36 -9.16 -24.03
CA LEU A 13 4.33 -8.93 -22.97
C LEU A 13 5.52 -8.12 -23.51
N HIS A 14 6.08 -8.58 -24.64
CA HIS A 14 7.20 -7.87 -25.22
C HIS A 14 6.80 -6.48 -25.72
N GLU A 15 5.66 -6.39 -26.42
CA GLU A 15 5.27 -5.11 -27.02
C GLU A 15 5.10 -4.05 -25.95
N ASP A 16 4.58 -4.45 -24.78
CA ASP A 16 4.42 -3.53 -23.66
C ASP A 16 5.76 -2.96 -23.22
N ILE A 17 6.78 -3.82 -23.09
CA ILE A 17 8.10 -3.33 -22.68
C ILE A 17 8.69 -2.41 -23.74
N GLN A 18 8.62 -2.84 -25.01
CA GLN A 18 9.20 -2.01 -26.07
C GLN A 18 8.49 -0.66 -26.13
N GLN A 19 7.17 -0.66 -26.01
CA GLN A 19 6.43 0.60 -26.10
C GLN A 19 6.81 1.52 -24.95
N ARG A 20 6.86 0.98 -23.72
CA ARG A 20 7.14 1.82 -22.56
C ARG A 20 8.53 2.43 -22.67
N LEU A 21 9.52 1.62 -23.06
CA LEU A 21 10.87 2.16 -23.24
C LEU A 21 10.91 3.19 -24.35
N SER A 22 10.14 2.97 -25.43
CA SER A 22 10.08 3.94 -26.51
C SER A 22 9.49 5.26 -26.03
N VAL A 23 8.39 5.20 -25.27
CA VAL A 23 7.77 6.42 -24.76
C VAL A 23 8.74 7.17 -23.86
N VAL A 24 9.43 6.45 -22.98
CA VAL A 24 10.42 7.09 -22.10
C VAL A 24 11.48 7.80 -22.93
N ARG A 25 11.99 7.12 -23.96
CA ARG A 25 13.09 7.64 -24.75
C ARG A 25 12.71 8.95 -25.43
N LYS A 26 11.51 9.04 -25.97
CA LYS A 26 11.15 10.21 -26.75
C LYS A 26 10.51 11.32 -25.93
N THR A 27 10.10 11.03 -24.71
CA THR A 27 9.31 11.98 -23.94
C THR A 27 10.05 12.68 -22.81
N PHE A 28 10.98 12.01 -22.13
CA PHE A 28 11.69 12.63 -21.01
C PHE A 28 13.00 13.24 -21.52
N GLY A 29 13.05 14.56 -21.55
CA GLY A 29 14.16 15.30 -22.11
C GLY A 29 15.35 15.56 -21.19
N HIS A 30 15.29 15.13 -20.00
CA HIS A 30 16.37 15.17 -19.00
C HIS A 30 17.01 13.81 -18.90
N PRO A 31 18.33 13.69 -19.03
CA PRO A 31 18.94 12.34 -19.06
C PRO A 31 18.74 11.51 -17.81
N GLY A 32 18.83 12.12 -16.61
CA GLY A 32 18.63 11.36 -15.39
C GLY A 32 17.20 10.88 -15.25
N THR A 33 16.24 11.74 -15.61
CA THR A 33 14.83 11.35 -15.57
C THR A 33 14.58 10.20 -16.52
N LYS A 34 15.12 10.30 -17.74
CA LYS A 34 14.94 9.24 -18.73
C LYS A 34 15.55 7.94 -18.26
N GLY A 35 16.76 8.01 -17.70
CA GLY A 35 17.38 6.80 -17.17
C GLY A 35 16.59 6.17 -16.05
N ASP A 36 16.12 7.00 -15.09
CA ASP A 36 15.36 6.46 -13.98
C ASP A 36 14.08 5.78 -14.47
N ALA A 37 13.39 6.40 -15.41
CA ALA A 37 12.15 5.83 -15.92
C ALA A 37 12.39 4.53 -16.68
N SER A 38 13.49 4.47 -17.44
CA SER A 38 13.82 3.26 -18.17
C SER A 38 14.14 2.12 -17.22
N GLU A 39 14.95 2.40 -16.19
CA GLU A 39 15.24 1.40 -15.17
C GLU A 39 13.95 0.93 -14.51
N ASN A 40 13.01 1.84 -14.29
CA ASN A 40 11.74 1.48 -13.66
C ASN A 40 11.02 0.43 -14.49
N VAL A 41 11.08 0.55 -15.81
CA VAL A 41 10.43 -0.41 -16.70
C VAL A 41 11.04 -1.78 -16.51
N TRP A 42 12.36 -1.87 -16.56
CA TRP A 42 13.01 -3.16 -16.45
C TRP A 42 12.76 -3.80 -15.09
N ILE A 43 12.84 -2.99 -14.01
CA ILE A 43 12.61 -3.51 -12.66
C ILE A 43 11.16 -3.97 -12.52
N ASP A 44 10.21 -3.21 -13.07
CA ASP A 44 8.80 -3.62 -13.04
C ASP A 44 8.60 -4.94 -13.80
N MET A 45 9.26 -5.10 -14.94
CA MET A 45 9.11 -6.35 -15.70
C MET A 45 9.57 -7.53 -14.86
N LEU A 46 10.76 -7.41 -14.26
CA LEU A 46 11.32 -8.49 -13.47
C LEU A 46 10.51 -8.72 -12.22
N ASP A 47 10.08 -7.65 -11.55
CA ASP A 47 9.29 -7.82 -10.34
C ASP A 47 7.96 -8.46 -10.64
N THR A 48 7.39 -8.16 -11.81
CA THR A 48 6.09 -8.69 -12.17
C THR A 48 6.18 -10.16 -12.54
N TYR A 49 7.18 -10.54 -13.34
CA TYR A 49 7.23 -11.85 -13.97
C TYR A 49 8.19 -12.84 -13.32
N LEU A 50 9.31 -12.42 -12.74
CA LEU A 50 10.18 -13.41 -12.16
C LEU A 50 9.46 -14.10 -11.00
N PRO A 51 9.78 -15.38 -10.76
CA PRO A 51 9.34 -16.04 -9.52
C PRO A 51 9.70 -15.19 -8.31
N LYS A 52 8.84 -15.23 -7.29
CA LYS A 52 8.97 -14.38 -6.11
C LYS A 52 10.18 -14.72 -5.26
N ARG A 53 10.81 -15.88 -5.47
CA ARG A 53 12.11 -16.12 -4.82
C ARG A 53 13.16 -15.10 -5.23
N TYR A 54 12.94 -14.34 -6.28
CA TYR A 54 13.87 -13.31 -6.75
C TYR A 54 13.37 -11.91 -6.43
N GLN A 55 14.25 -11.08 -5.92
CA GLN A 55 14.04 -9.66 -5.82
C GLN A 55 14.81 -8.97 -6.94
N ALA A 56 14.28 -7.83 -7.40
CA ALA A 56 14.96 -7.03 -8.41
C ALA A 56 14.91 -5.58 -7.93
N ALA A 57 16.07 -4.93 -7.89
CA ALA A 57 16.17 -3.56 -7.41
C ALA A 57 17.52 -2.95 -7.78
N LYS A 58 17.67 -1.66 -7.50
CA LYS A 58 18.95 -0.98 -7.55
C LYS A 58 19.62 -1.14 -6.17
N ALA A 59 20.93 -1.40 -6.16
CA ALA A 59 21.63 -1.56 -4.90
C ALA A 59 23.14 -1.48 -5.13
N HIS A 60 23.88 -1.27 -4.06
CA HIS A 60 25.30 -1.63 -3.99
C HIS A 60 25.39 -2.99 -3.31
N VAL A 61 26.49 -3.69 -3.61
CA VAL A 61 26.79 -5.00 -3.01
C VAL A 61 28.05 -4.85 -2.15
N VAL A 62 28.06 -5.48 -0.98
CA VAL A 62 29.20 -5.46 -0.07
C VAL A 62 29.54 -6.91 0.30
N ASP A 63 30.80 -7.15 0.67
CA ASP A 63 31.17 -8.46 1.17
C ASP A 63 31.78 -8.38 2.58
N SER A 64 32.02 -9.56 3.16
CA SER A 64 32.52 -9.63 4.53
C SER A 64 33.99 -9.27 4.64
N LEU A 65 34.65 -8.93 3.55
CA LEU A 65 36.00 -8.35 3.55
C LEU A 65 35.96 -6.83 3.42
N GLY A 66 34.76 -6.25 3.50
CA GLY A 66 34.63 -4.81 3.43
C GLY A 66 34.77 -4.20 2.06
N ASN A 67 34.74 -5.00 1.01
CA ASN A 67 34.82 -4.51 -0.36
C ASN A 67 33.40 -4.25 -0.88
N PHE A 68 33.27 -3.23 -1.72
CA PHE A 68 32.00 -2.83 -2.30
C PHE A 68 32.05 -2.93 -3.83
N SER A 69 30.91 -3.29 -4.41
CA SER A 69 30.75 -3.21 -5.85
C SER A 69 30.50 -1.76 -6.26
N GLN A 70 30.42 -1.55 -7.57
CA GLN A 70 29.85 -0.32 -8.09
C GLN A 70 28.34 -0.32 -7.89
N GLN A 71 27.71 0.82 -8.15
CA GLN A 71 26.27 0.86 -8.10
C GLN A 71 25.69 -0.02 -9.20
N ILE A 72 24.77 -0.91 -8.83
CA ILE A 72 24.14 -1.81 -9.79
C ILE A 72 22.70 -1.36 -9.98
N ASN A 73 22.34 -0.94 -11.18
CA ASN A 73 20.99 -0.38 -11.34
C ASN A 73 19.90 -1.44 -11.47
N VAL A 74 20.24 -2.69 -11.84
CA VAL A 74 19.29 -3.79 -11.80
C VAL A 74 20.01 -5.03 -11.29
N VAL A 75 19.86 -5.32 -10.01
CA VAL A 75 20.41 -6.54 -9.43
C VAL A 75 19.26 -7.46 -9.05
N VAL A 76 19.45 -8.75 -9.32
CA VAL A 76 18.53 -9.81 -8.94
C VAL A 76 19.14 -10.57 -7.78
N PHE A 77 18.39 -10.68 -6.67
CA PHE A 77 18.98 -11.18 -5.43
C PHE A 77 17.94 -11.86 -4.54
N ASP A 78 18.46 -12.61 -3.56
CA ASP A 78 17.62 -13.28 -2.58
C ASP A 78 17.34 -12.40 -1.38
N ARG A 79 16.10 -12.47 -0.90
CA ARG A 79 15.74 -11.95 0.41
C ARG A 79 15.07 -12.99 1.31
N GLN A 80 14.76 -14.19 0.79
CA GLN A 80 14.08 -15.20 1.61
C GLN A 80 15.00 -15.70 2.70
N TYR A 81 16.30 -15.75 2.41
CA TYR A 81 17.31 -16.36 3.28
C TYR A 81 18.44 -15.39 3.59
N SER A 82 18.31 -14.11 3.20
CA SER A 82 19.44 -13.18 3.25
C SER A 82 18.96 -11.87 3.86
N PRO A 83 19.71 -11.31 4.79
CA PRO A 83 19.42 -9.95 5.23
C PRO A 83 19.90 -8.91 4.24
N PHE A 84 19.36 -7.70 4.39
CA PHE A 84 20.09 -6.53 3.90
C PHE A 84 21.28 -6.31 4.83
N ILE A 85 22.36 -5.69 4.31
CA ILE A 85 23.40 -5.20 5.20
C ILE A 85 23.04 -3.80 5.71
N PHE A 86 22.48 -2.95 4.84
CA PHE A 86 22.04 -1.62 5.29
C PHE A 86 20.99 -1.14 4.31
N THR A 87 19.88 -0.62 4.83
CA THR A 87 18.90 0.01 3.97
C THR A 87 18.37 1.22 4.75
N TYR A 88 18.30 2.36 4.08
CA TYR A 88 18.01 3.61 4.76
C TYR A 88 17.54 4.63 3.74
N GLU A 89 16.41 5.28 4.02
CA GLU A 89 15.85 6.27 3.11
C GLU A 89 15.71 5.73 1.68
N ASN A 90 15.36 4.45 1.58
CA ASN A 90 15.06 3.73 0.34
C ASN A 90 16.27 3.48 -0.53
N GLU A 91 17.46 3.57 0.03
CA GLU A 91 18.67 3.17 -0.67
C GLU A 91 19.31 2.00 0.07
N THR A 92 19.91 1.07 -0.67
CA THR A 92 20.16 -0.25 -0.11
C THR A 92 21.50 -0.84 -0.49
N ILE A 93 22.06 -1.58 0.48
CA ILE A 93 23.28 -2.35 0.27
C ILE A 93 22.99 -3.79 0.67
N ILE A 94 23.25 -4.71 -0.26
CA ILE A 94 22.97 -6.14 -0.05
C ILE A 94 24.29 -6.88 0.10
N PRO A 95 24.27 -8.03 0.76
CA PRO A 95 25.50 -8.84 0.85
C PRO A 95 25.74 -9.62 -0.44
N ALA A 96 27.01 -9.90 -0.71
CA ALA A 96 27.38 -10.56 -1.96
C ALA A 96 26.73 -11.94 -2.07
N GLU A 97 26.51 -12.59 -0.93
CA GLU A 97 25.94 -13.93 -0.92
C GLU A 97 24.51 -13.95 -1.42
N SER A 98 23.84 -12.78 -1.45
CA SER A 98 22.46 -12.74 -1.89
C SER A 98 22.30 -12.68 -3.41
N VAL A 99 23.37 -12.46 -4.17
CA VAL A 99 23.25 -12.07 -5.57
C VAL A 99 23.07 -13.26 -6.48
N TYR A 100 22.08 -13.15 -7.39
CA TYR A 100 21.90 -14.08 -8.48
C TYR A 100 22.37 -13.54 -9.83
N ALA A 101 22.12 -12.26 -10.10
CA ALA A 101 22.44 -11.70 -11.41
C ALA A 101 22.61 -10.19 -11.28
N VAL A 102 23.48 -9.66 -12.16
CA VAL A 102 23.85 -8.24 -12.17
C VAL A 102 23.67 -7.70 -13.58
N PHE A 103 22.86 -6.65 -13.72
CA PHE A 103 22.61 -6.02 -15.01
C PHE A 103 22.92 -4.53 -14.97
N GLU A 104 23.40 -4.03 -16.10
CA GLU A 104 23.47 -2.59 -16.39
C GLU A 104 22.39 -2.28 -17.43
N ALA A 105 21.54 -1.30 -17.11
CA ALA A 105 20.48 -0.85 -17.98
C ALA A 105 20.80 0.56 -18.46
N LYS A 106 20.72 0.78 -19.77
CA LYS A 106 20.88 2.10 -20.38
C LYS A 106 20.08 2.12 -21.67
N GLN A 107 19.84 3.32 -22.22
CA GLN A 107 18.96 3.38 -23.40
C GLN A 107 19.59 2.72 -24.63
N THR A 108 20.91 2.84 -24.82
CA THR A 108 21.53 2.40 -26.07
C THR A 108 22.82 1.62 -25.86
N ALA A 109 22.94 0.51 -26.60
CA ALA A 109 24.12 -0.33 -26.56
C ALA A 109 25.19 0.27 -27.48
N ASP A 110 26.41 0.38 -26.96
CA ASP A 110 27.57 0.79 -27.76
C ASP A 110 28.80 0.20 -27.09
N ALA A 111 29.97 0.46 -27.66
CA ALA A 111 31.19 -0.15 -27.13
C ALA A 111 31.42 0.26 -25.68
N GLY A 112 31.22 1.54 -25.39
CA GLY A 112 31.45 2.02 -24.04
C GLY A 112 30.50 1.38 -23.04
N LEU A 113 29.23 1.22 -23.41
CA LEU A 113 28.29 0.64 -22.47
C LEU A 113 28.61 -0.83 -22.20
N VAL A 114 28.96 -1.58 -23.26
CA VAL A 114 29.30 -2.98 -23.03
C VAL A 114 30.46 -3.08 -22.05
N ALA A 115 31.52 -2.28 -22.25
CA ALA A 115 32.65 -2.32 -21.35
C ALA A 115 32.26 -1.91 -19.94
N TYR A 116 31.39 -0.88 -19.84
CA TYR A 116 30.92 -0.42 -18.54
C TYR A 116 30.16 -1.50 -17.81
N ALA A 117 29.26 -2.19 -18.52
CA ALA A 117 28.50 -3.29 -17.93
C ALA A 117 29.42 -4.42 -17.48
N GLN A 118 30.41 -4.76 -18.31
CA GLN A 118 31.36 -5.80 -17.91
C GLN A 118 32.08 -5.42 -16.63
N GLU A 119 32.45 -4.14 -16.48
CA GLU A 119 33.10 -3.70 -15.25
C GLU A 119 32.15 -3.73 -14.06
N LYS A 120 30.87 -3.38 -14.27
CA LYS A 120 29.90 -3.49 -13.18
C LYS A 120 29.81 -4.94 -12.69
N VAL A 121 29.67 -5.88 -13.62
CA VAL A 121 29.54 -7.29 -13.27
C VAL A 121 30.82 -7.77 -12.56
N ALA A 122 31.98 -7.38 -13.09
CA ALA A 122 33.24 -7.79 -12.46
C ALA A 122 33.32 -7.25 -11.03
N SER A 123 32.81 -6.03 -10.79
CA SER A 123 32.89 -5.43 -9.47
C SER A 123 32.09 -6.24 -8.44
N VAL A 124 31.10 -7.00 -8.89
CA VAL A 124 30.36 -7.90 -8.00
C VAL A 124 31.03 -9.26 -7.92
N ARG A 125 31.50 -9.80 -9.05
CA ARG A 125 32.08 -11.13 -9.05
C ARG A 125 33.38 -11.18 -8.24
N ARG A 126 34.10 -10.06 -8.15
CA ARG A 126 35.35 -10.04 -7.38
C ARG A 126 35.09 -10.15 -5.88
N LEU A 127 33.85 -9.96 -5.44
CA LEU A 127 33.53 -9.97 -4.03
C LEU A 127 33.58 -11.39 -3.48
N HIS A 128 33.92 -11.48 -2.20
CA HIS A 128 33.97 -12.76 -1.52
C HIS A 128 32.60 -13.19 -1.02
N ARG A 129 32.27 -14.46 -1.23
CA ARG A 129 31.01 -15.03 -0.76
C ARG A 129 31.26 -16.19 0.18
N THR A 130 30.68 -16.10 1.39
CA THR A 130 30.69 -17.18 2.36
C THR A 130 29.62 -18.22 2.00
N SER A 131 29.77 -19.41 2.59
CA SER A 131 28.79 -20.47 2.41
C SER A 131 28.91 -21.44 3.58
N LEU A 132 27.85 -21.57 4.35
CA LEU A 132 27.79 -22.44 5.53
C LEU A 132 26.98 -23.70 5.29
N PRO A 133 27.26 -24.77 6.05
CA PRO A 133 26.37 -25.95 6.03
C PRO A 133 24.94 -25.53 6.32
N ILE A 134 23.98 -26.17 5.64
CA ILE A 134 22.61 -25.67 5.59
C ILE A 134 21.69 -26.57 6.41
N PRO A 135 21.20 -26.11 7.57
CA PRO A 135 20.16 -26.84 8.29
C PRO A 135 18.83 -26.76 7.57
N HIS A 136 18.15 -27.91 7.49
CA HIS A 136 16.91 -28.05 6.75
C HIS A 136 16.14 -29.24 7.34
N ALA A 137 15.04 -29.62 6.70
CA ALA A 137 14.13 -30.59 7.30
C ALA A 137 14.79 -31.95 7.53
N GLY A 138 15.78 -32.29 6.71
CA GLY A 138 16.44 -33.58 6.82
C GLY A 138 17.72 -33.62 7.63
N GLY A 139 18.15 -32.51 8.16
CA GLY A 139 19.39 -32.40 8.88
C GLY A 139 20.19 -31.24 8.36
N THR A 140 21.50 -31.44 8.13
CA THR A 140 22.37 -30.37 7.65
C THR A 140 23.08 -30.82 6.40
N TYR A 141 22.89 -30.06 5.31
CA TYR A 141 23.67 -30.30 4.10
C TYR A 141 25.06 -29.71 4.27
N PRO A 142 26.08 -30.34 3.66
CA PRO A 142 27.36 -29.63 3.49
C PRO A 142 27.12 -28.27 2.87
N ALA A 143 28.03 -27.34 3.10
CA ALA A 143 27.90 -26.01 2.52
C ALA A 143 27.72 -26.11 1.02
N LYS A 144 26.81 -25.31 0.49
CA LYS A 144 26.58 -25.35 -0.94
C LYS A 144 27.74 -24.73 -1.69
N PRO A 145 28.27 -25.38 -2.71
CA PRO A 145 29.27 -24.74 -3.56
C PRO A 145 28.75 -23.45 -4.17
N LEU A 146 29.66 -22.48 -4.34
CA LEU A 146 29.23 -21.15 -4.77
C LEU A 146 28.62 -21.21 -6.16
N ILE A 147 27.48 -20.51 -6.32
CA ILE A 147 26.73 -20.40 -7.57
C ILE A 147 27.38 -19.36 -8.48
N PRO A 148 27.28 -19.51 -9.78
CA PRO A 148 27.72 -18.42 -10.67
C PRO A 148 26.80 -17.23 -10.49
N ILE A 149 27.35 -16.02 -10.63
CA ILE A 149 26.54 -14.82 -10.70
C ILE A 149 26.42 -14.45 -12.16
N LEU A 150 25.19 -14.35 -12.65
CA LEU A 150 24.96 -14.04 -14.05
C LEU A 150 25.20 -12.55 -14.27
N GLY A 151 25.76 -12.21 -15.43
CA GLY A 151 25.95 -10.81 -15.80
C GLY A 151 25.18 -10.47 -17.06
N GLY A 152 24.74 -9.22 -17.16
CA GLY A 152 24.01 -8.87 -18.37
C GLY A 152 23.88 -7.37 -18.60
N LEU A 153 23.28 -7.06 -19.75
CA LEU A 153 22.97 -5.68 -20.14
C LEU A 153 21.54 -5.63 -20.66
N LEU A 154 20.89 -4.50 -20.42
CA LEU A 154 19.51 -4.23 -20.84
C LEU A 154 19.48 -2.87 -21.52
N THR A 155 19.15 -2.84 -22.81
CA THR A 155 19.03 -1.57 -23.51
C THR A 155 17.76 -1.60 -24.38
N PHE A 156 17.42 -0.42 -24.90
CA PHE A 156 16.35 -0.32 -25.90
C PHE A 156 16.90 -0.43 -27.31
N GLU A 157 17.91 0.39 -27.63
CA GLU A 157 18.46 0.51 -28.96
C GLU A 157 19.94 0.09 -28.99
N SER A 158 20.49 0.13 -30.19
CA SER A 158 21.90 -0.14 -30.40
C SER A 158 22.45 0.93 -31.35
N GLU A 159 23.68 1.35 -31.10
CA GLU A 159 24.38 2.23 -32.04
C GLU A 159 24.70 1.51 -33.34
N TRP A 160 24.75 0.19 -33.33
CA TRP A 160 25.10 -0.62 -34.48
C TRP A 160 23.82 -1.08 -35.17
N SER A 161 23.85 -1.11 -36.50
CA SER A 161 22.70 -1.52 -37.30
C SER A 161 23.22 -2.51 -38.33
N PRO A 162 22.98 -3.83 -38.15
CA PRO A 162 22.12 -4.48 -37.16
C PRO A 162 22.73 -4.46 -35.77
N ALA A 163 21.82 -4.49 -34.81
CA ALA A 163 22.20 -4.25 -33.43
C ALA A 163 23.14 -5.32 -32.91
N LEU A 164 22.92 -6.57 -33.32
CA LEU A 164 23.61 -7.71 -32.71
C LEU A 164 24.58 -8.33 -33.71
N GLY A 165 25.44 -7.52 -34.32
CA GLY A 165 26.36 -8.00 -35.31
C GLY A 165 27.81 -7.99 -34.86
N PRO A 166 28.72 -7.87 -35.82
CA PRO A 166 30.15 -7.99 -35.51
C PRO A 166 30.65 -7.05 -34.42
N SER A 167 30.16 -5.82 -34.39
CA SER A 167 30.67 -4.88 -33.39
C SER A 167 30.21 -5.27 -32.00
N MET A 168 28.96 -5.70 -31.85
CA MET A 168 28.52 -6.22 -30.57
C MET A 168 29.32 -7.46 -30.18
N ASP A 169 29.55 -8.35 -31.13
CA ASP A 169 30.28 -9.58 -30.81
C ASP A 169 31.71 -9.26 -30.36
N LYS A 170 32.34 -8.28 -31.00
CA LYS A 170 33.68 -7.86 -30.60
C LYS A 170 33.67 -7.37 -29.16
N ALA A 171 32.72 -6.49 -28.83
CA ALA A 171 32.68 -5.90 -27.50
C ALA A 171 32.43 -6.97 -26.45
N LEU A 172 31.52 -7.90 -26.73
CA LEU A 172 31.21 -8.94 -25.77
C LEU A 172 32.38 -9.89 -25.57
N ASN A 173 33.07 -10.24 -26.66
CA ASN A 173 34.17 -11.19 -26.53
C ASN A 173 35.43 -10.59 -25.93
N ALA A 174 35.45 -9.29 -25.69
CA ALA A 174 36.58 -8.65 -25.03
C ALA A 174 36.66 -8.99 -23.55
N ASN A 175 35.60 -9.54 -22.95
CA ASN A 175 35.66 -9.96 -21.55
C ASN A 175 34.83 -11.23 -21.38
N LEU A 176 35.53 -12.37 -21.31
CA LEU A 176 34.89 -13.64 -21.06
C LEU A 176 35.22 -14.21 -19.67
N THR A 177 35.84 -13.43 -18.81
CA THR A 177 36.19 -13.92 -17.46
C THR A 177 35.40 -13.16 -16.42
N GLU A 178 36.02 -12.35 -15.56
CA GLU A 178 35.28 -11.79 -14.43
C GLU A 178 34.16 -10.84 -14.87
N GLY A 179 34.30 -10.23 -16.04
CA GLY A 179 33.28 -9.33 -16.56
C GLY A 179 32.33 -9.93 -17.57
N ARG A 180 32.30 -11.25 -17.74
CA ARG A 180 31.53 -11.85 -18.82
C ARG A 180 30.05 -11.57 -18.66
N LEU A 181 29.43 -11.08 -19.74
CA LEU A 181 27.98 -10.93 -19.79
C LEU A 181 27.38 -12.24 -20.34
N ASP A 182 26.49 -12.84 -19.56
CA ASP A 182 25.87 -14.10 -19.90
C ASP A 182 24.57 -13.96 -20.68
N ILE A 183 23.93 -12.80 -20.60
CA ILE A 183 22.61 -12.64 -21.17
C ILE A 183 22.34 -11.16 -21.32
N GLY A 184 21.58 -10.80 -22.33
CA GLY A 184 21.25 -9.41 -22.56
C GLY A 184 20.07 -9.25 -23.47
N CYS A 185 19.46 -8.06 -23.38
CA CYS A 185 18.32 -7.72 -24.21
C CYS A 185 18.53 -6.34 -24.81
N VAL A 186 18.35 -6.23 -26.12
CA VAL A 186 18.24 -4.95 -26.84
C VAL A 186 16.79 -4.92 -27.31
N ALA A 187 15.93 -4.23 -26.56
CA ALA A 187 14.49 -4.45 -26.68
C ALA A 187 13.96 -4.22 -28.09
N ALA A 188 14.52 -3.29 -28.83
CA ALA A 188 14.04 -3.02 -30.18
C ALA A 188 14.59 -3.98 -31.21
N HIS A 189 15.48 -4.91 -30.84
CA HIS A 189 16.14 -5.76 -31.81
C HIS A 189 16.30 -7.23 -31.52
N GLY A 190 16.59 -7.62 -30.28
CA GLY A 190 16.84 -9.03 -30.02
C GLY A 190 17.46 -9.26 -28.67
N HIS A 191 17.94 -10.48 -28.48
CA HIS A 191 18.60 -10.83 -27.23
C HIS A 191 19.79 -11.73 -27.54
N PHE A 192 20.67 -11.86 -26.55
CA PHE A 192 21.86 -12.68 -26.68
C PHE A 192 22.07 -13.46 -25.38
N PHE A 193 22.84 -14.54 -25.49
CA PHE A 193 23.25 -15.28 -24.32
C PHE A 193 24.58 -15.96 -24.64
N TYR A 194 25.38 -16.16 -23.60
CA TYR A 194 26.65 -16.86 -23.73
C TYR A 194 26.42 -18.35 -23.53
N ASP A 195 26.74 -19.13 -24.56
CA ASP A 195 26.58 -20.59 -24.52
C ASP A 195 27.89 -21.18 -24.00
N GLN A 196 27.86 -21.68 -22.76
CA GLN A 196 29.08 -22.21 -22.16
C GLN A 196 29.58 -23.45 -22.87
N ALA A 197 28.67 -24.28 -23.37
CA ALA A 197 29.10 -25.49 -24.07
C ALA A 197 29.97 -25.15 -25.27
N SER A 198 29.52 -24.22 -26.11
CA SER A 198 30.25 -23.88 -27.32
C SER A 198 31.28 -22.78 -27.10
N GLY A 199 31.23 -22.08 -25.98
CA GLY A 199 32.16 -21.00 -25.74
C GLY A 199 31.93 -19.78 -26.60
N ALA A 200 30.70 -19.56 -27.05
CA ALA A 200 30.41 -18.45 -27.94
C ALA A 200 29.02 -17.89 -27.62
N TYR A 201 28.79 -16.67 -28.11
CA TYR A 201 27.49 -16.04 -27.95
C TYR A 201 26.50 -16.55 -28.99
N SER A 202 25.25 -16.66 -28.55
CA SER A 202 24.10 -16.95 -29.40
C SER A 202 23.25 -15.69 -29.47
N TYR A 203 22.91 -15.28 -30.68
CA TYR A 203 22.15 -14.06 -30.93
C TYR A 203 20.83 -14.45 -31.59
N THR A 204 19.74 -13.84 -31.12
CA THR A 204 18.42 -14.05 -31.69
C THR A 204 17.83 -12.67 -31.96
N ASN A 205 17.55 -12.41 -33.23
CA ASN A 205 16.92 -11.15 -33.64
C ASN A 205 15.41 -11.31 -33.64
N GLU A 206 14.72 -10.23 -33.28
CA GLU A 206 13.24 -10.22 -33.19
C GLU A 206 12.81 -11.35 -32.26
N ASN A 207 11.76 -12.09 -32.59
CA ASN A 207 11.27 -13.18 -31.74
C ASN A 207 10.89 -12.69 -30.35
N LYS A 208 10.31 -11.48 -30.28
CA LYS A 208 9.77 -10.88 -29.07
C LYS A 208 10.87 -10.74 -28.02
N PRO A 209 11.84 -9.83 -28.26
CA PRO A 209 13.07 -9.82 -27.46
C PRO A 209 12.92 -9.79 -25.96
N ALA A 210 12.04 -8.97 -25.39
CA ALA A 210 11.98 -8.89 -23.94
C ALA A 210 11.44 -10.18 -23.34
N THR A 211 10.47 -10.81 -24.01
CA THR A 211 9.95 -12.09 -23.53
C THR A 211 10.99 -13.18 -23.70
N ALA A 212 11.68 -13.19 -24.84
CA ALA A 212 12.74 -14.16 -25.06
C ALA A 212 13.81 -14.04 -23.98
N PHE A 213 14.18 -12.80 -23.65
CA PHE A 213 15.15 -12.55 -22.59
C PHE A 213 14.65 -13.05 -21.24
N LEU A 214 13.40 -12.73 -20.92
CA LEU A 214 12.84 -13.13 -19.64
C LEU A 214 12.84 -14.63 -19.48
N PHE A 215 12.44 -15.36 -20.53
CA PHE A 215 12.38 -16.81 -20.43
C PHE A 215 13.77 -17.40 -20.32
N LYS A 216 14.74 -16.88 -21.09
CA LYS A 216 16.11 -17.39 -20.96
C LYS A 216 16.66 -17.10 -19.57
N LEU A 217 16.37 -15.92 -19.02
CA LEU A 217 16.87 -15.58 -17.70
C LEU A 217 16.30 -16.54 -16.65
N ILE A 218 15.00 -16.79 -16.70
CA ILE A 218 14.40 -17.71 -15.74
C ILE A 218 15.05 -19.08 -15.84
N ALA A 219 15.20 -19.59 -17.07
CA ALA A 219 15.80 -20.90 -17.27
C ALA A 219 17.24 -20.96 -16.78
N GLN A 220 18.04 -19.91 -17.05
CA GLN A 220 19.41 -19.90 -16.57
C GLN A 220 19.44 -19.84 -15.04
N LEU A 221 18.58 -19.00 -14.46
CA LEU A 221 18.56 -18.84 -13.01
C LEU A 221 18.20 -20.15 -12.30
N GLN A 222 17.32 -20.96 -12.90
CA GLN A 222 16.91 -22.20 -12.26
C GLN A 222 18.12 -23.06 -11.91
N PHE A 223 19.16 -23.02 -12.75
CA PHE A 223 20.31 -23.87 -12.46
C PHE A 223 21.06 -23.45 -11.20
N SER A 224 20.93 -22.19 -10.78
CA SER A 224 21.57 -21.70 -9.58
C SER A 224 20.88 -22.15 -8.30
N GLY A 225 19.64 -22.61 -8.38
CA GLY A 225 18.93 -22.92 -7.16
C GLY A 225 18.85 -21.71 -6.27
N THR A 226 18.93 -21.93 -4.97
CA THR A 226 18.94 -20.83 -4.01
C THR A 226 20.37 -20.46 -3.65
N VAL A 227 20.56 -19.20 -3.28
CA VAL A 227 21.87 -18.74 -2.83
C VAL A 227 22.42 -19.62 -1.72
N PRO A 228 23.74 -19.77 -1.60
CA PRO A 228 24.29 -20.47 -0.44
C PRO A 228 23.99 -19.71 0.85
N MET A 229 24.12 -20.41 1.96
CA MET A 229 23.76 -19.86 3.25
C MET A 229 24.86 -18.93 3.77
N ILE A 230 24.47 -17.66 3.98
CA ILE A 230 25.39 -16.61 4.39
C ILE A 230 25.91 -16.85 5.79
N ASP A 231 27.20 -16.54 5.99
CA ASP A 231 27.79 -16.48 7.33
C ASP A 231 27.73 -15.04 7.80
N VAL A 232 26.64 -14.69 8.51
CA VAL A 232 26.51 -13.31 8.94
C VAL A 232 27.56 -12.92 9.97
N GLU A 233 28.11 -13.89 10.70
CA GLU A 233 29.13 -13.57 11.71
C GLU A 233 30.44 -13.16 11.07
N ALA A 234 30.65 -13.50 9.80
CA ALA A 234 31.79 -12.95 9.05
C ALA A 234 31.64 -11.44 8.89
N TYR A 235 30.42 -10.96 8.60
CA TYR A 235 30.17 -9.52 8.60
C TYR A 235 30.29 -8.95 10.01
N GLY A 236 29.89 -9.72 11.02
CA GLY A 236 29.98 -9.31 12.41
C GLY A 236 31.39 -9.01 12.87
N GLN A 237 32.40 -9.47 12.13
CA GLN A 237 33.78 -9.11 12.46
C GLN A 237 34.00 -7.61 12.34
N TRP A 238 33.15 -6.90 11.60
CA TRP A 238 33.29 -5.46 11.43
C TRP A 238 32.57 -4.64 12.50
N LEU A 239 32.02 -5.32 13.53
CA LEU A 239 31.36 -4.62 14.62
C LEU A 239 32.34 -4.04 15.65
N THR A 240 33.59 -4.48 15.64
CA THR A 240 34.55 -3.97 16.61
C THR A 240 34.91 -2.52 16.27
N LYS A 241 35.36 -1.80 17.29
CA LYS A 241 35.73 -0.39 17.13
C LYS A 241 37.01 -0.24 16.30
N SER B 2 -14.28 -13.58 28.20
CA SER B 2 -12.95 -13.00 28.21
C SER B 2 -11.86 -14.03 28.48
N GLN B 3 -12.26 -15.28 28.66
CA GLN B 3 -11.29 -16.36 28.66
C GLN B 3 -11.02 -16.73 27.21
N TRP B 4 -9.78 -17.05 26.91
CA TRP B 4 -9.44 -17.51 25.57
C TRP B 4 -10.01 -18.91 25.34
N SER B 5 -10.48 -19.17 24.12
CA SER B 5 -11.06 -20.46 23.74
C SER B 5 -10.68 -20.77 22.30
N LEU B 6 -9.98 -21.88 22.09
CA LEU B 6 -9.65 -22.26 20.72
C LEU B 6 -10.92 -22.50 19.89
N SER B 7 -11.90 -23.17 20.49
N SER B 7 -11.90 -23.17 20.49
N SER B 7 -11.91 -23.15 20.49
CA SER B 7 -13.17 -23.38 19.80
CA SER B 7 -13.17 -23.38 19.80
CA SER B 7 -13.16 -23.37 19.77
C SER B 7 -13.76 -22.06 19.34
C SER B 7 -13.76 -22.06 19.34
C SER B 7 -13.78 -22.06 19.35
N GLN B 8 -13.71 -21.04 20.21
CA GLN B 8 -14.25 -19.74 19.82
C GLN B 8 -13.49 -19.12 18.65
N LEU B 9 -12.15 -19.23 18.63
CA LEU B 9 -11.40 -18.73 17.49
C LEU B 9 -11.92 -19.35 16.20
N LEU B 10 -12.07 -20.67 16.20
CA LEU B 10 -12.48 -21.35 14.97
C LEU B 10 -13.92 -21.02 14.61
N SER B 11 -14.77 -20.87 15.62
N SER B 11 -14.78 -20.88 15.62
CA SER B 11 -16.16 -20.49 15.35
CA SER B 11 -16.17 -20.48 15.36
C SER B 11 -16.23 -19.08 14.77
C SER B 11 -16.21 -19.09 14.75
N SER B 12 -15.46 -18.15 15.32
CA SER B 12 -15.49 -16.76 14.83
C SER B 12 -14.96 -16.66 13.39
N LEU B 13 -13.91 -17.40 13.07
CA LEU B 13 -13.44 -17.43 11.67
C LEU B 13 -14.60 -17.79 10.74
N HIS B 14 -15.30 -18.87 11.07
CA HIS B 14 -16.41 -19.30 10.22
C HIS B 14 -17.55 -18.25 10.22
N GLU B 15 -17.95 -17.79 11.40
CA GLU B 15 -19.08 -16.87 11.49
C GLU B 15 -18.85 -15.61 10.68
N ASP B 16 -17.62 -15.11 10.69
CA ASP B 16 -17.26 -13.95 9.87
C ASP B 16 -17.51 -14.22 8.39
N ILE B 17 -17.09 -15.39 7.90
CA ILE B 17 -17.31 -15.71 6.48
C ILE B 17 -18.81 -15.83 6.19
N GLN B 18 -19.53 -16.61 6.99
CA GLN B 18 -20.96 -16.77 6.75
C GLN B 18 -21.68 -15.43 6.77
N GLN B 19 -21.33 -14.59 7.74
CA GLN B 19 -21.98 -13.29 7.87
C GLN B 19 -21.69 -12.40 6.67
N ARG B 20 -20.44 -12.36 6.22
CA ARG B 20 -20.12 -11.50 5.07
C ARG B 20 -20.85 -11.98 3.82
N LEU B 21 -20.88 -13.29 3.59
CA LEU B 21 -21.61 -13.79 2.44
C LEU B 21 -23.10 -13.48 2.56
N SER B 22 -23.65 -13.58 3.78
N SER B 22 -23.65 -13.57 3.77
CA SER B 22 -25.06 -13.27 3.96
CA SER B 22 -25.06 -13.28 3.94
C SER B 22 -25.35 -11.81 3.67
C SER B 22 -25.37 -11.80 3.68
N VAL B 23 -24.48 -10.90 4.12
CA VAL B 23 -24.69 -9.48 3.86
C VAL B 23 -24.65 -9.22 2.36
N VAL B 24 -23.68 -9.82 1.67
CA VAL B 24 -23.55 -9.66 0.23
C VAL B 24 -24.83 -10.12 -0.47
N ARG B 25 -25.36 -11.28 -0.08
CA ARG B 25 -26.55 -11.83 -0.71
C ARG B 25 -27.77 -10.94 -0.55
N LYS B 26 -27.98 -10.38 0.64
CA LYS B 26 -29.19 -9.62 0.84
C LYS B 26 -29.09 -8.16 0.46
N THR B 27 -27.86 -7.65 0.26
CA THR B 27 -27.69 -6.20 0.09
C THR B 27 -27.39 -5.76 -1.34
N PHE B 28 -26.70 -6.55 -2.13
CA PHE B 28 -26.35 -6.15 -3.48
C PHE B 28 -27.40 -6.70 -4.45
N GLY B 29 -28.19 -5.81 -5.02
CA GLY B 29 -29.29 -6.19 -5.91
C GLY B 29 -28.86 -6.62 -7.29
N HIS B 30 -27.74 -6.19 -7.73
CA HIS B 30 -27.24 -6.46 -9.05
C HIS B 30 -26.46 -7.78 -9.03
N PRO B 31 -26.76 -8.73 -9.93
CA PRO B 31 -26.12 -10.04 -9.80
C PRO B 31 -24.63 -10.02 -9.98
N GLY B 32 -24.12 -9.24 -10.92
CA GLY B 32 -22.68 -9.18 -11.12
C GLY B 32 -21.96 -8.64 -9.90
N THR B 33 -22.54 -7.59 -9.30
CA THR B 33 -21.95 -7.02 -8.08
C THR B 33 -21.95 -8.03 -6.95
N LYS B 34 -23.08 -8.72 -6.76
CA LYS B 34 -23.17 -9.73 -5.70
C LYS B 34 -22.16 -10.83 -5.92
N GLY B 35 -22.02 -11.31 -7.17
CA GLY B 35 -21.03 -12.35 -7.44
C GLY B 35 -19.60 -11.89 -7.18
N ASP B 36 -19.28 -10.67 -7.60
CA ASP B 36 -17.93 -10.16 -7.40
C ASP B 36 -17.62 -10.02 -5.91
N ALA B 37 -18.58 -9.48 -5.13
CA ALA B 37 -18.37 -9.36 -3.70
C ALA B 37 -18.27 -10.73 -3.02
N SER B 38 -19.06 -11.71 -3.47
CA SER B 38 -18.99 -13.06 -2.89
C SER B 38 -17.63 -13.67 -3.17
N GLU B 39 -17.14 -13.55 -4.41
CA GLU B 39 -15.81 -14.09 -4.71
C GLU B 39 -14.74 -13.39 -3.89
N ASN B 40 -14.90 -12.08 -3.65
CA ASN B 40 -13.95 -11.34 -2.84
C ASN B 40 -13.83 -11.91 -1.44
N VAL B 41 -14.95 -12.36 -0.86
CA VAL B 41 -14.90 -12.94 0.48
C VAL B 41 -14.07 -14.22 0.48
N TRP B 42 -14.36 -15.13 -0.45
CA TRP B 42 -13.61 -16.40 -0.49
C TRP B 42 -12.14 -16.15 -0.76
N ILE B 43 -11.80 -15.24 -1.68
CA ILE B 43 -10.39 -14.99 -1.95
C ILE B 43 -9.72 -14.37 -0.74
N ASP B 44 -10.40 -13.41 -0.07
CA ASP B 44 -9.82 -12.81 1.13
C ASP B 44 -9.57 -13.86 2.20
N MET B 45 -10.50 -14.81 2.38
CA MET B 45 -10.29 -15.87 3.36
C MET B 45 -9.01 -16.63 3.05
N LEU B 46 -8.85 -17.08 1.80
CA LEU B 46 -7.70 -17.89 1.45
C LEU B 46 -6.42 -17.06 1.52
N ASP B 47 -6.46 -15.83 1.01
CA ASP B 47 -5.28 -14.99 1.09
C ASP B 47 -4.88 -14.71 2.53
N THR B 48 -5.85 -14.61 3.43
CA THR B 48 -5.55 -14.28 4.80
C THR B 48 -4.96 -15.48 5.52
N TYR B 49 -5.54 -16.67 5.32
CA TYR B 49 -5.23 -17.82 6.16
C TYR B 49 -4.30 -18.83 5.53
N LEU B 50 -4.31 -19.01 4.20
CA LEU B 50 -3.44 -20.02 3.63
C LEU B 50 -1.97 -19.66 3.89
N PRO B 51 -1.12 -20.67 4.07
CA PRO B 51 0.33 -20.42 4.04
C PRO B 51 0.73 -19.59 2.82
N LYS B 52 1.74 -18.75 3.01
CA LYS B 52 2.17 -17.78 2.00
C LYS B 52 2.79 -18.43 0.78
N ARG B 53 3.15 -19.71 0.83
CA ARG B 53 3.53 -20.43 -0.38
C ARG B 53 2.39 -20.53 -1.39
N TYR B 54 1.15 -20.21 -1.00
CA TYR B 54 0.02 -20.26 -1.90
C TYR B 54 -0.46 -18.86 -2.24
N GLN B 55 -0.74 -18.62 -3.52
CA GLN B 55 -1.47 -17.45 -3.97
C GLN B 55 -2.91 -17.87 -4.27
N ALA B 56 -3.85 -16.94 -4.09
CA ALA B 56 -5.25 -17.17 -4.43
C ALA B 56 -5.76 -15.98 -5.22
N ALA B 57 -6.34 -16.23 -6.39
CA ALA B 57 -6.81 -15.17 -7.28
C ALA B 57 -7.72 -15.75 -8.37
N LYS B 58 -8.35 -14.85 -9.11
CA LYS B 58 -9.02 -15.19 -10.35
C LYS B 58 -7.99 -15.20 -11.48
N ALA B 59 -8.08 -16.18 -12.36
CA ALA B 59 -7.14 -16.24 -13.48
C ALA B 59 -7.64 -17.21 -14.51
N HIS B 60 -7.07 -17.12 -15.71
CA HIS B 60 -7.08 -18.21 -16.66
C HIS B 60 -5.75 -18.94 -16.56
N VAL B 61 -5.77 -20.20 -16.97
CA VAL B 61 -4.58 -21.06 -16.99
C VAL B 61 -4.26 -21.39 -18.45
N VAL B 62 -2.97 -21.39 -18.78
CA VAL B 62 -2.50 -21.75 -20.13
C VAL B 62 -1.41 -22.80 -19.99
N ASP B 63 -1.22 -23.60 -21.03
CA ASP B 63 -0.11 -24.55 -21.05
C ASP B 63 0.81 -24.32 -22.24
N SER B 64 1.92 -25.06 -22.26
CA SER B 64 2.93 -24.89 -23.30
C SER B 64 2.53 -25.49 -24.62
N LEU B 65 1.38 -26.14 -24.69
CA LEU B 65 0.78 -26.54 -25.95
C LEU B 65 -0.13 -25.46 -26.52
N GLY B 66 -0.26 -24.34 -25.84
CA GLY B 66 -1.12 -23.27 -26.31
C GLY B 66 -2.58 -23.41 -25.94
N ASN B 67 -2.92 -24.36 -25.08
CA ASN B 67 -4.31 -24.53 -24.66
C ASN B 67 -4.61 -23.79 -23.37
N PHE B 68 -5.87 -23.35 -23.27
CA PHE B 68 -6.33 -22.54 -22.15
C PHE B 68 -7.46 -23.22 -21.39
N SER B 69 -7.47 -22.99 -20.09
CA SER B 69 -8.60 -23.39 -19.27
C SER B 69 -9.77 -22.41 -19.46
N GLN B 70 -10.88 -22.73 -18.82
CA GLN B 70 -11.94 -21.75 -18.62
C GLN B 70 -11.46 -20.72 -17.59
N GLN B 71 -12.24 -19.64 -17.44
CA GLN B 71 -11.96 -18.67 -16.41
C GLN B 71 -12.17 -19.34 -15.07
N ILE B 72 -11.19 -19.24 -14.18
CA ILE B 72 -11.28 -19.84 -12.84
C ILE B 72 -11.45 -18.71 -11.82
N ASN B 73 -12.59 -18.69 -11.13
CA ASN B 73 -12.82 -17.54 -10.26
C ASN B 73 -12.02 -17.59 -8.95
N VAL B 74 -11.63 -18.79 -8.50
CA VAL B 74 -10.72 -18.92 -7.36
C VAL B 74 -9.71 -20.03 -7.68
N VAL B 75 -8.49 -19.65 -8.01
CA VAL B 75 -7.42 -20.60 -8.30
C VAL B 75 -6.35 -20.40 -7.23
N VAL B 76 -5.78 -21.50 -6.75
CA VAL B 76 -4.70 -21.48 -5.76
C VAL B 76 -3.46 -21.97 -6.50
N PHE B 77 -2.39 -21.16 -6.45
CA PHE B 77 -1.26 -21.40 -7.34
C PHE B 77 0.04 -20.93 -6.71
N ASP B 78 1.15 -21.37 -7.30
CA ASP B 78 2.48 -20.94 -6.86
C ASP B 78 2.96 -19.72 -7.61
N ARG B 79 3.62 -18.81 -6.88
CA ARG B 79 4.43 -17.75 -7.48
C ARG B 79 5.86 -17.72 -6.99
N GLN B 80 6.22 -18.54 -5.99
CA GLN B 80 7.60 -18.52 -5.50
C GLN B 80 8.56 -19.05 -6.54
N TYR B 81 8.13 -20.01 -7.35
CA TYR B 81 8.95 -20.70 -8.34
C TYR B 81 8.40 -20.59 -9.75
N SER B 82 7.32 -19.82 -9.94
CA SER B 82 6.62 -19.82 -11.21
C SER B 82 6.40 -18.38 -11.66
N PRO B 83 6.62 -18.08 -12.93
CA PRO B 83 6.24 -16.78 -13.47
C PRO B 83 4.74 -16.76 -13.77
N PHE B 84 4.20 -15.54 -13.89
CA PHE B 84 2.99 -15.39 -14.69
C PHE B 84 3.36 -15.57 -16.16
N ILE B 85 2.40 -16.00 -16.97
CA ILE B 85 2.58 -15.96 -18.42
C ILE B 85 2.20 -14.57 -18.96
N PHE B 86 1.13 -13.97 -18.44
CA PHE B 86 0.78 -12.61 -18.84
C PHE B 86 -0.10 -12.01 -17.76
N THR B 87 0.22 -10.79 -17.33
CA THR B 87 -0.66 -10.06 -16.43
C THR B 87 -0.67 -8.61 -16.91
N TYR B 88 -1.87 -8.03 -16.99
CA TYR B 88 -2.01 -6.74 -17.65
C TYR B 88 -3.33 -6.14 -17.18
N GLU B 89 -3.27 -4.89 -16.71
CA GLU B 89 -4.45 -4.19 -16.22
C GLU B 89 -5.20 -5.01 -15.17
N ASN B 90 -4.43 -5.73 -14.35
CA ASN B 90 -4.91 -6.50 -13.21
C ASN B 90 -5.69 -7.74 -13.60
N GLU B 91 -5.56 -8.20 -14.84
CA GLU B 91 -6.08 -9.49 -15.29
C GLU B 91 -4.92 -10.42 -15.64
N THR B 92 -5.09 -11.72 -15.39
CA THR B 92 -3.93 -12.59 -15.27
C THR B 92 -4.12 -13.96 -15.89
N ILE B 93 -3.03 -14.45 -16.49
CA ILE B 93 -2.95 -15.80 -17.04
C ILE B 93 -1.72 -16.47 -16.43
N ILE B 94 -1.91 -17.63 -15.80
CA ILE B 94 -0.87 -18.37 -15.09
C ILE B 94 -0.56 -19.64 -15.86
N PRO B 95 0.64 -20.18 -15.72
CA PRO B 95 0.99 -21.45 -16.37
C PRO B 95 0.40 -22.62 -15.61
N ALA B 96 0.10 -23.69 -16.35
CA ALA B 96 -0.54 -24.85 -15.75
C ALA B 96 0.31 -25.41 -14.63
N GLU B 97 1.63 -25.34 -14.79
CA GLU B 97 2.53 -25.90 -13.79
C GLU B 97 2.44 -25.24 -12.43
N SER B 98 1.90 -24.01 -12.36
CA SER B 98 1.79 -23.30 -11.09
C SER B 98 0.57 -23.71 -10.27
N VAL B 99 -0.36 -24.51 -10.82
CA VAL B 99 -1.67 -24.69 -10.18
C VAL B 99 -1.63 -25.76 -9.09
N TYR B 100 -2.19 -25.41 -7.91
CA TYR B 100 -2.45 -26.35 -6.83
C TYR B 100 -3.91 -26.78 -6.72
N ALA B 101 -4.85 -25.84 -6.91
CA ALA B 101 -6.26 -26.12 -6.71
C ALA B 101 -7.12 -25.16 -7.52
N VAL B 102 -8.30 -25.64 -7.91
CA VAL B 102 -9.23 -24.95 -8.81
C VAL B 102 -10.62 -25.01 -8.16
N PHE B 103 -11.21 -23.83 -7.88
CA PHE B 103 -12.53 -23.75 -7.27
C PHE B 103 -13.47 -22.93 -8.14
N GLU B 104 -14.73 -23.31 -8.11
CA GLU B 104 -15.83 -22.50 -8.63
C GLU B 104 -16.64 -22.00 -7.44
N ALA B 105 -16.84 -20.68 -7.38
CA ALA B 105 -17.57 -20.03 -6.28
C ALA B 105 -18.84 -19.43 -6.83
N LYS B 106 -19.98 -19.83 -6.26
CA LYS B 106 -21.29 -19.33 -6.65
C LYS B 106 -22.20 -19.34 -5.42
N GLN B 107 -23.48 -19.00 -5.62
CA GLN B 107 -24.37 -18.80 -4.50
C GLN B 107 -24.88 -20.11 -3.90
N THR B 108 -25.43 -21.00 -4.72
CA THR B 108 -26.06 -22.21 -4.21
C THR B 108 -25.63 -23.45 -4.97
N ALA B 109 -25.49 -24.54 -4.23
CA ALA B 109 -25.11 -25.82 -4.79
C ALA B 109 -26.36 -26.49 -5.36
N ASP B 110 -26.28 -26.91 -6.63
CA ASP B 110 -27.34 -27.69 -7.26
C ASP B 110 -26.67 -28.54 -8.34
N ALA B 111 -27.47 -29.34 -9.04
CA ALA B 111 -26.90 -30.28 -10.01
C ALA B 111 -26.14 -29.55 -11.11
N GLY B 112 -26.69 -28.44 -11.60
CA GLY B 112 -26.04 -27.73 -12.68
C GLY B 112 -24.73 -27.09 -12.24
N LEU B 113 -24.70 -26.54 -11.03
CA LEU B 113 -23.47 -25.94 -10.54
C LEU B 113 -22.40 -27.00 -10.29
N VAL B 114 -22.78 -28.16 -9.75
CA VAL B 114 -21.82 -29.22 -9.55
C VAL B 114 -21.20 -29.63 -10.88
N ALA B 115 -22.02 -29.80 -11.92
CA ALA B 115 -21.50 -30.19 -13.23
C ALA B 115 -20.62 -29.10 -13.82
N TYR B 116 -21.02 -27.84 -13.64
CA TYR B 116 -20.24 -26.73 -14.16
C TYR B 116 -18.88 -26.65 -13.48
N ALA B 117 -18.84 -26.83 -12.15
CA ALA B 117 -17.57 -26.83 -11.43
C ALA B 117 -16.70 -28.01 -11.85
N GLN B 118 -17.30 -29.20 -12.01
CA GLN B 118 -16.53 -30.35 -12.48
C GLN B 118 -15.88 -30.08 -13.83
N GLU B 119 -16.58 -29.38 -14.72
CA GLU B 119 -16.00 -29.06 -16.03
C GLU B 119 -14.93 -27.99 -15.93
N LYS B 120 -15.09 -27.00 -15.04
CA LYS B 120 -14.04 -26.01 -14.83
C LYS B 120 -12.74 -26.71 -14.44
N VAL B 121 -12.84 -27.62 -13.45
CA VAL B 121 -11.67 -28.34 -12.96
C VAL B 121 -11.06 -29.18 -14.07
N ALA B 122 -11.90 -29.88 -14.84
CA ALA B 122 -11.40 -30.68 -15.95
C ALA B 122 -10.67 -29.81 -16.97
N SER B 123 -11.14 -28.56 -17.18
CA SER B 123 -10.50 -27.69 -18.18
C SER B 123 -9.08 -27.34 -17.78
N VAL B 124 -8.75 -27.45 -16.50
CA VAL B 124 -7.39 -27.24 -16.01
C VAL B 124 -6.60 -28.54 -16.01
N ARG B 125 -7.20 -29.63 -15.51
CA ARG B 125 -6.47 -30.90 -15.43
C ARG B 125 -6.10 -31.45 -16.80
N ARG B 126 -6.86 -31.10 -17.84
CA ARG B 126 -6.54 -31.55 -19.18
C ARG B 126 -5.26 -30.92 -19.72
N LEU B 127 -4.84 -29.80 -19.16
CA LEU B 127 -3.67 -29.10 -19.66
C LEU B 127 -2.40 -29.88 -19.38
N HIS B 128 -1.40 -29.64 -20.23
CA HIS B 128 -0.11 -30.30 -20.12
C HIS B 128 0.79 -29.54 -19.16
N ARG B 129 1.45 -30.27 -18.26
CA ARG B 129 2.41 -29.70 -17.33
C ARG B 129 3.78 -30.31 -17.54
N THR B 130 4.77 -29.41 -17.71
CA THR B 130 6.17 -29.81 -17.77
C THR B 130 6.75 -29.99 -16.36
N SER B 131 7.92 -30.65 -16.32
CA SER B 131 8.61 -30.87 -15.04
C SER B 131 10.07 -31.17 -15.32
N LEU B 132 10.95 -30.35 -14.78
CA LEU B 132 12.40 -30.48 -14.98
C LEU B 132 13.10 -30.94 -13.71
N PRO B 133 14.28 -31.54 -13.84
CA PRO B 133 15.08 -31.85 -12.64
C PRO B 133 15.34 -30.58 -11.86
N ILE B 134 15.38 -30.71 -10.54
CA ILE B 134 15.30 -29.56 -9.65
C ILE B 134 16.65 -29.36 -8.95
N PRO B 135 17.41 -28.32 -9.30
CA PRO B 135 18.62 -28.00 -8.52
C PRO B 135 18.26 -27.46 -7.14
N HIS B 136 19.00 -27.93 -6.13
CA HIS B 136 18.74 -27.53 -4.74
C HIS B 136 20.04 -27.63 -3.96
N ALA B 137 19.96 -27.32 -2.67
CA ALA B 137 21.18 -27.23 -1.87
C ALA B 137 21.94 -28.54 -1.78
N GLY B 138 21.23 -29.66 -1.88
CA GLY B 138 21.84 -30.97 -1.82
C GLY B 138 22.24 -31.58 -3.16
N GLY B 139 22.10 -30.86 -4.26
CA GLY B 139 22.43 -31.39 -5.57
C GLY B 139 21.32 -31.16 -6.57
N THR B 140 20.82 -32.22 -7.21
CA THR B 140 19.72 -32.11 -8.16
C THR B 140 18.75 -33.27 -7.95
N TYR B 141 17.47 -32.95 -7.76
CA TYR B 141 16.45 -33.99 -7.73
C TYR B 141 16.02 -34.34 -9.16
N PRO B 142 15.63 -35.58 -9.42
CA PRO B 142 14.92 -35.86 -10.67
C PRO B 142 13.67 -34.99 -10.74
N ALA B 143 13.20 -34.80 -11.96
CA ALA B 143 11.95 -34.07 -12.13
C ALA B 143 10.86 -34.63 -11.22
N LYS B 144 10.13 -33.71 -10.59
CA LYS B 144 9.09 -34.17 -9.67
C LYS B 144 7.91 -34.76 -10.45
N PRO B 145 7.39 -35.92 -10.04
CA PRO B 145 6.15 -36.39 -10.66
C PRO B 145 5.07 -35.34 -10.52
N LEU B 146 4.19 -35.27 -11.52
CA LEU B 146 3.18 -34.23 -11.52
C LEU B 146 2.28 -34.37 -10.30
N ILE B 147 2.02 -33.23 -9.64
CA ILE B 147 1.18 -33.20 -8.45
C ILE B 147 -0.30 -33.27 -8.82
N PRO B 148 -1.17 -33.75 -7.96
CA PRO B 148 -2.60 -33.64 -8.27
C PRO B 148 -2.99 -32.19 -8.19
N ILE B 149 -3.98 -31.81 -9.01
CA ILE B 149 -4.62 -30.51 -8.88
C ILE B 149 -5.94 -30.77 -8.19
N LEU B 150 -6.15 -30.13 -7.04
CA LEU B 150 -7.39 -30.30 -6.30
C LEU B 150 -8.50 -29.52 -6.97
N GLY B 151 -9.72 -30.08 -6.95
CA GLY B 151 -10.87 -29.41 -7.49
C GLY B 151 -11.88 -29.19 -6.39
N GLY B 152 -12.63 -28.10 -6.49
CA GLY B 152 -13.59 -27.79 -5.44
C GLY B 152 -14.69 -26.84 -5.85
N LEU B 153 -15.66 -26.72 -4.94
CA LEU B 153 -16.81 -25.86 -5.09
C LEU B 153 -16.98 -25.08 -3.80
N LEU B 154 -17.35 -23.81 -3.93
CA LEU B 154 -17.58 -22.94 -2.79
C LEU B 154 -18.94 -22.27 -2.98
N THR B 155 -19.87 -22.51 -2.05
CA THR B 155 -21.18 -21.88 -2.14
C THR B 155 -21.60 -21.41 -0.74
N PHE B 156 -22.68 -20.62 -0.71
CA PHE B 156 -23.34 -20.25 0.53
C PHE B 156 -24.42 -21.26 0.90
N GLU B 157 -25.34 -21.54 -0.03
CA GLU B 157 -26.50 -22.37 0.22
C GLU B 157 -26.47 -23.63 -0.64
N SER B 158 -27.48 -24.48 -0.44
CA SER B 158 -27.68 -25.68 -1.24
C SER B 158 -29.15 -25.80 -1.55
N GLU B 159 -29.45 -26.27 -2.77
CA GLU B 159 -30.84 -26.49 -3.15
C GLU B 159 -31.37 -27.82 -2.68
N TRP B 160 -30.49 -28.74 -2.33
CA TRP B 160 -30.91 -30.08 -1.94
C TRP B 160 -31.32 -30.13 -0.47
N SER B 161 -32.14 -31.13 -0.16
CA SER B 161 -32.60 -31.40 1.20
C SER B 161 -32.50 -32.91 1.44
N PRO B 162 -31.57 -33.37 2.29
CA PRO B 162 -30.60 -32.61 3.09
C PRO B 162 -29.58 -31.88 2.20
N ALA B 163 -29.00 -30.80 2.72
CA ALA B 163 -28.09 -29.96 1.93
C ALA B 163 -26.88 -30.76 1.44
N LEU B 164 -26.35 -31.64 2.26
CA LEU B 164 -25.23 -32.50 1.89
C LEU B 164 -25.67 -33.97 1.82
N GLY B 165 -26.87 -34.23 1.33
CA GLY B 165 -27.44 -35.56 1.38
C GLY B 165 -27.25 -36.35 0.11
N PRO B 166 -28.00 -37.45 -0.04
CA PRO B 166 -27.82 -38.31 -1.22
C PRO B 166 -27.88 -37.60 -2.57
N SER B 167 -28.66 -36.53 -2.71
CA SER B 167 -28.74 -35.87 -4.02
C SER B 167 -27.43 -35.19 -4.37
N MET B 168 -26.83 -34.51 -3.40
CA MET B 168 -25.49 -33.97 -3.62
C MET B 168 -24.50 -35.08 -3.91
N ASP B 169 -24.56 -36.18 -3.15
CA ASP B 169 -23.61 -37.28 -3.30
C ASP B 169 -23.71 -37.87 -4.70
N LYS B 170 -24.93 -37.93 -5.25
CA LYS B 170 -25.14 -38.39 -6.61
C LYS B 170 -24.42 -37.51 -7.62
N ALA B 171 -24.61 -36.20 -7.50
CA ALA B 171 -24.00 -35.26 -8.45
C ALA B 171 -22.47 -35.32 -8.37
N LEU B 172 -21.94 -35.47 -7.15
CA LEU B 172 -20.48 -35.53 -6.98
C LEU B 172 -19.93 -36.82 -7.56
N ASN B 173 -20.61 -37.95 -7.32
CA ASN B 173 -20.13 -39.23 -7.83
C ASN B 173 -20.30 -39.38 -9.33
N ALA B 174 -21.00 -38.46 -9.99
CA ALA B 174 -21.11 -38.51 -11.44
C ALA B 174 -19.78 -38.21 -12.15
N ASN B 175 -18.82 -37.57 -11.48
CA ASN B 175 -17.50 -37.34 -12.10
C ASN B 175 -16.44 -37.61 -11.05
N LEU B 176 -15.80 -38.77 -11.13
CA LEU B 176 -14.71 -39.15 -10.25
C LEU B 176 -13.37 -39.20 -10.99
N THR B 177 -13.32 -38.70 -12.23
CA THR B 177 -12.08 -38.68 -13.01
C THR B 177 -11.62 -37.24 -13.24
N GLU B 178 -11.60 -36.77 -14.50
CA GLU B 178 -10.94 -35.49 -14.78
C GLU B 178 -11.64 -34.32 -14.08
N GLY B 179 -12.94 -34.44 -13.83
CA GLY B 179 -13.69 -33.40 -13.17
C GLY B 179 -13.95 -33.62 -11.70
N ARG B 180 -13.27 -34.58 -11.07
CA ARG B 180 -13.54 -34.89 -9.67
C ARG B 180 -13.32 -33.67 -8.77
N LEU B 181 -14.30 -33.39 -7.93
CA LEU B 181 -14.15 -32.41 -6.88
C LEU B 181 -13.67 -33.10 -5.62
N ASP B 182 -12.58 -32.57 -5.06
CA ASP B 182 -11.95 -33.16 -3.89
C ASP B 182 -12.39 -32.53 -2.60
N ILE B 183 -12.98 -31.34 -2.65
CA ILE B 183 -13.28 -30.61 -1.43
C ILE B 183 -14.28 -29.52 -1.77
N GLY B 184 -15.10 -29.16 -0.81
CA GLY B 184 -16.06 -28.09 -1.03
C GLY B 184 -16.65 -27.59 0.26
N CYS B 185 -17.17 -26.38 0.19
CA CYS B 185 -17.79 -25.72 1.34
C CYS B 185 -19.14 -25.19 0.90
N VAL B 186 -20.16 -25.50 1.68
CA VAL B 186 -21.48 -24.85 1.62
C VAL B 186 -21.59 -24.08 2.92
N ALA B 187 -21.32 -22.77 2.88
CA ALA B 187 -21.05 -22.02 4.11
C ALA B 187 -22.19 -22.09 5.12
N ALA B 188 -23.44 -22.13 4.68
CA ALA B 188 -24.56 -22.21 5.62
C ALA B 188 -24.83 -23.62 6.14
N HIS B 189 -24.10 -24.64 5.68
CA HIS B 189 -24.46 -26.01 6.00
C HIS B 189 -23.34 -26.95 6.41
N GLY B 190 -22.18 -26.88 5.76
CA GLY B 190 -21.10 -27.81 6.08
C GLY B 190 -20.07 -27.89 4.96
N HIS B 191 -19.32 -28.99 4.95
CA HIS B 191 -18.27 -29.18 3.96
C HIS B 191 -18.19 -30.63 3.54
N PHE B 192 -17.54 -30.88 2.41
CA PHE B 192 -17.34 -32.25 1.97
C PHE B 192 -15.92 -32.42 1.47
N PHE B 193 -15.48 -33.67 1.41
CA PHE B 193 -14.22 -33.98 0.75
C PHE B 193 -14.23 -35.40 0.23
N TYR B 194 -13.44 -35.63 -0.79
CA TYR B 194 -13.27 -36.96 -1.34
C TYR B 194 -12.16 -37.69 -0.61
N ASP B 195 -12.48 -38.89 -0.10
CA ASP B 195 -11.54 -39.72 0.63
C ASP B 195 -11.00 -40.77 -0.34
N GLN B 196 -9.74 -40.63 -0.72
CA GLN B 196 -9.16 -41.52 -1.71
C GLN B 196 -9.04 -42.95 -1.18
N ALA B 197 -8.72 -43.10 0.10
CA ALA B 197 -8.57 -44.43 0.67
C ALA B 197 -9.86 -45.23 0.57
N SER B 198 -10.98 -44.61 0.87
CA SER B 198 -12.27 -45.30 0.82
C SER B 198 -12.99 -45.14 -0.51
N GLY B 199 -12.50 -44.27 -1.39
CA GLY B 199 -13.15 -44.10 -2.66
C GLY B 199 -14.52 -43.48 -2.58
N ALA B 200 -14.79 -42.71 -1.53
CA ALA B 200 -16.10 -42.13 -1.33
C ALA B 200 -15.98 -40.74 -0.74
N TYR B 201 -17.08 -40.00 -0.81
CA TYR B 201 -17.14 -38.69 -0.20
C TYR B 201 -17.47 -38.78 1.28
N SER B 202 -16.93 -37.82 2.02
CA SER B 202 -17.20 -37.61 3.44
C SER B 202 -17.87 -36.26 3.60
N TYR B 203 -18.94 -36.20 4.38
CA TYR B 203 -19.71 -35.00 4.59
C TYR B 203 -19.73 -34.67 6.07
N THR B 204 -19.61 -33.39 6.39
CA THR B 204 -19.76 -32.93 7.78
C THR B 204 -20.70 -31.75 7.79
N ASN B 205 -21.79 -31.87 8.54
CA ASN B 205 -22.73 -30.78 8.74
C ASN B 205 -22.28 -29.92 9.92
N GLU B 206 -22.56 -28.62 9.84
CA GLU B 206 -22.16 -27.68 10.89
C GLU B 206 -20.66 -27.81 11.14
N ASN B 207 -20.23 -27.82 12.40
CA ASN B 207 -18.80 -27.93 12.72
C ASN B 207 -17.99 -26.84 12.04
N LYS B 208 -18.51 -25.60 12.05
CA LYS B 208 -17.81 -24.40 11.59
C LYS B 208 -17.39 -24.55 10.13
N PRO B 209 -18.37 -24.62 9.23
CA PRO B 209 -18.07 -25.05 7.85
C PRO B 209 -16.89 -24.40 7.14
N ALA B 210 -16.77 -23.08 7.18
CA ALA B 210 -15.67 -22.45 6.42
C ALA B 210 -14.31 -22.77 7.04
N THR B 211 -14.25 -22.88 8.37
CA THR B 211 -13.00 -23.25 9.02
C THR B 211 -12.66 -24.70 8.76
N ALA B 212 -13.66 -25.59 8.82
CA ALA B 212 -13.43 -26.98 8.51
C ALA B 212 -12.93 -27.17 7.09
N PHE B 213 -13.51 -26.45 6.14
CA PHE B 213 -13.04 -26.45 4.77
C PHE B 213 -11.58 -25.98 4.71
N LEU B 214 -11.29 -24.85 5.36
CA LEU B 214 -9.94 -24.27 5.30
C LEU B 214 -8.91 -25.25 5.81
N PHE B 215 -9.21 -25.90 6.94
CA PHE B 215 -8.25 -26.82 7.54
C PHE B 215 -8.07 -28.06 6.68
N LYS B 216 -9.14 -28.60 6.13
CA LYS B 216 -9.00 -29.76 5.25
C LYS B 216 -8.21 -29.40 4.01
N LEU B 217 -8.43 -28.19 3.46
CA LEU B 217 -7.72 -27.77 2.26
C LEU B 217 -6.23 -27.67 2.54
N ILE B 218 -5.86 -27.06 3.67
CA ILE B 218 -4.44 -26.97 4.02
C ILE B 218 -3.83 -28.36 4.15
N ALA B 219 -4.53 -29.27 4.82
CA ALA B 219 -4.00 -30.62 4.98
C ALA B 219 -3.86 -31.36 3.67
N GLN B 220 -4.86 -31.23 2.78
CA GLN B 220 -4.77 -31.87 1.48
C GLN B 220 -3.62 -31.29 0.67
N LEU B 221 -3.49 -29.95 0.70
CA LEU B 221 -2.43 -29.31 -0.07
C LEU B 221 -1.05 -29.76 0.39
N GLN B 222 -0.87 -30.00 1.69
CA GLN B 222 0.47 -30.36 2.17
C GLN B 222 1.00 -31.58 1.42
N PHE B 223 0.12 -32.52 1.06
CA PHE B 223 0.56 -33.71 0.32
C PHE B 223 1.14 -33.38 -1.04
N SER B 224 0.71 -32.28 -1.66
CA SER B 224 1.24 -31.90 -2.96
C SER B 224 2.66 -31.31 -2.91
N GLY B 225 3.14 -30.94 -1.74
CA GLY B 225 4.40 -30.19 -1.68
C GLY B 225 4.38 -29.00 -2.58
N THR B 226 5.53 -28.68 -3.18
CA THR B 226 5.60 -27.57 -4.12
C THR B 226 5.37 -28.06 -5.54
N VAL B 227 4.89 -27.14 -6.39
CA VAL B 227 4.69 -27.47 -7.80
C VAL B 227 5.98 -27.99 -8.42
N PRO B 228 5.89 -28.85 -9.44
CA PRO B 228 7.09 -29.25 -10.18
C PRO B 228 7.73 -28.04 -10.84
N MET B 229 9.00 -28.19 -11.21
CA MET B 229 9.75 -27.10 -11.79
C MET B 229 9.41 -26.91 -13.26
N ILE B 230 8.88 -25.71 -13.57
CA ILE B 230 8.40 -25.39 -14.92
C ILE B 230 9.54 -25.33 -15.92
N ASP B 231 9.27 -25.82 -17.13
CA ASP B 231 10.17 -25.62 -18.27
C ASP B 231 9.65 -24.41 -19.04
N VAL B 232 10.15 -23.22 -18.70
CA VAL B 232 9.65 -22.03 -19.37
C VAL B 232 10.01 -21.99 -20.84
N GLU B 233 11.08 -22.67 -21.25
CA GLU B 233 11.43 -22.68 -22.68
C GLU B 233 10.45 -23.49 -23.51
N ALA B 234 9.65 -24.35 -22.90
CA ALA B 234 8.56 -24.99 -23.64
C ALA B 234 7.54 -23.95 -24.07
N TYR B 235 7.30 -22.95 -23.23
CA TYR B 235 6.45 -21.83 -23.60
C TYR B 235 7.14 -20.95 -24.63
N GLY B 236 8.45 -20.81 -24.52
CA GLY B 236 9.25 -20.05 -25.47
C GLY B 236 9.19 -20.57 -26.90
N GLN B 237 8.72 -21.80 -27.11
CA GLN B 237 8.57 -22.27 -28.48
C GLN B 237 7.55 -21.44 -29.25
N TRP B 238 6.69 -20.68 -28.56
CA TRP B 238 5.65 -19.87 -29.18
C TRP B 238 6.10 -18.45 -29.45
N LEU B 239 7.38 -18.16 -29.21
CA LEU B 239 7.98 -16.87 -29.55
C LEU B 239 8.26 -16.73 -31.04
N THR B 240 8.35 -17.84 -31.75
CA THR B 240 8.62 -17.85 -33.19
C THR B 240 7.35 -18.21 -33.96
N LYS B 241 6.20 -18.24 -33.28
CA LYS B 241 4.95 -18.65 -33.87
C LYS B 241 3.89 -17.58 -33.58
N SER C 2 31.72 9.98 1.29
CA SER C 2 32.66 9.85 0.19
C SER C 2 33.15 8.41 -0.03
N GLN C 3 33.71 7.80 1.01
CA GLN C 3 34.23 6.44 0.91
C GLN C 3 33.24 5.48 1.54
N TRP C 4 33.02 4.36 0.89
CA TRP C 4 32.19 3.33 1.48
C TRP C 4 32.99 2.62 2.57
N SER C 5 32.31 2.28 3.66
CA SER C 5 32.90 1.57 4.78
C SER C 5 31.90 0.59 5.36
N LEU C 6 32.25 -0.69 5.40
CA LEU C 6 31.38 -1.68 6.01
C LEU C 6 31.18 -1.39 7.50
N SER C 7 32.25 -0.97 8.18
N SER C 7 32.24 -0.98 8.19
CA SER C 7 32.11 -0.62 9.59
CA SER C 7 32.09 -0.61 9.59
C SER C 7 31.07 0.49 9.76
C SER C 7 31.05 0.48 9.75
N GLN C 8 31.09 1.50 8.88
CA GLN C 8 30.10 2.57 8.97
C GLN C 8 28.67 2.07 8.73
N LEU C 9 28.47 1.18 7.76
CA LEU C 9 27.13 0.64 7.56
C LEU C 9 26.60 0.02 8.85
N LEU C 10 27.41 -0.81 9.51
CA LEU C 10 26.95 -1.51 10.69
C LEU C 10 26.75 -0.55 11.85
N SER C 11 27.59 0.48 11.94
N SER C 11 27.61 0.47 11.95
CA SER C 11 27.44 1.47 12.99
CA SER C 11 27.44 1.48 12.99
C SER C 11 26.17 2.29 12.79
C SER C 11 26.13 2.23 12.78
N SER C 12 25.86 2.66 11.55
CA SER C 12 24.66 3.46 11.30
C SER C 12 23.40 2.67 11.53
N LEU C 13 23.40 1.38 11.20
CA LEU C 13 22.24 0.55 11.53
C LEU C 13 21.93 0.62 13.02
N HIS C 14 22.97 0.46 13.85
CA HIS C 14 22.79 0.50 15.29
C HIS C 14 22.39 1.89 15.76
N GLU C 15 23.08 2.91 15.26
CA GLU C 15 22.85 4.28 15.72
C GLU C 15 21.42 4.70 15.40
N ASP C 16 20.88 4.24 14.28
CA ASP C 16 19.49 4.52 13.94
C ASP C 16 18.54 3.96 14.99
N ILE C 17 18.76 2.70 15.41
CA ILE C 17 17.90 2.09 16.42
C ILE C 17 18.05 2.83 17.75
N GLN C 18 19.30 3.08 18.18
CA GLN C 18 19.47 3.72 19.48
C GLN C 18 18.85 5.12 19.49
N GLN C 19 19.02 5.86 18.40
CA GLN C 19 18.48 7.22 18.35
C GLN C 19 16.95 7.21 18.35
N ARG C 20 16.34 6.28 17.60
CA ARG C 20 14.88 6.24 17.57
C ARG C 20 14.32 5.88 18.94
N LEU C 21 14.93 4.90 19.60
CA LEU C 21 14.48 4.55 20.94
C LEU C 21 14.68 5.70 21.92
N SER C 22 15.78 6.45 21.78
CA SER C 22 16.03 7.60 22.65
C SER C 22 15.00 8.70 22.41
N VAL C 23 14.65 8.97 21.15
CA VAL C 23 13.62 9.98 20.88
C VAL C 23 12.29 9.54 21.50
N VAL C 24 11.91 8.28 21.29
CA VAL C 24 10.67 7.78 21.87
C VAL C 24 10.67 8.01 23.37
N ARG C 25 11.78 7.66 24.02
CA ARG C 25 11.85 7.72 25.48
C ARG C 25 11.66 9.13 26.02
N LYS C 26 12.28 10.13 25.39
CA LYS C 26 12.24 11.45 25.95
C LYS C 26 11.04 12.27 25.44
N THR C 27 10.36 11.79 24.38
CA THR C 27 9.34 12.63 23.76
C THR C 27 7.92 12.23 24.07
N PHE C 28 7.61 10.94 24.22
CA PHE C 28 6.23 10.52 24.47
C PHE C 28 5.99 10.46 25.97
N GLY C 29 5.06 11.29 26.44
CA GLY C 29 4.77 11.49 27.85
C GLY C 29 3.67 10.63 28.43
N HIS C 30 3.13 9.72 27.65
CA HIS C 30 2.15 8.72 28.04
C HIS C 30 2.79 7.33 27.94
N PRO C 31 2.71 6.53 29.01
CA PRO C 31 3.47 5.27 29.01
C PRO C 31 3.03 4.29 27.95
N GLY C 32 1.73 4.17 27.71
CA GLY C 32 1.28 3.26 26.68
C GLY C 32 1.78 3.68 25.31
N THR C 33 1.74 4.98 25.04
CA THR C 33 2.22 5.49 23.75
C THR C 33 3.70 5.22 23.59
N LYS C 34 4.48 5.53 24.63
CA LYS C 34 5.91 5.29 24.60
C LYS C 34 6.22 3.81 24.38
N GLY C 35 5.48 2.93 25.06
CA GLY C 35 5.69 1.51 24.85
C GLY C 35 5.37 1.06 23.45
N ASP C 36 4.25 1.53 22.90
CA ASP C 36 3.87 1.14 21.55
C ASP C 36 4.92 1.61 20.55
N ALA C 37 5.38 2.86 20.68
CA ALA C 37 6.38 3.38 19.75
C ALA C 37 7.69 2.61 19.86
N SER C 38 8.09 2.24 21.07
CA SER C 38 9.33 1.47 21.25
C SER C 38 9.22 0.11 20.59
N GLU C 39 8.10 -0.58 20.80
CA GLU C 39 7.88 -1.86 20.14
C GLU C 39 7.91 -1.70 18.63
N ASN C 40 7.35 -0.61 18.13
CA ASN C 40 7.35 -0.35 16.69
C ASN C 40 8.77 -0.34 16.15
N VAL C 41 9.70 0.26 16.88
CA VAL C 41 11.09 0.32 16.42
C VAL C 41 11.68 -1.08 16.29
N TRP C 42 11.52 -1.88 17.34
CA TRP C 42 12.09 -3.23 17.29
C TRP C 42 11.46 -4.07 16.18
N ILE C 43 10.14 -4.01 16.03
CA ILE C 43 9.47 -4.78 14.99
C ILE C 43 9.90 -4.30 13.61
N ASP C 44 10.00 -2.98 13.43
CA ASP C 44 10.48 -2.43 12.16
C ASP C 44 11.89 -2.92 11.84
N MET C 45 12.78 -2.97 12.84
CA MET C 45 14.14 -3.41 12.60
C MET C 45 14.13 -4.85 12.11
N LEU C 46 13.38 -5.72 12.79
CA LEU C 46 13.35 -7.11 12.39
C LEU C 46 12.64 -7.31 11.06
N ASP C 47 11.53 -6.61 10.83
CA ASP C 47 10.85 -6.73 9.55
C ASP C 47 11.73 -6.27 8.41
N THR C 48 12.56 -5.25 8.66
CA THR C 48 13.39 -4.69 7.60
C THR C 48 14.56 -5.60 7.27
N TYR C 49 15.21 -6.16 8.30
CA TYR C 49 16.49 -6.83 8.12
C TYR C 49 16.45 -8.35 8.15
N LEU C 50 15.54 -8.98 8.90
CA LEU C 50 15.50 -10.43 8.89
C LEU C 50 15.19 -10.94 7.48
N PRO C 51 15.76 -12.10 7.11
CA PRO C 51 15.28 -12.81 5.92
C PRO C 51 13.77 -12.92 5.89
N LYS C 52 13.20 -12.86 4.69
CA LYS C 52 11.75 -12.86 4.52
C LYS C 52 11.08 -14.18 4.91
N ARG C 53 11.83 -15.25 5.14
CA ARG C 53 11.23 -16.45 5.69
C ARG C 53 10.69 -16.20 7.11
N TYR C 54 11.09 -15.10 7.75
CA TYR C 54 10.60 -14.76 9.08
C TYR C 54 9.60 -13.62 9.03
N GLN C 55 8.53 -13.77 9.81
CA GLN C 55 7.62 -12.69 10.15
C GLN C 55 7.92 -12.20 11.56
N ALA C 56 7.72 -10.91 11.82
CA ALA C 56 7.90 -10.36 13.14
C ALA C 56 6.67 -9.50 13.44
N ALA C 57 6.01 -9.77 14.56
CA ALA C 57 4.78 -9.09 14.94
C ALA C 57 4.46 -9.34 16.40
N LYS C 58 3.47 -8.61 16.90
CA LYS C 58 2.83 -8.90 18.18
C LYS C 58 1.77 -9.99 17.97
N ALA C 59 1.65 -10.91 18.92
CA ALA C 59 0.61 -11.93 18.77
C ALA C 59 0.45 -12.70 20.07
N HIS C 60 -0.66 -13.44 20.15
CA HIS C 60 -0.76 -14.56 21.08
C HIS C 60 -0.50 -15.83 20.31
N VAL C 61 -0.07 -16.85 21.04
CA VAL C 61 0.20 -18.18 20.49
C VAL C 61 -0.78 -19.17 21.10
N VAL C 62 -1.28 -20.10 20.26
CA VAL C 62 -2.22 -21.14 20.72
C VAL C 62 -1.68 -22.49 20.25
N ASP C 63 -2.06 -23.55 20.97
CA ASP C 63 -1.70 -24.91 20.55
C ASP C 63 -2.94 -25.76 20.28
N SER C 64 -2.69 -26.96 19.75
CA SER C 64 -3.78 -27.85 19.37
C SER C 64 -4.41 -28.53 20.56
N LEU C 65 -3.92 -28.27 21.77
CA LEU C 65 -4.57 -28.71 23.00
C LEU C 65 -5.42 -27.60 23.62
N GLY C 66 -5.56 -26.47 22.93
CA GLY C 66 -6.40 -25.41 23.45
C GLY C 66 -5.73 -24.47 24.43
N ASN C 67 -4.43 -24.56 24.60
CA ASN C 67 -3.70 -23.71 25.52
C ASN C 67 -3.22 -22.46 24.80
N PHE C 68 -3.15 -21.36 25.54
CA PHE C 68 -2.72 -20.08 24.99
C PHE C 68 -1.52 -19.56 25.75
N SER C 69 -0.62 -18.88 25.03
CA SER C 69 0.46 -18.16 25.67
C SER C 69 -0.03 -16.84 26.24
N GLN C 70 0.87 -16.13 26.92
CA GLN C 70 0.68 -14.72 27.23
C GLN C 70 0.82 -13.89 25.95
N GLN C 71 0.45 -12.62 26.04
CA GLN C 71 0.65 -11.72 24.92
C GLN C 71 2.15 -11.57 24.68
N ILE C 72 2.59 -11.80 23.44
CA ILE C 72 3.99 -11.67 23.07
C ILE C 72 4.15 -10.41 22.23
N ASN C 73 4.91 -9.43 22.74
CA ASN C 73 4.95 -8.17 21.99
C ASN C 73 5.85 -8.25 20.75
N VAL C 74 6.84 -9.17 20.72
CA VAL C 74 7.67 -9.36 19.51
C VAL C 74 7.87 -10.85 19.34
N VAL C 75 7.15 -11.46 18.40
CA VAL C 75 7.32 -12.88 18.07
C VAL C 75 7.83 -12.99 16.64
N VAL C 76 8.74 -13.93 16.44
CA VAL C 76 9.32 -14.22 15.12
C VAL C 76 8.79 -15.59 14.75
N PHE C 77 8.14 -15.67 13.57
CA PHE C 77 7.38 -16.87 13.23
C PHE C 77 7.30 -17.06 11.72
N ASP C 78 6.91 -18.28 11.35
CA ASP C 78 6.72 -18.63 9.95
C ASP C 78 5.31 -18.37 9.47
N ARG C 79 5.21 -17.91 8.23
CA ARG C 79 3.94 -17.87 7.49
C ARG C 79 4.03 -18.53 6.13
N GLN C 80 5.22 -18.96 5.69
CA GLN C 80 5.34 -19.61 4.38
C GLN C 80 4.62 -20.95 4.37
N TYR C 81 4.60 -21.64 5.53
CA TYR C 81 4.12 -23.02 5.66
C TYR C 81 3.09 -23.16 6.77
N SER C 82 2.63 -22.05 7.35
CA SER C 82 1.81 -22.06 8.56
C SER C 82 0.64 -21.11 8.35
N PRO C 83 -0.57 -21.52 8.68
CA PRO C 83 -1.69 -20.57 8.73
C PRO C 83 -1.64 -19.74 10.00
N PHE C 84 -2.37 -18.61 9.97
CA PHE C 84 -2.84 -18.06 11.24
C PHE C 84 -3.94 -18.97 11.76
N ILE C 85 -4.11 -19.00 13.10
CA ILE C 85 -5.32 -19.63 13.65
C ILE C 85 -6.49 -18.65 13.65
N PHE C 86 -6.21 -17.36 13.93
CA PHE C 86 -7.25 -16.34 13.86
C PHE C 86 -6.57 -14.99 13.73
N THR C 87 -7.07 -14.17 12.81
CA THR C 87 -6.63 -12.78 12.70
C THR C 87 -7.85 -11.94 12.38
N TYR C 88 -8.03 -10.84 13.11
CA TYR C 88 -9.25 -10.07 12.99
C TYR C 88 -8.94 -8.67 13.48
N GLU C 89 -9.32 -7.65 12.70
CA GLU C 89 -9.10 -6.24 13.09
C GLU C 89 -7.65 -6.00 13.51
N ASN C 90 -6.74 -6.66 12.80
CA ASN C 90 -5.30 -6.47 12.92
C ASN C 90 -4.71 -7.02 14.21
N GLU C 91 -5.43 -7.90 14.91
CA GLU C 91 -4.91 -8.60 16.07
C GLU C 91 -4.91 -10.10 15.74
N THR C 92 -3.90 -10.82 16.23
CA THR C 92 -3.58 -12.12 15.64
C THR C 92 -3.21 -13.18 16.67
N ILE C 93 -3.62 -14.41 16.37
CA ILE C 93 -3.24 -15.60 17.13
C ILE C 93 -2.60 -16.59 16.16
N ILE C 94 -1.37 -17.01 16.46
CA ILE C 94 -0.59 -17.92 15.62
C ILE C 94 -0.48 -19.28 16.28
N PRO C 95 -0.32 -20.36 15.50
CA PRO C 95 -0.12 -21.68 16.10
C PRO C 95 1.30 -21.83 16.63
N ALA C 96 1.43 -22.65 17.69
CA ALA C 96 2.73 -22.83 18.33
C ALA C 96 3.77 -23.36 17.34
N GLU C 97 3.32 -24.15 16.36
CA GLU C 97 4.22 -24.72 15.37
C GLU C 97 4.88 -23.69 14.48
N SER C 98 4.34 -22.46 14.40
CA SER C 98 4.92 -21.42 13.57
C SER C 98 6.08 -20.70 14.24
N VAL C 99 6.31 -20.88 15.55
CA VAL C 99 7.17 -19.97 16.29
C VAL C 99 8.65 -20.33 16.16
N TYR C 100 9.47 -19.30 15.86
CA TYR C 100 10.93 -19.38 15.95
C TYR C 100 11.52 -18.74 17.20
N ALA C 101 10.99 -17.59 17.62
CA ALA C 101 11.61 -16.83 18.70
C ALA C 101 10.56 -15.92 19.36
N VAL C 102 10.75 -15.70 20.66
CA VAL C 102 9.82 -14.95 21.52
C VAL C 102 10.63 -13.92 22.29
N PHE C 103 10.22 -12.63 22.17
CA PHE C 103 10.88 -11.55 22.88
C PHE C 103 9.90 -10.70 23.67
N GLU C 104 10.37 -10.21 24.81
CA GLU C 104 9.72 -9.14 25.55
C GLU C 104 10.52 -7.86 25.34
N ALA C 105 9.83 -6.78 24.97
CA ALA C 105 10.46 -5.50 24.69
C ALA C 105 9.92 -4.48 25.67
N LYS C 106 10.83 -3.86 26.42
CA LYS C 106 10.49 -2.85 27.41
C LYS C 106 11.62 -1.84 27.51
N GLN C 107 11.48 -0.86 28.39
CA GLN C 107 12.41 0.26 28.39
C GLN C 107 13.73 -0.08 29.05
N THR C 108 13.68 -0.67 30.24
CA THR C 108 14.86 -0.86 31.07
C THR C 108 14.96 -2.27 31.62
N ALA C 109 16.15 -2.84 31.54
CA ALA C 109 16.42 -4.15 32.08
C ALA C 109 16.57 -4.04 33.60
N ASP C 110 15.83 -4.86 34.33
CA ASP C 110 15.99 -4.99 35.78
C ASP C 110 15.47 -6.37 36.17
N ALA C 111 15.56 -6.68 37.47
CA ALA C 111 15.26 -8.05 37.89
C ALA C 111 13.82 -8.41 37.56
N GLY C 112 12.88 -7.49 37.80
CA GLY C 112 11.49 -7.77 37.49
C GLY C 112 11.25 -8.03 36.01
N LEU C 113 11.88 -7.25 35.14
CA LEU C 113 11.66 -7.43 33.72
C LEU C 113 12.27 -8.73 33.22
N VAL C 114 13.44 -9.11 33.73
CA VAL C 114 14.04 -10.37 33.31
C VAL C 114 13.11 -11.53 33.67
N ALA C 115 12.60 -11.54 34.91
CA ALA C 115 11.69 -12.61 35.31
C ALA C 115 10.40 -12.60 34.49
N TYR C 116 9.87 -11.42 34.22
CA TYR C 116 8.68 -11.29 33.38
C TYR C 116 8.91 -11.86 31.99
N ALA C 117 10.06 -11.54 31.38
CA ALA C 117 10.39 -12.06 30.05
C ALA C 117 10.59 -13.57 30.08
N GLN C 118 11.25 -14.10 31.11
CA GLN C 118 11.38 -15.55 31.24
C GLN C 118 10.01 -16.23 31.29
N GLU C 119 9.06 -15.65 32.03
CA GLU C 119 7.71 -16.22 32.10
C GLU C 119 6.98 -16.09 30.76
N LYS C 120 7.16 -14.99 30.04
CA LYS C 120 6.57 -14.88 28.71
C LYS C 120 7.05 -16.02 27.82
N VAL C 121 8.35 -16.20 27.76
CA VAL C 121 8.94 -17.26 26.94
C VAL C 121 8.44 -18.63 27.38
N ALA C 122 8.42 -18.87 28.68
CA ALA C 122 7.94 -20.17 29.19
C ALA C 122 6.50 -20.40 28.78
N SER C 123 5.69 -19.33 28.73
CA SER C 123 4.29 -19.52 28.36
C SER C 123 4.13 -19.99 26.91
N VAL C 124 5.12 -19.76 26.05
CA VAL C 124 5.12 -20.30 24.70
C VAL C 124 5.74 -21.69 24.65
N ARG C 125 6.85 -21.86 25.36
CA ARG C 125 7.54 -23.15 25.32
C ARG C 125 6.70 -24.27 25.91
N ARG C 126 5.80 -23.94 26.84
CA ARG C 126 4.92 -24.98 27.41
C ARG C 126 3.89 -25.51 26.43
N LEU C 127 3.66 -24.82 25.32
CA LEU C 127 2.65 -25.22 24.36
C LEU C 127 3.09 -26.45 23.58
N HIS C 128 2.13 -27.26 23.19
CA HIS C 128 2.39 -28.45 22.41
C HIS C 128 2.59 -28.12 20.94
N ARG C 129 3.59 -28.74 20.31
CA ARG C 129 3.84 -28.58 18.88
C ARG C 129 3.79 -29.93 18.17
N THR C 130 2.95 -30.00 17.12
CA THR C 130 2.89 -31.16 16.25
C THR C 130 3.97 -31.09 15.19
N SER C 131 4.20 -32.24 14.56
CA SER C 131 5.19 -32.36 13.47
C SER C 131 4.86 -33.58 12.62
N LEU C 132 4.59 -33.37 11.34
CA LEU C 132 4.20 -34.43 10.41
C LEU C 132 5.32 -34.74 9.43
N PRO C 133 5.35 -35.95 8.85
CA PRO C 133 6.26 -36.23 7.74
C PRO C 133 6.06 -35.19 6.63
N ILE C 134 7.15 -34.80 5.97
CA ILE C 134 7.14 -33.62 5.11
C ILE C 134 7.25 -34.02 3.64
N PRO C 135 6.19 -33.83 2.85
CA PRO C 135 6.31 -34.05 1.40
C PRO C 135 7.13 -32.95 0.76
N HIS C 136 7.99 -33.33 -0.17
CA HIS C 136 8.89 -32.41 -0.86
C HIS C 136 9.27 -32.99 -2.21
N ALA C 137 10.15 -32.27 -2.92
CA ALA C 137 10.43 -32.66 -4.30
C ALA C 137 11.04 -34.03 -4.40
N GLY C 138 11.78 -34.44 -3.38
CA GLY C 138 12.45 -35.72 -3.36
C GLY C 138 11.72 -36.85 -2.68
N GLY C 139 10.45 -36.69 -2.32
CA GLY C 139 9.66 -37.73 -1.68
C GLY C 139 9.02 -37.22 -0.39
N THR C 140 9.24 -37.92 0.73
CA THR C 140 8.75 -37.52 2.03
C THR C 140 9.84 -37.66 3.08
N TYR C 141 10.11 -36.56 3.80
CA TYR C 141 11.01 -36.64 4.94
C TYR C 141 10.28 -37.22 6.15
N PRO C 142 11.01 -37.87 7.07
CA PRO C 142 10.44 -38.13 8.39
C PRO C 142 10.03 -36.81 9.02
N ALA C 143 9.08 -36.87 9.96
CA ALA C 143 8.69 -35.67 10.68
C ALA C 143 9.93 -35.00 11.26
N LYS C 144 10.02 -33.69 11.09
CA LYS C 144 11.19 -33.00 11.59
C LYS C 144 11.20 -32.97 13.11
N PRO C 145 12.30 -33.29 13.77
CA PRO C 145 12.36 -33.12 15.23
C PRO C 145 12.10 -31.68 15.60
N LEU C 146 11.40 -31.49 16.72
CA LEU C 146 11.06 -30.14 17.15
C LEU C 146 12.33 -29.36 17.43
N ILE C 147 12.25 -28.11 16.96
N ILE C 147 12.41 -28.09 17.06
CA ILE C 147 13.25 -27.05 16.95
CA ILE C 147 13.63 -27.41 17.52
C ILE C 147 13.13 -26.31 18.28
C ILE C 147 13.26 -26.38 18.59
N PRO C 148 14.20 -25.73 18.77
N PRO C 148 14.14 -26.13 19.57
CA PRO C 148 14.09 -24.91 19.98
CA PRO C 148 13.82 -25.13 20.58
C PRO C 148 13.32 -23.65 19.63
C PRO C 148 13.58 -23.72 20.03
N ILE C 149 12.55 -23.11 20.57
CA ILE C 149 12.12 -21.74 20.43
C ILE C 149 13.08 -20.85 21.20
N LEU C 150 13.64 -19.85 20.53
CA LEU C 150 14.57 -18.93 21.16
C LEU C 150 13.79 -17.93 22.01
N GLY C 151 14.33 -17.57 23.17
CA GLY C 151 13.73 -16.56 24.01
C GLY C 151 14.65 -15.36 24.14
N GLY C 152 14.04 -14.19 24.32
CA GLY C 152 14.90 -13.02 24.46
C GLY C 152 14.24 -11.81 25.09
N LEU C 153 15.08 -10.80 25.30
CA LEU C 153 14.70 -9.53 25.92
C LEU C 153 15.29 -8.40 25.10
N LEU C 154 14.49 -7.35 24.88
CA LEU C 154 14.92 -6.16 24.15
C LEU C 154 14.63 -4.96 25.01
N THR C 155 15.67 -4.20 25.36
CA THR C 155 15.46 -2.99 26.12
C THR C 155 16.36 -1.88 25.56
N PHE C 156 16.13 -0.67 26.07
CA PHE C 156 17.02 0.45 25.77
C PHE C 156 18.12 0.59 26.84
N GLU C 157 17.73 0.61 28.11
CA GLU C 157 18.62 0.89 29.21
C GLU C 157 18.65 -0.30 30.16
N SER C 158 19.47 -0.16 31.20
CA SER C 158 19.56 -1.12 32.27
C SER C 158 19.55 -0.36 33.58
N GLU C 159 18.90 -0.92 34.59
CA GLU C 159 18.97 -0.33 35.93
C GLU C 159 20.26 -0.67 36.64
N TRP C 160 21.02 -1.61 36.13
CA TRP C 160 22.25 -2.07 36.77
C TRP C 160 23.47 -1.34 36.25
N SER C 161 24.48 -1.27 37.10
CA SER C 161 25.81 -0.75 36.75
C SER C 161 26.84 -1.77 37.22
N PRO C 162 27.61 -2.40 36.32
CA PRO C 162 27.57 -2.33 34.86
C PRO C 162 26.26 -2.87 34.31
N ALA C 163 25.86 -2.38 33.13
CA ALA C 163 24.58 -2.74 32.55
C ALA C 163 24.45 -4.24 32.34
N LEU C 164 25.48 -4.88 31.82
CA LEU C 164 25.50 -6.32 31.57
C LEU C 164 26.39 -7.03 32.59
N GLY C 165 26.34 -6.56 33.83
CA GLY C 165 27.21 -7.02 34.87
C GLY C 165 26.66 -8.19 35.67
N PRO C 166 27.29 -8.46 36.81
CA PRO C 166 26.88 -9.62 37.61
C PRO C 166 25.42 -9.66 37.98
N SER C 167 24.79 -8.51 38.17
CA SER C 167 23.38 -8.53 38.55
C SER C 167 22.52 -9.05 37.41
N MET C 168 22.83 -8.65 36.18
CA MET C 168 22.11 -9.22 35.03
C MET C 168 22.37 -10.72 34.94
N ASP C 169 23.61 -11.12 35.12
CA ASP C 169 23.98 -12.52 35.00
C ASP C 169 23.21 -13.37 36.02
N LYS C 170 23.06 -12.86 37.25
CA LYS C 170 22.31 -13.59 38.26
C LYS C 170 20.85 -13.74 37.86
N ALA C 171 20.24 -12.66 37.37
CA ALA C 171 18.85 -12.72 36.96
C ALA C 171 18.66 -13.70 35.82
N LEU C 172 19.55 -13.66 34.84
CA LEU C 172 19.41 -14.58 33.71
C LEU C 172 19.59 -16.03 34.15
N ASN C 173 20.55 -16.28 35.04
CA ASN C 173 20.83 -17.64 35.49
C ASN C 173 19.77 -18.20 36.42
N ALA C 174 18.82 -17.37 36.87
CA ALA C 174 17.72 -17.88 37.68
C ALA C 174 16.75 -18.74 36.87
N ASN C 175 16.81 -18.71 35.53
CA ASN C 175 15.96 -19.58 34.72
C ASN C 175 16.72 -20.05 33.48
N LEU C 176 17.22 -21.28 33.54
CA LEU C 176 17.91 -21.89 32.42
C LEU C 176 17.11 -23.02 31.80
N THR C 177 15.83 -23.15 32.17
CA THR C 177 14.97 -24.20 31.63
C THR C 177 13.87 -23.59 30.76
N GLU C 178 12.60 -23.75 31.16
CA GLU C 178 11.51 -23.38 30.27
C GLU C 178 11.49 -21.88 29.97
N GLY C 179 12.02 -21.06 30.88
CA GLY C 179 12.08 -19.63 30.68
C GLY C 179 13.42 -19.08 30.21
N ARG C 180 14.32 -19.93 29.74
CA ARG C 180 15.66 -19.46 29.42
C ARG C 180 15.63 -18.42 28.30
N LEU C 181 16.35 -17.32 28.52
CA LEU C 181 16.55 -16.30 27.49
C LEU C 181 17.86 -16.62 26.78
N ASP C 182 17.78 -16.80 25.48
CA ASP C 182 18.95 -17.17 24.69
C ASP C 182 19.70 -15.98 24.12
N ILE C 183 19.05 -14.82 24.02
CA ILE C 183 19.65 -13.69 23.34
C ILE C 183 18.93 -12.44 23.81
N GLY C 184 19.62 -11.31 23.82
CA GLY C 184 18.98 -10.07 24.22
C GLY C 184 19.82 -8.90 23.82
N CYS C 185 19.17 -7.73 23.77
CA CYS C 185 19.83 -6.48 23.43
C CYS C 185 19.43 -5.42 24.44
N VAL C 186 20.41 -4.72 24.99
CA VAL C 186 20.24 -3.49 25.76
C VAL C 186 20.83 -2.41 24.88
N ALA C 187 19.98 -1.68 24.15
CA ALA C 187 20.46 -0.89 23.00
C ALA C 187 21.52 0.13 23.37
N ALA C 188 21.46 0.70 24.58
CA ALA C 188 22.43 1.72 24.97
C ALA C 188 23.73 1.13 25.50
N HIS C 189 23.85 -0.20 25.58
CA HIS C 189 24.97 -0.81 26.28
C HIS C 189 25.60 -2.03 25.63
N GLY C 190 24.83 -2.95 25.05
CA GLY C 190 25.43 -4.19 24.57
C GLY C 190 24.40 -5.27 24.27
N HIS C 191 24.89 -6.50 24.16
CA HIS C 191 24.01 -7.64 23.90
C HIS C 191 24.55 -8.88 24.62
N PHE C 192 23.68 -9.86 24.77
CA PHE C 192 24.04 -11.11 25.43
C PHE C 192 23.49 -12.29 24.64
N PHE C 193 24.12 -13.44 24.84
CA PHE C 193 23.57 -14.68 24.32
C PHE C 193 23.99 -15.83 25.21
N TYR C 194 23.14 -16.85 25.25
CA TYR C 194 23.41 -18.05 26.03
C TYR C 194 24.20 -19.02 25.17
N ASP C 195 25.35 -19.44 25.65
CA ASP C 195 26.25 -20.34 24.95
C ASP C 195 25.99 -21.75 25.48
N GLN C 196 25.32 -22.56 24.68
CA GLN C 196 24.95 -23.89 25.15
C GLN C 196 26.18 -24.78 25.38
N ALA C 197 27.19 -24.63 24.53
CA ALA C 197 28.40 -25.45 24.66
C ALA C 197 29.10 -25.19 25.99
N SER C 198 29.25 -23.93 26.36
CA SER C 198 29.90 -23.58 27.62
C SER C 198 28.94 -23.58 28.80
N GLY C 199 27.64 -23.55 28.54
CA GLY C 199 26.67 -23.52 29.61
C GLY C 199 26.55 -22.19 30.32
N ALA C 200 26.97 -21.10 29.69
CA ALA C 200 27.00 -19.81 30.36
C ALA C 200 26.66 -18.71 29.36
N TYR C 201 26.35 -17.54 29.92
CA TYR C 201 26.06 -16.37 29.09
C TYR C 201 27.35 -15.70 28.64
N SER C 202 27.32 -15.19 27.41
CA SER C 202 28.36 -14.36 26.84
C SER C 202 27.82 -12.95 26.71
N TYR C 203 28.59 -11.97 27.14
CA TYR C 203 28.21 -10.56 27.12
C TYR C 203 29.19 -9.77 26.29
N THR C 204 28.66 -8.89 25.45
CA THR C 204 29.48 -8.00 24.65
C THR C 204 28.97 -6.58 24.85
N ASN C 205 29.81 -5.73 25.41
CA ASN C 205 29.50 -4.33 25.59
C ASN C 205 29.89 -3.55 24.34
N GLU C 206 29.13 -2.51 24.07
CA GLU C 206 29.30 -1.68 22.86
C GLU C 206 29.31 -2.58 21.64
N ASN C 207 30.23 -2.41 20.69
CA ASN C 207 30.30 -3.16 19.46
C ASN C 207 28.98 -3.10 18.70
N LYS C 208 28.36 -1.91 18.70
CA LYS C 208 27.13 -1.63 17.94
C LYS C 208 26.01 -2.57 18.33
N PRO C 209 25.49 -2.42 19.56
CA PRO C 209 24.61 -3.46 20.14
C PRO C 209 23.45 -3.96 19.29
N ALA C 210 22.66 -3.07 18.67
CA ALA C 210 21.51 -3.56 17.91
C ALA C 210 21.95 -4.40 16.71
N THR C 211 23.03 -3.99 16.02
CA THR C 211 23.53 -4.78 14.89
C THR C 211 24.10 -6.09 15.37
N ALA C 212 24.85 -6.07 16.47
CA ALA C 212 25.42 -7.32 17.00
C ALA C 212 24.31 -8.28 17.39
N PHE C 213 23.26 -7.76 18.03
CA PHE C 213 22.10 -8.58 18.35
C PHE C 213 21.45 -9.15 17.08
N LEU C 214 21.21 -8.30 16.09
CA LEU C 214 20.57 -8.76 14.85
C LEU C 214 21.38 -9.88 14.20
N PHE C 215 22.71 -9.70 14.10
CA PHE C 215 23.53 -10.73 13.46
C PHE C 215 23.53 -12.02 14.28
N LYS C 216 23.63 -11.93 15.60
CA LYS C 216 23.60 -13.16 16.40
C LYS C 216 22.26 -13.85 16.26
N LEU C 217 21.17 -13.06 16.19
CA LEU C 217 19.84 -13.66 16.05
C LEU C 217 19.72 -14.41 14.73
N ILE C 218 20.19 -13.81 13.64
CA ILE C 218 20.13 -14.47 12.33
C ILE C 218 20.92 -15.76 12.38
N ALA C 219 22.11 -15.71 12.95
CA ALA C 219 22.95 -16.90 13.00
C ALA C 219 22.31 -18.01 13.83
N GLN C 220 21.74 -17.64 14.98
CA GLN C 220 21.03 -18.62 15.81
C GLN C 220 19.85 -19.21 15.06
N LEU C 221 19.05 -18.36 14.42
CA LEU C 221 17.85 -18.81 13.72
C LEU C 221 18.19 -19.79 12.62
N GLN C 222 19.31 -19.61 11.95
CA GLN C 222 19.67 -20.50 10.84
C GLN C 222 19.66 -21.96 11.27
N PHE C 223 20.09 -22.22 12.51
CA PHE C 223 20.12 -23.61 13.01
C PHE C 223 18.73 -24.21 13.11
N SER C 224 17.69 -23.39 13.27
CA SER C 224 16.33 -23.87 13.38
C SER C 224 15.74 -24.26 12.03
N GLY C 225 16.38 -23.89 10.94
CA GLY C 225 15.82 -24.14 9.63
C GLY C 225 14.40 -23.65 9.53
N THR C 226 13.55 -24.39 8.83
CA THR C 226 12.14 -24.08 8.79
C THR C 226 11.39 -24.85 9.86
N VAL C 227 10.32 -24.26 10.37
CA VAL C 227 9.44 -24.93 11.33
C VAL C 227 9.03 -26.31 10.84
N PRO C 228 8.87 -27.27 11.74
CA PRO C 228 8.28 -28.55 11.34
C PRO C 228 6.89 -28.37 10.78
N MET C 229 6.43 -29.38 10.06
CA MET C 229 5.13 -29.28 9.39
C MET C 229 3.96 -29.50 10.34
N ILE C 230 3.09 -28.49 10.40
CA ILE C 230 1.96 -28.46 11.31
C ILE C 230 0.92 -29.51 10.92
N ASP C 231 0.33 -30.14 11.94
CA ASP C 231 -0.84 -31.01 11.77
C ASP C 231 -2.08 -30.16 12.01
N VAL C 232 -2.64 -29.58 10.93
CA VAL C 232 -3.80 -28.73 11.11
C VAL C 232 -5.00 -29.55 11.57
N GLU C 233 -5.02 -30.85 11.28
CA GLU C 233 -6.13 -31.69 11.73
C GLU C 233 -6.17 -31.83 13.23
N ALA C 234 -5.05 -31.62 13.91
CA ALA C 234 -5.07 -31.59 15.37
C ALA C 234 -5.87 -30.37 15.87
N TYR C 235 -5.71 -29.22 15.21
CA TYR C 235 -6.55 -28.06 15.51
C TYR C 235 -7.98 -28.32 15.10
N GLY C 236 -8.19 -29.08 14.03
CA GLY C 236 -9.53 -29.40 13.57
C GLY C 236 -10.34 -30.23 14.54
N GLN C 237 -9.68 -30.83 15.53
CA GLN C 237 -10.45 -31.53 16.56
C GLN C 237 -11.37 -30.59 17.31
N TRP C 238 -11.07 -29.30 17.32
CA TRP C 238 -11.84 -28.29 18.04
C TRP C 238 -13.01 -27.75 17.21
N LEU C 239 -13.22 -28.29 16.01
CA LEU C 239 -14.35 -27.89 15.18
C LEU C 239 -15.66 -28.47 15.66
N THR C 240 -15.62 -29.55 16.43
CA THR C 240 -16.84 -30.16 16.94
C THR C 240 -17.54 -29.22 17.92
N LYS C 241 -18.85 -29.39 18.03
CA LYS C 241 -19.68 -28.54 18.87
C LYS C 241 -19.13 -28.50 20.29
N SER E 2 -32.74 -9.64 -4.60
CA SER E 2 -32.17 -8.97 -5.75
C SER E 2 -32.76 -7.58 -6.00
N GLN E 3 -33.83 -7.22 -5.31
CA GLN E 3 -34.29 -5.84 -5.33
C GLN E 3 -33.35 -5.00 -4.48
N TRP E 4 -32.91 -3.87 -5.01
CA TRP E 4 -32.13 -2.95 -4.21
C TRP E 4 -33.02 -2.29 -3.17
N SER E 5 -32.47 -2.07 -1.97
CA SER E 5 -33.20 -1.42 -0.87
C SER E 5 -32.27 -0.48 -0.10
N LEU E 6 -32.62 0.80 -0.04
CA LEU E 6 -31.82 1.73 0.75
C LEU E 6 -31.86 1.35 2.21
N SER E 7 -33.02 0.96 2.72
CA SER E 7 -33.09 0.53 4.12
C SER E 7 -32.14 -0.63 4.37
N GLN E 8 -32.05 -1.57 3.42
CA GLN E 8 -31.13 -2.69 3.60
C GLN E 8 -29.68 -2.23 3.60
N LEU E 9 -29.31 -1.26 2.76
CA LEU E 9 -27.95 -0.75 2.79
C LEU E 9 -27.61 -0.23 4.18
N LEU E 10 -28.51 0.59 4.75
CA LEU E 10 -28.24 1.20 6.04
C LEU E 10 -28.24 0.15 7.13
N SER E 11 -29.09 -0.86 7.02
N SER E 11 -29.10 -0.87 7.02
CA SER E 11 -29.10 -1.95 8.00
CA SER E 11 -29.10 -1.95 8.00
C SER E 11 -27.80 -2.74 7.94
C SER E 11 -27.78 -2.71 7.95
N SER E 12 -27.31 -3.02 6.74
CA SER E 12 -26.07 -3.79 6.60
C SER E 12 -24.86 -3.04 7.10
N LEU E 13 -24.80 -1.73 6.85
CA LEU E 13 -23.72 -0.93 7.43
C LEU E 13 -23.67 -1.13 8.94
N HIS E 14 -24.82 -1.01 9.59
CA HIS E 14 -24.89 -1.19 11.04
C HIS E 14 -24.57 -2.63 11.42
N GLU E 15 -25.17 -3.61 10.75
CA GLU E 15 -24.96 -5.01 11.13
C GLU E 15 -23.49 -5.39 11.07
N ASP E 16 -22.77 -4.87 10.08
CA ASP E 16 -21.33 -5.12 10.00
C ASP E 16 -20.61 -4.62 11.25
N ILE E 17 -20.91 -3.39 11.68
CA ILE E 17 -20.26 -2.86 12.87
C ILE E 17 -20.60 -3.70 14.11
N GLN E 18 -21.88 -3.96 14.32
CA GLN E 18 -22.29 -4.73 15.49
C GLN E 18 -21.66 -6.11 15.48
N GLN E 19 -21.64 -6.76 14.31
CA GLN E 19 -21.09 -8.11 14.23
C GLN E 19 -19.60 -8.11 14.54
N ARG E 20 -18.86 -7.15 13.98
CA ARG E 20 -17.42 -7.12 14.21
C ARG E 20 -17.13 -6.87 15.69
N LEU E 21 -17.83 -5.91 16.30
CA LEU E 21 -17.62 -5.66 17.72
C LEU E 21 -17.99 -6.87 18.56
N SER E 22 -19.05 -7.60 18.16
CA SER E 22 -19.45 -8.79 18.88
C SER E 22 -18.40 -9.89 18.77
N VAL E 23 -17.84 -10.07 17.58
CA VAL E 23 -16.77 -11.08 17.43
C VAL E 23 -15.58 -10.72 18.31
N VAL E 24 -15.19 -9.44 18.29
CA VAL E 24 -14.05 -8.99 19.09
C VAL E 24 -14.30 -9.29 20.57
N ARG E 25 -15.50 -8.95 21.06
CA ARG E 25 -15.84 -9.10 22.47
C ARG E 25 -15.73 -10.54 22.91
N LYS E 26 -16.22 -11.47 22.11
CA LYS E 26 -16.25 -12.85 22.57
C LYS E 26 -14.98 -13.63 22.25
N THR E 27 -14.12 -13.14 21.38
CA THR E 27 -13.02 -13.95 20.86
C THR E 27 -11.66 -13.57 21.43
N PHE E 28 -11.40 -12.29 21.67
CA PHE E 28 -10.10 -11.87 22.18
C PHE E 28 -10.12 -11.86 23.71
N GLY E 29 -9.35 -12.77 24.31
CA GLY E 29 -9.36 -12.93 25.76
C GLY E 29 -8.61 -11.87 26.51
N HIS E 30 -7.67 -11.28 25.91
CA HIS E 30 -6.80 -10.30 26.54
C HIS E 30 -7.44 -8.91 26.43
N PRO E 31 -7.59 -8.18 27.54
CA PRO E 31 -8.33 -6.90 27.46
C PRO E 31 -7.70 -5.84 26.58
N GLY E 32 -6.38 -5.72 26.58
CA GLY E 32 -5.74 -4.77 25.68
C GLY E 32 -5.98 -5.12 24.22
N THR E 33 -5.86 -6.40 23.89
CA THR E 33 -6.10 -6.85 22.51
C THR E 33 -7.53 -6.56 22.09
N LYS E 34 -8.48 -6.90 22.95
CA LYS E 34 -9.89 -6.62 22.67
C LYS E 34 -10.11 -5.14 22.46
N GLY E 35 -9.53 -4.30 23.31
CA GLY E 35 -9.73 -2.87 23.18
C GLY E 35 -9.13 -2.31 21.89
N ASP E 36 -7.94 -2.76 21.54
CA ASP E 36 -7.31 -2.34 20.29
C ASP E 36 -8.15 -2.75 19.08
N ALA E 37 -8.65 -3.99 19.07
CA ALA E 37 -9.45 -4.45 17.95
C ALA E 37 -10.76 -3.68 17.86
N SER E 38 -11.36 -3.36 19.01
CA SER E 38 -12.62 -2.62 19.03
C SER E 38 -12.40 -1.22 18.49
N GLU E 39 -11.34 -0.55 18.94
CA GLU E 39 -11.03 0.77 18.40
C GLU E 39 -10.81 0.72 16.90
N ASN E 40 -10.16 -0.34 16.43
CA ASN E 40 -9.91 -0.52 15.00
C ASN E 40 -11.22 -0.50 14.22
N VAL E 41 -12.27 -1.13 14.76
CA VAL E 41 -13.57 -1.16 14.08
C VAL E 41 -14.10 0.26 13.93
N TRP E 42 -14.12 1.01 15.03
CA TRP E 42 -14.72 2.35 14.96
C TRP E 42 -13.90 3.27 14.05
N ILE E 43 -12.58 3.21 14.13
CA ILE E 43 -11.74 4.04 13.26
C ILE E 43 -11.95 3.66 11.81
N ASP E 44 -12.01 2.34 11.50
CA ASP E 44 -12.28 1.91 10.14
C ASP E 44 -13.63 2.43 9.64
N MET E 45 -14.66 2.38 10.48
CA MET E 45 -15.96 2.87 10.06
C MET E 45 -15.88 4.34 9.68
N LEU E 46 -15.25 5.14 10.53
CA LEU E 46 -15.18 6.58 10.25
C LEU E 46 -14.27 6.86 9.07
N ASP E 47 -13.13 6.16 8.99
CA ASP E 47 -12.24 6.35 7.84
C ASP E 47 -12.93 5.98 6.55
N THR E 48 -13.79 4.96 6.59
CA THR E 48 -14.43 4.48 5.37
C THR E 48 -15.55 5.42 4.93
N TYR E 49 -16.35 5.92 5.88
CA TYR E 49 -17.60 6.60 5.56
C TYR E 49 -17.57 8.11 5.71
N LEU E 50 -16.80 8.66 6.63
CA LEU E 50 -16.78 10.11 6.74
C LEU E 50 -16.26 10.74 5.44
N PRO E 51 -16.75 11.92 5.09
CA PRO E 51 -16.09 12.72 4.04
C PRO E 51 -14.59 12.80 4.30
N LYS E 52 -13.82 12.82 3.21
CA LYS E 52 -12.36 12.82 3.27
C LYS E 52 -11.76 14.11 3.83
N ARG E 53 -12.55 15.16 4.03
CA ARG E 53 -12.05 16.31 4.79
C ARG E 53 -11.76 15.95 6.24
N TYR E 54 -12.22 14.81 6.72
CA TYR E 54 -12.04 14.37 8.09
C TYR E 54 -11.01 13.24 8.13
N GLN E 55 -10.09 13.32 9.10
CA GLN E 55 -9.25 12.21 9.50
C GLN E 55 -9.77 11.63 10.81
N ALA E 56 -9.55 10.34 11.02
CA ALA E 56 -9.92 9.68 12.27
C ALA E 56 -8.75 8.83 12.70
N ALA E 57 -8.31 9.03 13.95
CA ALA E 57 -7.16 8.28 14.46
C ALA E 57 -7.09 8.43 15.98
N LYS E 58 -6.17 7.71 16.58
CA LYS E 58 -5.77 7.87 17.97
C LYS E 58 -4.67 8.93 18.03
N ALA E 59 -4.78 9.84 18.98
CA ALA E 59 -3.75 10.87 19.12
C ALA E 59 -3.86 11.55 20.48
N HIS E 60 -2.81 12.26 20.83
CA HIS E 60 -2.88 13.31 21.84
C HIS E 60 -3.03 14.65 21.13
N VAL E 61 -3.62 15.60 21.85
CA VAL E 61 -3.79 16.97 21.35
C VAL E 61 -2.92 17.90 22.19
N VAL E 62 -2.27 18.86 21.53
CA VAL E 62 -1.44 19.86 22.21
C VAL E 62 -1.86 21.24 21.72
N ASP E 63 -1.61 22.26 22.54
CA ASP E 63 -1.87 23.64 22.15
C ASP E 63 -0.60 24.49 22.22
N SER E 64 -0.73 25.72 21.72
CA SER E 64 0.40 26.63 21.64
C SER E 64 0.82 27.19 22.98
N LEU E 65 0.09 26.92 24.04
CA LEU E 65 0.50 27.24 25.40
C LEU E 65 1.28 26.10 26.04
N GLY E 66 1.48 25.00 25.32
CA GLY E 66 2.21 23.88 25.83
C GLY E 66 1.39 22.91 26.64
N ASN E 67 0.07 23.00 26.59
CA ASN E 67 -0.79 22.11 27.34
C ASN E 67 -1.26 20.96 26.47
N PHE E 68 -1.44 19.79 27.11
CA PHE E 68 -1.77 18.54 26.42
C PHE E 68 -3.09 17.98 26.92
N SER E 69 -3.86 17.42 26.00
CA SER E 69 -5.03 16.63 26.35
C SER E 69 -4.61 15.27 26.91
N GLN E 70 -5.61 14.52 27.36
CA GLN E 70 -5.42 13.11 27.61
C GLN E 70 -5.30 12.36 26.27
N GLN E 71 -4.94 11.08 26.34
CA GLN E 71 -4.92 10.28 25.12
C GLN E 71 -6.35 10.13 24.58
N ILE E 72 -6.55 10.44 23.31
CA ILE E 72 -7.87 10.33 22.70
C ILE E 72 -7.85 9.13 21.76
N ASN E 73 -8.67 8.12 22.06
CA ASN E 73 -8.58 6.91 21.24
C ASN E 73 -9.30 7.03 19.89
N VAL E 74 -10.27 7.96 19.74
CA VAL E 74 -10.84 8.22 18.43
C VAL E 74 -11.06 9.72 18.34
N VAL E 75 -10.14 10.42 17.69
CA VAL E 75 -10.26 11.84 17.43
C VAL E 75 -10.52 12.04 15.94
N VAL E 76 -11.41 12.99 15.64
CA VAL E 76 -11.72 13.40 14.27
C VAL E 76 -11.14 14.78 14.06
N PHE E 77 -10.33 14.95 13.01
CA PHE E 77 -9.52 16.15 12.88
C PHE E 77 -9.21 16.45 11.43
N ASP E 78 -8.75 17.68 11.19
CA ASP E 78 -8.33 18.13 9.89
C ASP E 78 -6.85 17.88 9.63
N ARG E 79 -6.53 17.46 8.41
CA ARG E 79 -5.16 17.49 7.90
C ARG E 79 -5.04 18.27 6.60
N GLN E 80 -6.15 18.74 6.01
CA GLN E 80 -6.04 19.46 4.74
C GLN E 80 -5.36 20.81 4.92
N TYR E 81 -5.54 21.43 6.08
CA TYR E 81 -5.08 22.77 6.39
C TYR E 81 -4.22 22.81 7.64
N SER E 82 -3.91 21.64 8.23
CA SER E 82 -3.27 21.59 9.53
C SER E 82 -2.10 20.62 9.50
N PRO E 83 -0.96 21.01 10.09
CA PRO E 83 0.15 20.07 10.27
C PRO E 83 -0.11 19.15 11.46
N PHE E 84 0.61 18.04 11.48
CA PHE E 84 0.84 17.41 12.77
C PHE E 84 1.83 18.27 13.55
N ILE E 85 1.77 18.21 14.88
CA ILE E 85 2.85 18.79 15.67
C ILE E 85 4.00 17.79 15.80
N PHE E 86 3.70 16.50 15.95
CA PHE E 86 4.76 15.51 15.99
C PHE E 86 4.14 14.14 15.69
N THR E 87 4.77 13.39 14.81
CA THR E 87 4.37 12.02 14.56
C THR E 87 5.63 11.20 14.38
N TYR E 88 5.69 10.06 15.06
CA TYR E 88 6.93 9.30 15.10
C TYR E 88 6.59 7.87 15.50
N GLU E 89 7.11 6.90 14.74
CA GLU E 89 6.85 5.48 15.02
C GLU E 89 5.35 5.20 15.14
N ASN E 90 4.56 5.88 14.31
CA ASN E 90 3.12 5.71 14.21
C ASN E 90 2.35 6.17 15.43
N GLU E 91 2.93 7.02 16.27
CA GLU E 91 2.19 7.66 17.35
C GLU E 91 2.21 9.17 17.11
N THR E 92 1.13 9.86 17.45
CA THR E 92 0.86 11.16 16.88
C THR E 92 0.31 12.16 17.88
N ILE E 93 0.76 13.41 17.72
CA ILE E 93 0.25 14.55 18.46
C ILE E 93 -0.21 15.61 17.45
N ILE E 94 -1.47 16.02 17.58
CA ILE E 94 -2.10 16.98 16.67
C ILE E 94 -2.32 18.31 17.39
N PRO E 95 -2.34 19.42 16.65
CA PRO E 95 -2.65 20.71 17.29
C PRO E 95 -4.13 20.84 17.59
N ALA E 96 -4.43 21.58 18.64
CA ALA E 96 -5.81 21.73 19.06
C ALA E 96 -6.68 22.33 17.96
N GLU E 97 -6.10 23.22 17.15
CA GLU E 97 -6.85 23.87 16.08
C GLU E 97 -7.33 22.88 15.02
N SER E 98 -6.76 21.67 14.95
CA SER E 98 -7.18 20.70 13.93
C SER E 98 -8.42 19.90 14.35
N VAL E 99 -8.89 20.01 15.60
CA VAL E 99 -9.85 19.04 16.13
C VAL E 99 -11.29 19.40 15.78
N TYR E 100 -12.05 18.39 15.29
CA TYR E 100 -13.49 18.50 15.10
C TYR E 100 -14.31 17.77 16.16
N ALA E 101 -13.85 16.61 16.61
CA ALA E 101 -14.64 15.79 17.52
C ALA E 101 -13.73 14.85 18.29
N VAL E 102 -14.15 14.52 19.51
CA VAL E 102 -13.39 13.72 20.46
C VAL E 102 -14.28 12.61 20.98
N PHE E 103 -13.86 11.36 20.82
CA PHE E 103 -14.61 10.22 21.31
C PHE E 103 -13.77 9.33 22.19
N GLU E 104 -14.42 8.73 23.19
CA GLU E 104 -13.85 7.62 23.95
C GLU E 104 -14.58 6.35 23.53
N ALA E 105 -13.81 5.33 23.15
CA ALA E 105 -14.37 4.04 22.73
C ALA E 105 -13.97 2.98 23.74
N LYS E 106 -14.96 2.21 24.19
CA LYS E 106 -14.74 1.09 25.11
C LYS E 106 -15.83 0.05 24.86
N GLN E 107 -15.64 -1.18 25.34
CA GLN E 107 -16.62 -2.20 25.00
C GLN E 107 -17.97 -1.95 25.69
N THR E 108 -17.97 -1.50 26.95
CA THR E 108 -19.20 -1.42 27.73
C THR E 108 -19.40 -0.07 28.39
N ALA E 109 -20.58 0.52 28.18
CA ALA E 109 -20.96 1.79 28.83
C ALA E 109 -21.39 1.54 30.26
N ASP E 110 -20.89 2.36 31.18
CA ASP E 110 -21.32 2.38 32.57
C ASP E 110 -21.06 3.79 33.10
N ALA E 111 -21.40 4.02 34.37
CA ALA E 111 -21.30 5.38 34.89
C ALA E 111 -19.86 5.87 34.88
N GLY E 112 -18.91 5.00 35.27
CA GLY E 112 -17.51 5.39 35.26
C GLY E 112 -17.00 5.76 33.87
N LEU E 113 -17.42 5.01 32.85
CA LEU E 113 -17.00 5.31 31.48
C LEU E 113 -17.60 6.64 31.00
N VAL E 114 -18.84 6.91 31.32
CA VAL E 114 -19.43 8.17 30.89
C VAL E 114 -18.62 9.33 31.47
N ALA E 115 -18.31 9.26 32.77
CA ALA E 115 -17.57 10.34 33.41
C ALA E 115 -16.16 10.43 32.84
N TYR E 116 -15.54 9.29 32.54
CA TYR E 116 -14.20 9.28 31.93
C TYR E 116 -14.21 9.93 30.56
N ALA E 117 -15.22 9.62 29.75
CA ALA E 117 -15.34 10.25 28.44
C ALA E 117 -15.55 11.75 28.55
N GLN E 118 -16.41 12.18 29.49
CA GLN E 118 -16.62 13.61 29.70
C GLN E 118 -15.32 14.32 30.01
N GLU E 119 -14.47 13.71 30.85
CA GLU E 119 -13.18 14.31 31.20
C GLU E 119 -12.23 14.31 30.01
N LYS E 120 -12.19 13.23 29.21
CA LYS E 120 -11.38 13.23 28.00
C LYS E 120 -11.74 14.42 27.11
N VAL E 121 -13.05 14.59 26.86
CA VAL E 121 -13.54 15.69 26.02
C VAL E 121 -13.15 17.05 26.61
N ALA E 122 -13.35 17.21 27.94
CA ALA E 122 -12.97 18.47 28.58
C ALA E 122 -11.48 18.73 28.43
N SER E 123 -10.65 17.68 28.46
CA SER E 123 -9.20 17.86 28.35
C SER E 123 -8.80 18.44 27.01
N VAL E 124 -9.63 18.27 25.98
CA VAL E 124 -9.40 18.90 24.69
C VAL E 124 -10.02 20.28 24.62
N ARG E 125 -11.25 20.43 25.11
CA ARG E 125 -11.92 21.73 25.00
C ARG E 125 -11.22 22.80 25.83
N ARG E 126 -10.52 22.42 26.90
CA ARG E 126 -9.81 23.38 27.71
C ARG E 126 -8.61 23.98 26.96
N LEU E 127 -8.16 23.33 25.89
CA LEU E 127 -6.97 23.81 25.18
C LEU E 127 -7.27 25.10 24.41
N HIS E 128 -6.23 25.91 24.23
CA HIS E 128 -6.31 27.18 23.52
C HIS E 128 -6.16 26.96 22.03
N ARG E 129 -7.04 27.57 21.24
CA ARG E 129 -7.00 27.48 19.79
C ARG E 129 -6.80 28.87 19.19
N THR E 130 -5.82 28.98 18.29
CA THR E 130 -5.56 30.18 17.53
C THR E 130 -6.46 30.22 16.29
N SER E 131 -6.55 31.41 15.70
CA SER E 131 -7.34 31.60 14.49
C SER E 131 -6.87 32.87 13.78
N LEU E 132 -6.41 32.70 12.54
CA LEU E 132 -5.88 33.80 11.71
C LEU E 132 -6.85 34.18 10.59
N PRO E 133 -6.76 35.40 10.09
CA PRO E 133 -7.48 35.75 8.85
C PRO E 133 -7.13 34.78 7.74
N ILE E 134 -8.11 34.45 6.91
CA ILE E 134 -8.01 33.35 5.96
C ILE E 134 -7.91 33.88 4.53
N PRO E 135 -6.76 33.76 3.88
CA PRO E 135 -6.69 34.09 2.45
C PRO E 135 -7.38 33.02 1.61
N HIS E 136 -8.12 33.48 0.60
CA HIS E 136 -8.89 32.60 -0.26
C HIS E 136 -9.04 33.26 -1.63
N ALA E 137 -9.72 32.57 -2.55
CA ALA E 137 -9.79 33.04 -3.93
C ALA E 137 -10.44 34.41 -4.06
N GLY E 138 -11.33 34.75 -3.16
CA GLY E 138 -12.02 36.03 -3.17
C GLY E 138 -11.40 37.11 -2.34
N GLY E 139 -10.25 36.87 -1.72
CA GLY E 139 -9.59 37.90 -0.93
C GLY E 139 -9.14 37.35 0.40
N THR E 140 -9.61 37.94 1.50
CA THR E 140 -9.27 37.46 2.82
C THR E 140 -10.49 37.52 3.73
N TYR E 141 -10.79 36.43 4.41
CA TYR E 141 -11.82 36.42 5.44
C TYR E 141 -11.23 36.85 6.78
N PRO E 142 -11.99 37.52 7.65
CA PRO E 142 -11.55 37.66 9.04
C PRO E 142 -11.35 36.27 9.63
N ALA E 143 -10.57 36.23 10.70
CA ALA E 143 -10.37 34.98 11.41
C ALA E 143 -11.69 34.32 11.74
N LYS E 144 -11.77 33.01 11.50
CA LYS E 144 -13.02 32.33 11.76
C LYS E 144 -13.22 32.20 13.27
N PRO E 145 -14.44 32.47 13.77
CA PRO E 145 -14.72 32.16 15.18
C PRO E 145 -14.47 30.70 15.47
N LEU E 146 -14.00 30.41 16.68
CA LEU E 146 -13.64 29.04 17.02
C LEU E 146 -14.86 28.13 16.90
N ILE E 147 -14.65 26.95 16.33
CA ILE E 147 -15.73 26.00 16.10
C ILE E 147 -15.98 25.20 17.38
N PRO E 148 -17.18 24.69 17.59
CA PRO E 148 -17.36 23.74 18.69
C PRO E 148 -16.58 22.49 18.39
N ILE E 149 -16.11 21.84 19.44
CA ILE E 149 -15.53 20.50 19.35
C ILE E 149 -16.58 19.55 19.90
N LEU E 150 -17.02 18.62 19.07
CA LEU E 150 -18.04 17.68 19.51
C LEU E 150 -17.41 16.63 20.41
N GLY E 151 -18.16 16.17 21.41
CA GLY E 151 -17.70 15.10 22.29
C GLY E 151 -18.62 13.90 22.20
N GLY E 152 -18.05 12.71 22.44
CA GLY E 152 -18.91 11.53 22.36
C GLY E 152 -18.32 10.27 22.96
N LEU E 153 -19.14 9.21 22.92
N LEU E 153 -19.15 9.23 22.99
CA LEU E 153 -18.83 7.90 23.50
CA LEU E 153 -18.73 7.90 23.47
C LEU E 153 -19.25 6.84 22.50
C LEU E 153 -19.22 6.87 22.48
N LEU E 154 -18.40 5.82 22.32
CA LEU E 154 -18.67 4.71 21.41
C LEU E 154 -18.47 3.42 22.19
N THR E 155 -19.55 2.65 22.37
CA THR E 155 -19.44 1.36 23.02
C THR E 155 -20.22 0.31 22.22
N PHE E 156 -20.01 -0.96 22.61
CA PHE E 156 -20.82 -2.04 22.09
C PHE E 156 -22.01 -2.31 23.00
N GLU E 157 -21.76 -2.49 24.29
CA GLU E 157 -22.78 -2.88 25.24
C GLU E 157 -22.91 -1.82 26.33
N SER E 158 -23.82 -2.11 27.26
CA SER E 158 -24.05 -1.28 28.43
C SER E 158 -24.27 -2.16 29.64
N GLU E 159 -23.83 -1.68 30.80
CA GLU E 159 -24.16 -2.35 32.05
C GLU E 159 -25.65 -2.30 32.31
N TRP E 160 -26.36 -1.33 31.73
CA TRP E 160 -27.79 -1.14 31.94
C TRP E 160 -28.59 -1.78 30.81
N SER E 161 -29.77 -2.27 31.16
CA SER E 161 -30.68 -2.88 30.20
C SER E 161 -32.08 -2.33 30.45
N PRO E 162 -32.63 -1.51 29.55
CA PRO E 162 -32.06 -1.04 28.28
C PRO E 162 -30.85 -0.14 28.50
N ALA E 163 -30.02 -0.06 27.47
CA ALA E 163 -28.80 0.73 27.58
C ALA E 163 -29.10 2.20 27.78
N LEU E 164 -30.13 2.71 27.10
CA LEU E 164 -30.38 4.14 27.05
C LEU E 164 -31.57 4.46 27.95
N GLY E 165 -31.37 4.31 29.25
CA GLY E 165 -32.43 4.50 30.22
C GLY E 165 -32.06 5.48 31.29
N PRO E 166 -32.71 5.40 32.46
CA PRO E 166 -32.52 6.44 33.47
C PRO E 166 -31.08 6.58 33.97
N SER E 167 -30.34 5.49 34.07
CA SER E 167 -28.97 5.58 34.57
C SER E 167 -28.08 6.27 33.56
N MET E 168 -28.23 5.95 32.28
CA MET E 168 -27.46 6.64 31.25
C MET E 168 -27.83 8.12 31.22
N ASP E 169 -29.12 8.42 31.37
CA ASP E 169 -29.55 9.81 31.32
C ASP E 169 -28.97 10.62 32.49
N LYS E 170 -28.93 10.04 33.67
CA LYS E 170 -28.31 10.72 34.81
C LYS E 170 -26.83 10.97 34.52
N ALA E 171 -26.13 9.94 34.02
CA ALA E 171 -24.71 10.08 33.78
C ALA E 171 -24.41 11.17 32.76
N LEU E 172 -25.17 11.20 31.67
CA LEU E 172 -24.97 12.21 30.64
C LEU E 172 -25.29 13.61 31.15
N ASN E 173 -26.40 13.76 31.90
CA ASN E 173 -26.81 15.09 32.34
C ASN E 173 -25.92 15.63 33.45
N ALA E 174 -24.97 14.84 33.96
CA ALA E 174 -24.08 15.33 35.00
C ALA E 174 -23.04 16.31 34.45
N ASN E 175 -22.87 16.38 33.13
CA ASN E 175 -21.90 17.32 32.57
C ASN E 175 -22.44 17.84 31.24
N LEU E 176 -23.01 19.04 31.29
CA LEU E 176 -23.53 19.70 30.10
C LEU E 176 -22.68 20.89 29.69
N THR E 177 -21.50 21.04 30.29
CA THR E 177 -20.59 22.15 29.95
C THR E 177 -19.31 21.64 29.30
N GLU E 178 -18.15 21.81 29.93
CA GLU E 178 -16.89 21.50 29.24
C GLU E 178 -16.77 20.03 28.89
N GLY E 179 -17.44 19.16 29.63
CA GLY E 179 -17.35 17.75 29.34
C GLY E 179 -18.56 17.20 28.61
N ARG E 180 -19.38 18.05 28.01
CA ARG E 180 -20.63 17.58 27.43
C ARG E 180 -20.40 16.62 26.28
N LEU E 181 -21.08 15.48 26.33
CA LEU E 181 -21.09 14.54 25.22
C LEU E 181 -22.27 14.89 24.31
N ASP E 182 -21.96 15.17 23.05
CA ASP E 182 -22.96 15.59 22.10
C ASP E 182 -23.58 14.45 21.33
N ILE E 183 -22.91 13.30 21.25
CA ILE E 183 -23.35 12.24 20.38
C ILE E 183 -22.69 10.95 20.86
N GLY E 184 -23.40 9.84 20.74
CA GLY E 184 -22.82 8.57 21.13
C GLY E 184 -23.56 7.41 20.54
N CYS E 185 -22.91 6.25 20.60
CA CYS E 185 -23.47 5.02 20.07
C CYS E 185 -23.17 3.88 21.03
N VAL E 186 -24.21 3.11 21.36
CA VAL E 186 -24.09 1.81 22.03
C VAL E 186 -24.54 0.81 20.98
N ALA E 187 -23.57 0.19 20.28
CA ALA E 187 -23.86 -0.47 19.01
C ALA E 187 -24.91 -1.56 19.11
N ALA E 188 -24.96 -2.30 20.21
CA ALA E 188 -25.96 -3.35 20.38
C ALA E 188 -27.33 -2.82 20.74
N HIS E 189 -27.49 -1.51 20.95
CA HIS E 189 -28.73 -0.99 21.51
C HIS E 189 -29.31 0.26 20.89
N GLY E 190 -28.52 1.29 20.60
CA GLY E 190 -29.09 2.54 20.15
C GLY E 190 -28.05 3.65 20.10
N HIS E 191 -28.55 4.87 19.88
CA HIS E 191 -27.67 6.02 19.83
C HIS E 191 -28.35 7.18 20.53
N PHE E 192 -27.55 8.19 20.89
CA PHE E 192 -28.04 9.39 21.55
C PHE E 192 -27.36 10.62 20.98
N PHE E 193 -28.03 11.76 21.13
CA PHE E 193 -27.41 13.04 20.81
C PHE E 193 -28.02 14.10 21.70
N TYR E 194 -27.23 15.14 21.95
CA TYR E 194 -27.69 16.29 22.72
C TYR E 194 -28.32 17.30 21.78
N ASP E 195 -29.58 17.65 22.04
CA ASP E 195 -30.32 18.60 21.24
C ASP E 195 -30.20 19.97 21.89
N GLN E 196 -29.44 20.87 21.27
CA GLN E 196 -29.18 22.16 21.87
C GLN E 196 -30.43 23.03 21.88
N ALA E 197 -31.28 22.91 20.87
CA ALA E 197 -32.51 23.69 20.84
C ALA E 197 -33.39 23.38 22.03
N SER E 198 -33.56 22.09 22.34
CA SER E 198 -34.42 21.69 23.44
C SER E 198 -33.69 21.60 24.77
N GLY E 199 -32.35 21.59 24.76
CA GLY E 199 -31.59 21.47 25.98
C GLY E 199 -31.59 20.10 26.62
N ALA E 200 -31.83 19.03 25.84
CA ALA E 200 -31.94 17.71 26.43
C ALA E 200 -31.42 16.66 25.45
N TYR E 201 -31.15 15.48 25.99
CA TYR E 201 -30.73 14.36 25.17
C TYR E 201 -31.91 13.72 24.44
N SER E 202 -31.64 13.27 23.23
CA SER E 202 -32.57 12.47 22.45
C SER E 202 -31.98 11.07 22.34
N TYR E 203 -32.80 10.05 22.57
CA TYR E 203 -32.38 8.66 22.54
C TYR E 203 -33.19 7.89 21.51
N THR E 204 -32.53 7.02 20.75
CA THR E 204 -33.19 6.12 19.82
C THR E 204 -32.69 4.70 20.04
N ASN E 205 -33.61 3.78 20.26
CA ASN E 205 -33.29 2.37 20.40
C ASN E 205 -33.46 1.67 19.05
N GLU E 206 -32.58 0.71 18.79
CA GLU E 206 -32.59 -0.05 17.53
C GLU E 206 -32.46 0.94 16.37
N ASN E 207 -33.12 0.68 15.24
CA ASN E 207 -33.10 1.59 14.09
C ASN E 207 -31.68 1.86 13.63
N LYS E 208 -30.90 0.78 13.56
CA LYS E 208 -29.57 0.75 12.96
C LYS E 208 -28.60 1.67 13.66
N PRO E 209 -28.30 1.40 14.94
CA PRO E 209 -27.57 2.39 15.75
C PRO E 209 -26.27 2.96 15.17
N ALA E 210 -25.40 2.14 14.59
CA ALA E 210 -24.13 2.70 14.14
C ALA E 210 -24.33 3.59 12.93
N THR E 211 -25.29 3.25 12.07
CA THR E 211 -25.60 4.10 10.92
C THR E 211 -26.26 5.38 11.38
N ALA E 212 -27.20 5.27 12.33
CA ALA E 212 -27.81 6.47 12.88
C ALA E 212 -26.77 7.41 13.49
N PHE E 213 -25.83 6.85 14.24
CA PHE E 213 -24.73 7.64 14.80
C PHE E 213 -23.92 8.30 13.69
N LEU E 214 -23.50 7.52 12.70
CA LEU E 214 -22.69 8.06 11.60
C LEU E 214 -23.39 9.22 10.92
N PHE E 215 -24.69 9.06 10.62
CA PHE E 215 -25.40 10.11 9.88
C PHE E 215 -25.58 11.35 10.75
N LYS E 216 -25.84 11.17 12.04
CA LYS E 216 -25.98 12.34 12.92
C LYS E 216 -24.65 13.06 13.04
N LEU E 217 -23.56 12.30 13.16
CA LEU E 217 -22.24 12.92 13.22
C LEU E 217 -21.93 13.73 11.97
N ILE E 218 -22.18 13.17 10.78
CA ILE E 218 -21.92 13.93 9.54
C ILE E 218 -22.71 15.23 9.53
N ALA E 219 -24.01 15.14 9.88
CA ALA E 219 -24.85 16.34 9.85
C ALA E 219 -24.39 17.37 10.89
N GLN E 220 -24.04 16.93 12.10
CA GLN E 220 -23.55 17.85 13.10
C GLN E 220 -22.26 18.49 12.66
N LEU E 221 -21.35 17.70 12.10
CA LEU E 221 -20.06 18.23 11.69
C LEU E 221 -20.21 19.28 10.60
N GLN E 222 -21.20 19.13 9.71
CA GLN E 222 -21.34 20.10 8.63
C GLN E 222 -21.45 21.51 9.18
N PHE E 223 -22.10 21.69 10.33
CA PHE E 223 -22.25 23.04 10.87
C PHE E 223 -20.91 23.67 11.24
N SER E 224 -19.91 22.86 11.57
CA SER E 224 -18.60 23.37 11.94
C SER E 224 -17.79 23.85 10.75
N GLY E 225 -18.18 23.49 9.53
CA GLY E 225 -17.34 23.89 8.42
C GLY E 225 -15.95 23.35 8.58
N THR E 226 -14.97 24.10 8.07
CA THR E 226 -13.58 23.70 8.23
C THR E 226 -13.00 24.38 9.48
N VAL E 227 -11.99 23.72 10.07
CA VAL E 227 -11.30 24.29 11.21
C VAL E 227 -10.80 25.70 10.93
N PRO E 228 -10.70 26.57 11.94
CA PRO E 228 -10.09 27.88 11.73
C PRO E 228 -8.63 27.70 11.31
N MET E 229 -8.06 28.78 10.77
CA MET E 229 -6.69 28.74 10.26
C MET E 229 -5.69 28.88 11.41
N ILE E 230 -4.85 27.85 11.54
CA ILE E 230 -3.91 27.77 12.65
C ILE E 230 -2.80 28.81 12.49
N ASP E 231 -2.37 29.37 13.63
CA ASP E 231 -1.16 30.19 13.70
C ASP E 231 -0.03 29.29 14.17
N VAL E 232 0.69 28.70 13.22
CA VAL E 232 1.75 27.77 13.61
C VAL E 232 2.89 28.51 14.31
N GLU E 233 3.06 29.79 14.03
CA GLU E 233 4.12 30.55 14.68
C GLU E 233 3.82 30.74 16.17
N ALA E 234 2.58 30.56 16.59
CA ALA E 234 2.32 30.54 18.04
C ALA E 234 2.98 29.33 18.67
N TYR E 235 3.00 28.21 17.95
CA TYR E 235 3.73 27.04 18.42
C TYR E 235 5.23 27.28 18.36
N GLY E 236 5.67 28.03 17.35
CA GLY E 236 7.09 28.34 17.18
C GLY E 236 7.69 29.10 18.34
N GLN E 237 6.88 29.69 19.21
CA GLN E 237 7.47 30.34 20.37
C GLN E 237 8.24 29.35 21.23
N TRP E 238 7.96 28.06 21.13
CA TRP E 238 8.61 27.03 21.92
C TRP E 238 9.89 26.50 21.28
N LEU E 239 10.30 27.08 20.14
CA LEU E 239 11.58 26.74 19.53
C LEU E 239 12.76 27.31 20.31
N THR E 240 12.53 28.34 21.13
CA THR E 240 13.58 29.03 21.85
C THR E 240 13.61 28.71 23.34
N LYS E 241 12.63 27.96 23.84
CA LYS E 241 12.53 27.67 25.27
C LYS E 241 12.04 26.24 25.48
N SER F 2 15.88 13.92 -25.77
CA SER F 2 16.83 14.95 -25.35
C SER F 2 16.15 16.30 -25.11
N GLN F 3 15.48 16.86 -26.11
CA GLN F 3 14.75 18.10 -25.94
C GLN F 3 13.35 17.80 -25.38
N TRP F 4 12.95 18.59 -24.40
CA TRP F 4 11.58 18.48 -23.90
C TRP F 4 10.61 19.06 -24.92
N SER F 5 9.42 18.46 -25.03
CA SER F 5 8.40 18.94 -25.95
C SER F 5 7.04 18.75 -25.32
N LEU F 6 6.29 19.86 -25.13
CA LEU F 6 4.93 19.74 -24.59
C LEU F 6 4.05 18.95 -25.55
N SER F 7 4.19 19.18 -26.86
N SER F 7 4.20 19.17 -26.86
CA SER F 7 3.47 18.38 -27.84
CA SER F 7 3.42 18.37 -27.81
C SER F 7 3.71 16.90 -27.61
C SER F 7 3.70 16.88 -27.60
N GLN F 8 4.95 16.52 -27.35
CA GLN F 8 5.27 15.10 -27.14
C GLN F 8 4.66 14.57 -25.85
N LEU F 9 4.65 15.35 -24.77
CA LEU F 9 3.98 14.91 -23.55
C LEU F 9 2.52 14.55 -23.83
N LEU F 10 1.81 15.42 -24.56
CA LEU F 10 0.41 15.20 -24.79
C LEU F 10 0.19 14.02 -25.74
N SER F 11 1.09 13.86 -26.70
N SER F 11 1.07 13.88 -26.73
CA SER F 11 1.00 12.73 -27.62
CA SER F 11 1.01 12.72 -27.62
C SER F 11 1.25 11.41 -26.88
C SER F 11 1.18 11.44 -26.82
N SER F 12 2.23 11.40 -25.98
CA SER F 12 2.52 10.16 -25.25
C SER F 12 1.40 9.79 -24.28
N LEU F 13 0.77 10.79 -23.65
CA LEU F 13 -0.37 10.49 -22.79
C LEU F 13 -1.44 9.72 -23.58
N HIS F 14 -1.81 10.24 -24.75
CA HIS F 14 -2.81 9.59 -25.56
C HIS F 14 -2.33 8.23 -26.07
N GLU F 15 -1.10 8.19 -26.56
CA GLU F 15 -0.58 6.97 -27.16
C GLU F 15 -0.57 5.83 -26.14
N ASP F 16 -0.31 6.15 -24.88
CA ASP F 16 -0.31 5.14 -23.82
C ASP F 16 -1.71 4.54 -23.67
N ILE F 17 -2.75 5.38 -23.66
CA ILE F 17 -4.12 4.88 -23.53
C ILE F 17 -4.48 4.03 -24.74
N GLN F 18 -4.21 4.53 -25.95
CA GLN F 18 -4.57 3.78 -27.15
C GLN F 18 -3.84 2.45 -27.17
N GLN F 19 -2.55 2.44 -26.81
CA GLN F 19 -1.77 1.20 -26.81
C GLN F 19 -2.35 0.20 -25.82
N ARG F 20 -2.67 0.66 -24.61
CA ARG F 20 -3.18 -0.26 -23.59
C ARG F 20 -4.53 -0.85 -24.01
N LEU F 21 -5.42 -0.01 -24.52
CA LEU F 21 -6.70 -0.53 -24.98
C LEU F 21 -6.52 -1.49 -26.14
N SER F 22 -5.55 -1.21 -27.02
N SER F 22 -5.55 -1.21 -27.02
CA SER F 22 -5.30 -2.10 -28.15
CA SER F 22 -5.31 -2.12 -28.15
C SER F 22 -4.74 -3.44 -27.69
C SER F 22 -4.75 -3.45 -27.69
N VAL F 23 -3.86 -3.43 -26.71
CA VAL F 23 -3.32 -4.70 -26.18
C VAL F 23 -4.46 -5.52 -25.56
N VAL F 24 -5.31 -4.87 -24.76
CA VAL F 24 -6.42 -5.56 -24.13
C VAL F 24 -7.31 -6.20 -25.19
N ARG F 25 -7.63 -5.45 -26.25
CA ARG F 25 -8.56 -5.94 -27.27
C ARG F 25 -8.05 -7.21 -27.94
N LYS F 26 -6.76 -7.28 -28.22
CA LYS F 26 -6.27 -8.40 -28.99
C LYS F 26 -5.77 -9.54 -28.12
N THR F 27 -5.59 -9.31 -26.81
CA THR F 27 -4.91 -10.32 -26.00
C THR F 27 -5.83 -11.13 -25.10
N PHE F 28 -6.89 -10.52 -24.56
CA PHE F 28 -7.78 -11.22 -23.63
C PHE F 28 -8.95 -11.83 -24.41
N GLY F 29 -9.01 -13.15 -24.45
CA GLY F 29 -10.03 -13.82 -25.24
C GLY F 29 -11.42 -13.76 -24.61
N HIS F 30 -11.49 -13.76 -23.29
CA HIS F 30 -12.74 -13.86 -22.55
C HIS F 30 -13.37 -12.47 -22.50
N PRO F 31 -14.65 -12.33 -22.89
CA PRO F 31 -15.22 -10.98 -22.95
C PRO F 31 -15.28 -10.27 -21.61
N GLY F 32 -15.59 -10.96 -20.53
CA GLY F 32 -15.63 -10.31 -19.24
C GLY F 32 -14.27 -9.81 -18.80
N THR F 33 -13.23 -10.63 -19.00
CA THR F 33 -11.86 -10.22 -18.70
C THR F 33 -11.45 -9.01 -19.53
N LYS F 34 -11.73 -9.04 -20.83
CA LYS F 34 -11.42 -7.90 -21.69
C LYS F 34 -12.15 -6.64 -21.24
N GLY F 35 -13.44 -6.74 -20.90
CA GLY F 35 -14.19 -5.58 -20.43
C GLY F 35 -13.64 -5.02 -19.12
N ASP F 36 -13.28 -5.90 -18.18
CA ASP F 36 -12.73 -5.43 -16.92
C ASP F 36 -11.38 -4.71 -17.14
N ALA F 37 -10.51 -5.29 -17.99
CA ALA F 37 -9.22 -4.68 -18.26
C ALA F 37 -9.37 -3.34 -18.96
N SER F 38 -10.34 -3.23 -19.88
CA SER F 38 -10.55 -1.97 -20.60
C SER F 38 -11.04 -0.89 -19.63
N GLU F 39 -12.00 -1.23 -18.77
CA GLU F 39 -12.47 -0.30 -17.75
C GLU F 39 -11.33 0.14 -16.86
N ASN F 40 -10.43 -0.79 -16.52
CA ASN F 40 -9.28 -0.47 -15.69
C ASN F 40 -8.43 0.62 -16.31
N VAL F 41 -8.24 0.58 -17.64
CA VAL F 41 -7.45 1.62 -18.31
C VAL F 41 -8.09 2.99 -18.10
N TRP F 42 -9.39 3.10 -18.37
CA TRP F 42 -10.04 4.39 -18.28
C TRP F 42 -10.06 4.92 -16.85
N ILE F 43 -10.34 4.03 -15.89
CA ILE F 43 -10.33 4.45 -14.48
C ILE F 43 -8.94 4.88 -14.06
N ASP F 44 -7.90 4.15 -14.47
CA ASP F 44 -6.53 4.53 -14.16
C ASP F 44 -6.20 5.89 -14.76
N MET F 45 -6.63 6.15 -15.99
CA MET F 45 -6.35 7.44 -16.61
C MET F 45 -6.96 8.59 -15.80
N LEU F 46 -8.23 8.45 -15.41
CA LEU F 46 -8.91 9.50 -14.67
C LEU F 46 -8.34 9.64 -13.27
N ASP F 47 -8.06 8.52 -12.61
CA ASP F 47 -7.50 8.56 -11.27
C ASP F 47 -6.11 9.18 -11.29
N THR F 48 -5.35 8.96 -12.35
CA THR F 48 -4.01 9.51 -12.44
C THR F 48 -4.03 10.99 -12.74
N TYR F 49 -4.88 11.44 -13.67
CA TYR F 49 -4.76 12.79 -14.19
C TYR F 49 -5.78 13.78 -13.66
N LEU F 50 -7.01 13.37 -13.32
CA LEU F 50 -7.95 14.33 -12.79
C LEU F 50 -7.44 14.94 -11.49
N PRO F 51 -7.78 16.20 -11.23
CA PRO F 51 -7.59 16.75 -9.88
C PRO F 51 -8.14 15.82 -8.82
N LYS F 52 -7.48 15.84 -7.66
CA LYS F 52 -7.80 14.94 -6.56
C LYS F 52 -9.14 15.25 -5.92
N ARG F 53 -9.77 16.40 -6.24
CA ARG F 53 -11.14 16.59 -5.78
C ARG F 53 -12.12 15.61 -6.42
N TYR F 54 -11.70 14.91 -7.46
CA TYR F 54 -12.54 13.93 -8.15
C TYR F 54 -12.08 12.52 -7.82
N GLN F 55 -13.06 11.67 -7.55
CA GLN F 55 -12.86 10.24 -7.51
C GLN F 55 -13.41 9.64 -8.80
N ALA F 56 -12.83 8.51 -9.23
CA ALA F 56 -13.33 7.78 -10.40
C ALA F 56 -13.39 6.31 -10.03
N ALA F 57 -14.56 5.70 -10.19
CA ALA F 57 -14.72 4.29 -9.84
C ALA F 57 -15.99 3.73 -10.46
N LYS F 58 -16.17 2.43 -10.34
CA LYS F 58 -17.43 1.77 -10.67
C LYS F 58 -18.32 1.85 -9.45
N ALA F 59 -19.60 2.14 -9.65
CA ALA F 59 -20.52 2.21 -8.51
C ALA F 59 -21.95 2.17 -8.99
N HIS F 60 -22.86 1.89 -8.05
CA HIS F 60 -24.25 2.25 -8.19
C HIS F 60 -24.50 3.55 -7.44
N VAL F 61 -25.53 4.28 -7.86
CA VAL F 61 -25.92 5.54 -7.24
C VAL F 61 -27.30 5.36 -6.63
N VAL F 62 -27.52 5.92 -5.44
CA VAL F 62 -28.81 5.85 -4.74
C VAL F 62 -29.17 7.27 -4.34
N ASP F 63 -30.46 7.51 -4.13
CA ASP F 63 -30.91 8.79 -3.64
C ASP F 63 -31.71 8.65 -2.34
N SER F 64 -32.07 9.80 -1.76
CA SER F 64 -32.77 9.81 -0.48
C SER F 64 -34.21 9.39 -0.58
N LEU F 65 -34.72 9.15 -1.78
CA LEU F 65 -36.05 8.55 -1.96
C LEU F 65 -35.97 7.04 -2.12
N GLY F 66 -34.77 6.48 -1.98
CA GLY F 66 -34.60 5.03 -2.10
C GLY F 66 -34.52 4.51 -3.52
N ASN F 67 -34.34 5.37 -4.50
CA ASN F 67 -34.22 4.96 -5.88
C ASN F 67 -32.75 4.78 -6.24
N PHE F 68 -32.51 3.86 -7.16
CA PHE F 68 -31.14 3.48 -7.54
C PHE F 68 -30.96 3.65 -9.05
N SER F 69 -29.75 4.03 -9.42
CA SER F 69 -29.34 4.01 -10.81
C SER F 69 -29.05 2.58 -11.27
N GLN F 70 -28.77 2.44 -12.57
CA GLN F 70 -28.11 1.25 -13.09
C GLN F 70 -26.65 1.22 -12.62
N GLN F 71 -25.97 0.10 -12.89
CA GLN F 71 -24.55 0.03 -12.57
C GLN F 71 -23.79 0.97 -13.51
N ILE F 72 -22.93 1.81 -12.94
CA ILE F 72 -22.16 2.77 -13.71
C ILE F 72 -20.71 2.33 -13.70
N ASN F 73 -20.16 2.00 -14.87
CA ASN F 73 -18.81 1.45 -14.85
C ASN F 73 -17.74 2.50 -14.65
N VAL F 74 -18.00 3.78 -14.98
CA VAL F 74 -17.04 4.84 -14.64
C VAL F 74 -17.83 6.06 -14.17
N VAL F 75 -17.89 6.28 -12.85
CA VAL F 75 -18.54 7.47 -12.28
C VAL F 75 -17.46 8.36 -11.69
N VAL F 76 -17.61 9.67 -11.88
CA VAL F 76 -16.70 10.67 -11.34
C VAL F 76 -17.51 11.39 -10.26
N PHE F 77 -16.98 11.40 -9.03
CA PHE F 77 -17.77 11.83 -7.89
C PHE F 77 -16.90 12.43 -6.80
N ASP F 78 -17.57 13.08 -5.86
CA ASP F 78 -16.92 13.69 -4.72
C ASP F 78 -16.86 12.74 -3.54
N ARG F 79 -15.73 12.77 -2.84
CA ARG F 79 -15.60 12.18 -1.52
C ARG F 79 -15.10 13.15 -0.46
N GLN F 80 -14.71 14.36 -0.83
CA GLN F 80 -14.19 15.32 0.14
C GLN F 80 -15.27 15.80 1.11
N TYR F 81 -16.53 15.87 0.62
CA TYR F 81 -17.69 16.40 1.35
C TYR F 81 -18.85 15.42 1.36
N SER F 82 -18.63 14.18 0.91
CA SER F 82 -19.74 13.25 0.73
C SER F 82 -19.36 11.90 1.30
N PRO F 83 -20.27 11.25 2.02
CA PRO F 83 -20.04 9.87 2.46
C PRO F 83 -20.33 8.91 1.31
N PHE F 84 -19.80 7.70 1.43
CA PHE F 84 -20.45 6.59 0.74
C PHE F 84 -21.76 6.30 1.46
N ILE F 85 -22.74 5.73 0.74
CA ILE F 85 -23.90 5.16 1.42
C ILE F 85 -23.62 3.74 1.87
N PHE F 86 -22.92 2.93 1.07
CA PHE F 86 -22.53 1.59 1.47
C PHE F 86 -21.36 1.15 0.62
N THR F 87 -20.33 0.60 1.26
CA THR F 87 -19.21 0.02 0.53
C THR F 87 -18.79 -1.23 1.31
N TYR F 88 -18.62 -2.34 0.60
CA TYR F 88 -18.47 -3.63 1.27
C TYR F 88 -17.86 -4.58 0.26
N GLU F 89 -16.79 -5.26 0.65
CA GLU F 89 -16.11 -6.24 -0.21
C GLU F 89 -15.74 -5.62 -1.56
N ASN F 90 -15.38 -4.34 -1.53
CA ASN F 90 -14.89 -3.59 -2.66
C ASN F 90 -15.97 -3.27 -3.70
N GLU F 91 -17.23 -3.34 -3.31
CA GLU F 91 -18.34 -2.87 -4.16
C GLU F 91 -19.05 -1.73 -3.44
N THR F 92 -19.56 -0.76 -4.22
CA THR F 92 -19.85 0.55 -3.66
C THR F 92 -21.11 1.19 -4.19
N ILE F 93 -21.82 1.87 -3.29
CA ILE F 93 -23.01 2.66 -3.63
C ILE F 93 -22.77 4.07 -3.10
N ILE F 94 -22.86 5.05 -3.99
CA ILE F 94 -22.66 6.45 -3.65
C ILE F 94 -23.97 7.21 -3.67
N PRO F 95 -24.08 8.30 -2.91
CA PRO F 95 -25.28 9.15 -2.99
C PRO F 95 -25.29 10.00 -4.24
N ALA F 96 -26.52 10.27 -4.74
CA ALA F 96 -26.66 11.03 -5.97
C ALA F 96 -26.01 12.40 -5.85
N GLU F 97 -26.02 12.99 -4.64
CA GLU F 97 -25.43 14.32 -4.44
C GLU F 97 -23.93 14.35 -4.68
N SER F 98 -23.26 13.20 -4.69
CA SER F 98 -21.81 13.19 -4.90
C SER F 98 -21.41 13.21 -6.36
N VAL F 99 -22.32 13.06 -7.29
CA VAL F 99 -21.97 12.74 -8.67
C VAL F 99 -21.66 13.98 -9.50
N TYR F 100 -20.53 13.93 -10.23
CA TYR F 100 -20.17 14.94 -11.22
C TYR F 100 -20.40 14.49 -12.65
N ALA F 101 -20.09 13.24 -12.97
CA ALA F 101 -20.18 12.75 -14.33
C ALA F 101 -20.37 11.25 -14.32
N VAL F 102 -21.00 10.74 -15.39
CA VAL F 102 -21.39 9.34 -15.55
C VAL F 102 -20.95 8.90 -16.94
N PHE F 103 -20.17 7.81 -17.01
CA PHE F 103 -19.70 7.28 -18.28
C PHE F 103 -20.02 5.80 -18.39
N GLU F 104 -20.28 5.38 -19.63
CA GLU F 104 -20.30 3.97 -20.02
C GLU F 104 -19.07 3.72 -20.88
N ALA F 105 -18.30 2.69 -20.53
CA ALA F 105 -17.07 2.33 -21.23
C ALA F 105 -17.23 0.94 -21.82
N LYS F 106 -16.97 0.81 -23.12
CA LYS F 106 -17.02 -0.46 -23.85
C LYS F 106 -15.97 -0.42 -24.95
N GLN F 107 -15.63 -1.57 -25.53
CA GLN F 107 -14.54 -1.56 -26.51
C GLN F 107 -14.97 -0.84 -27.80
N THR F 108 -16.21 -1.00 -28.25
CA THR F 108 -16.60 -0.54 -29.58
C THR F 108 -17.90 0.25 -29.54
N ALA F 109 -17.88 1.43 -30.17
CA ALA F 109 -19.08 2.25 -30.29
C ALA F 109 -19.97 1.76 -31.43
N ASP F 110 -21.26 1.71 -31.16
CA ASP F 110 -22.28 1.41 -32.17
C ASP F 110 -23.61 1.95 -31.66
N ALA F 111 -24.65 1.82 -32.47
CA ALA F 111 -25.92 2.44 -32.13
C ALA F 111 -26.46 1.90 -30.82
N GLY F 112 -26.38 0.59 -30.61
CA GLY F 112 -26.87 0.00 -29.37
C GLY F 112 -26.14 0.55 -28.16
N LEU F 113 -24.84 0.74 -28.27
CA LEU F 113 -24.07 1.20 -27.13
C LEU F 113 -24.39 2.65 -26.83
N VAL F 114 -24.57 3.48 -27.86
CA VAL F 114 -24.90 4.89 -27.59
C VAL F 114 -26.22 4.97 -26.82
N ALA F 115 -27.22 4.19 -27.25
CA ALA F 115 -28.51 4.18 -26.57
C ALA F 115 -28.38 3.63 -25.15
N TYR F 116 -27.53 2.61 -24.97
CA TYR F 116 -27.30 2.04 -23.64
C TYR F 116 -26.65 3.04 -22.71
N ALA F 117 -25.64 3.76 -23.21
CA ALA F 117 -25.01 4.81 -22.41
C ALA F 117 -25.98 5.93 -22.06
N GLN F 118 -26.83 6.33 -23.02
CA GLN F 118 -27.86 7.32 -22.75
C GLN F 118 -28.78 6.85 -21.62
N GLU F 119 -29.18 5.58 -21.63
CA GLU F 119 -30.03 5.08 -20.56
C GLU F 119 -29.31 5.07 -19.22
N LYS F 120 -28.01 4.71 -19.20
CA LYS F 120 -27.26 4.72 -17.94
C LYS F 120 -27.26 6.12 -17.34
N VAL F 121 -26.95 7.11 -18.16
CA VAL F 121 -26.91 8.51 -17.69
C VAL F 121 -28.29 8.93 -17.18
N ALA F 122 -29.34 8.65 -17.94
CA ALA F 122 -30.69 8.99 -17.50
C ALA F 122 -31.01 8.35 -16.16
N SER F 123 -30.52 7.12 -15.93
CA SER F 123 -30.84 6.44 -14.68
C SER F 123 -30.23 7.15 -13.47
N VAL F 124 -29.18 7.94 -13.68
CA VAL F 124 -28.61 8.76 -12.62
C VAL F 124 -29.28 10.14 -12.55
N ARG F 125 -29.56 10.75 -13.71
CA ARG F 125 -30.14 12.08 -13.70
C ARG F 125 -31.55 12.07 -13.13
N ARG F 126 -32.27 10.94 -13.23
CA ARG F 126 -33.61 10.88 -12.67
C ARG F 126 -33.62 10.94 -11.13
N LEU F 127 -32.48 10.69 -10.51
CA LEU F 127 -32.41 10.63 -9.05
C LEU F 127 -32.51 12.02 -8.43
N HIS F 128 -33.06 12.05 -7.21
CA HIS F 128 -33.25 13.30 -6.50
C HIS F 128 -31.98 13.67 -5.74
N ARG F 129 -31.62 14.94 -5.80
CA ARG F 129 -30.45 15.47 -5.12
C ARG F 129 -30.85 16.59 -4.18
N THR F 130 -30.46 16.45 -2.90
CA THR F 130 -30.67 17.48 -1.89
C THR F 130 -29.55 18.52 -1.96
N SER F 131 -29.80 19.66 -1.30
CA SER F 131 -28.82 20.74 -1.25
C SER F 131 -29.16 21.63 -0.06
N LEU F 132 -28.23 21.70 0.91
CA LEU F 132 -28.40 22.50 2.12
C LEU F 132 -27.57 23.79 2.10
N PRO F 133 -27.97 24.81 2.85
CA PRO F 133 -27.10 25.97 3.06
C PRO F 133 -25.75 25.52 3.56
N ILE F 134 -24.69 26.18 3.09
CA ILE F 134 -23.32 25.69 3.23
C ILE F 134 -22.56 26.53 4.26
N PRO F 135 -22.25 25.98 5.43
CA PRO F 135 -21.36 26.69 6.35
C PRO F 135 -19.93 26.70 5.82
N HIS F 136 -19.27 27.86 5.97
CA HIS F 136 -17.91 28.05 5.52
C HIS F 136 -17.25 29.12 6.38
N ALA F 137 -16.01 29.45 6.01
CA ALA F 137 -15.21 30.36 6.85
C ALA F 137 -15.87 31.72 6.99
N GLY F 138 -16.57 32.17 5.95
CA GLY F 138 -17.21 33.47 5.95
C GLY F 138 -18.63 33.54 6.45
N GLY F 139 -19.22 32.42 6.88
CA GLY F 139 -20.58 32.39 7.35
C GLY F 139 -21.34 31.20 6.79
N THR F 140 -22.48 31.45 6.14
CA THR F 140 -23.28 30.41 5.51
C THR F 140 -23.73 30.88 4.14
N TYR F 141 -23.43 30.10 3.11
CA TYR F 141 -23.94 30.35 1.79
C TYR F 141 -25.36 29.84 1.68
N PRO F 142 -26.18 30.44 0.80
CA PRO F 142 -27.42 29.77 0.41
C PRO F 142 -27.12 28.41 -0.17
N ALA F 143 -28.11 27.51 -0.10
CA ALA F 143 -27.95 26.20 -0.73
C ALA F 143 -27.52 26.35 -2.19
N LYS F 144 -26.51 25.57 -2.59
CA LYS F 144 -26.00 25.73 -3.94
C LYS F 144 -27.02 25.20 -4.94
N PRO F 145 -27.33 25.93 -5.99
CA PRO F 145 -28.18 25.35 -7.04
C PRO F 145 -27.56 24.09 -7.62
N LEU F 146 -28.44 23.13 -7.95
CA LEU F 146 -27.95 21.86 -8.46
C LEU F 146 -27.24 22.08 -9.78
N ILE F 147 -26.14 21.40 -10.06
N ILE F 147 -26.13 21.35 -9.87
CA ILE F 147 -25.64 21.57 -11.43
CA ILE F 147 -25.14 21.23 -10.92
C ILE F 147 -25.79 20.27 -12.22
C ILE F 147 -25.66 20.18 -11.90
N PRO F 148 -26.08 20.33 -13.53
N PRO F 148 -25.41 20.34 -13.18
CA PRO F 148 -26.28 19.07 -14.26
CA PRO F 148 -25.79 19.29 -14.12
C PRO F 148 -25.05 18.17 -14.25
C PRO F 148 -24.85 18.11 -13.92
N ILE F 149 -25.34 16.89 -14.15
CA ILE F 149 -24.41 15.76 -14.16
C ILE F 149 -24.00 15.53 -15.61
N LEU F 150 -22.69 15.47 -15.85
CA LEU F 150 -22.22 15.22 -17.22
C LEU F 150 -22.42 13.75 -17.57
N GLY F 151 -22.80 13.49 -18.83
CA GLY F 151 -22.94 12.13 -19.31
C GLY F 151 -21.95 11.86 -20.43
N GLY F 152 -21.48 10.60 -20.50
CA GLY F 152 -20.47 10.33 -21.53
C GLY F 152 -20.32 8.87 -21.91
N LEU F 153 -19.49 8.66 -22.93
CA LEU F 153 -19.20 7.35 -23.49
C LEU F 153 -17.71 7.27 -23.76
N LEU F 154 -17.11 6.14 -23.44
CA LEU F 154 -15.68 5.91 -23.63
C LEU F 154 -15.51 4.59 -24.39
N THR F 155 -14.94 4.64 -25.59
CA THR F 155 -14.69 3.43 -26.35
C THR F 155 -13.30 3.50 -26.95
N PHE F 156 -12.84 2.37 -27.45
CA PHE F 156 -11.62 2.28 -28.24
C PHE F 156 -11.90 2.47 -29.73
N GLU F 157 -12.83 1.70 -30.29
CA GLU F 157 -13.11 1.66 -31.71
C GLU F 157 -14.57 2.03 -31.96
N SER F 158 -14.92 2.03 -33.24
CA SER F 158 -16.27 2.29 -33.69
C SER F 158 -16.63 1.30 -34.80
N GLU F 159 -17.91 0.91 -34.83
CA GLU F 159 -18.43 0.14 -35.95
C GLU F 159 -18.48 0.95 -37.24
N TRP F 160 -18.44 2.27 -37.14
CA TRP F 160 -18.60 3.15 -38.27
C TRP F 160 -17.26 3.74 -38.72
N SER F 161 -17.15 3.97 -40.01
CA SER F 161 -15.99 4.66 -40.61
C SER F 161 -16.53 5.70 -41.58
N PRO F 162 -16.37 7.00 -41.31
CA PRO F 162 -15.71 7.59 -40.15
C PRO F 162 -16.44 7.29 -38.85
N ALA F 163 -15.68 7.20 -37.76
CA ALA F 163 -16.27 6.92 -36.47
C ALA F 163 -17.20 8.05 -36.05
N LEU F 164 -16.78 9.29 -36.26
CA LEU F 164 -17.56 10.47 -35.84
C LEU F 164 -18.26 11.07 -37.04
N GLY F 165 -19.13 10.26 -37.64
CA GLY F 165 -19.80 10.60 -38.87
C GLY F 165 -21.29 10.63 -38.67
N PRO F 166 -22.04 10.55 -39.78
CA PRO F 166 -23.50 10.73 -39.69
C PRO F 166 -24.21 9.75 -38.78
N SER F 167 -23.79 8.49 -38.75
CA SER F 167 -24.48 7.51 -37.92
C SER F 167 -24.27 7.80 -36.44
N MET F 168 -23.04 8.12 -36.04
CA MET F 168 -22.79 8.53 -34.66
C MET F 168 -23.61 9.77 -34.30
N ASP F 169 -23.64 10.76 -35.20
CA ASP F 169 -24.39 11.99 -34.92
C ASP F 169 -25.89 11.69 -34.77
N LYS F 170 -26.43 10.80 -35.60
CA LYS F 170 -27.83 10.40 -35.47
C LYS F 170 -28.09 9.77 -34.11
N ALA F 171 -27.22 8.83 -33.72
CA ALA F 171 -27.42 8.12 -32.45
C ALA F 171 -27.38 9.10 -31.29
N LEU F 172 -26.41 10.02 -31.32
CA LEU F 172 -26.25 10.98 -30.24
C LEU F 172 -27.43 11.95 -30.17
N ASN F 173 -27.90 12.43 -31.32
CA ASN F 173 -29.00 13.40 -31.33
C ASN F 173 -30.35 12.76 -31.02
N ALA F 174 -30.41 11.44 -30.90
CA ALA F 174 -31.67 10.81 -30.54
C ALA F 174 -32.06 11.06 -29.09
N ASN F 175 -31.13 11.50 -28.24
CA ASN F 175 -31.46 11.79 -26.85
C ASN F 175 -30.67 13.02 -26.43
N LEU F 176 -31.35 14.16 -26.42
CA LEU F 176 -30.77 15.43 -25.98
C LEU F 176 -31.37 15.89 -24.65
N THR F 177 -32.10 15.02 -23.94
CA THR F 177 -32.69 15.39 -22.69
C THR F 177 -32.07 14.58 -21.54
N GLU F 178 -32.84 13.77 -20.82
CA GLU F 178 -32.30 13.15 -19.61
C GLU F 178 -31.14 12.20 -19.92
N GLY F 179 -31.09 11.66 -21.13
CA GLY F 179 -30.01 10.77 -21.52
C GLY F 179 -28.90 11.41 -22.31
N ARG F 180 -28.84 12.75 -22.36
CA ARG F 180 -27.88 13.42 -23.24
C ARG F 180 -26.45 13.11 -22.83
N LEU F 181 -25.64 12.75 -23.82
CA LEU F 181 -24.21 12.57 -23.63
C LEU F 181 -23.51 13.88 -23.94
N ASP F 182 -22.80 14.41 -22.96
CA ASP F 182 -22.13 15.68 -23.09
C ASP F 182 -20.72 15.59 -23.64
N ILE F 183 -20.09 14.42 -23.54
CA ILE F 183 -18.69 14.30 -23.88
C ILE F 183 -18.39 12.84 -24.10
N GLY F 184 -17.42 12.55 -24.95
CA GLY F 184 -17.05 11.17 -25.16
C GLY F 184 -15.76 11.05 -25.92
N CYS F 185 -15.19 9.85 -25.88
CA CYS F 185 -13.94 9.59 -26.56
C CYS F 185 -14.02 8.24 -27.26
N VAL F 186 -13.63 8.21 -28.54
CA VAL F 186 -13.37 6.98 -29.29
C VAL F 186 -11.86 6.98 -29.49
N ALA F 187 -11.13 6.21 -28.68
CA ALA F 187 -9.70 6.45 -28.50
C ALA F 187 -8.93 6.30 -29.79
N ALA F 188 -9.35 5.41 -30.69
CA ALA F 188 -8.63 5.24 -31.95
C ALA F 188 -8.97 6.31 -32.98
N HIS F 189 -9.88 7.25 -32.67
CA HIS F 189 -10.40 8.13 -33.71
C HIS F 189 -10.61 9.60 -33.33
N GLY F 190 -11.14 9.89 -32.15
CA GLY F 190 -11.42 11.28 -31.83
C GLY F 190 -12.25 11.42 -30.57
N HIS F 191 -12.75 12.62 -30.37
CA HIS F 191 -13.61 12.89 -29.22
C HIS F 191 -14.74 13.83 -29.65
N PHE F 192 -15.77 13.89 -28.81
CA PHE F 192 -16.92 14.73 -29.11
C PHE F 192 -17.35 15.43 -27.83
N PHE F 193 -18.08 16.53 -28.02
CA PHE F 193 -18.74 17.19 -26.89
C PHE F 193 -19.99 17.87 -27.40
N TYR F 194 -20.99 17.98 -26.51
CA TYR F 194 -22.22 18.69 -26.82
C TYR F 194 -22.04 20.16 -26.49
N ASP F 195 -22.19 21.01 -27.50
CA ASP F 195 -22.03 22.47 -27.37
C ASP F 195 -23.39 23.09 -27.07
N GLN F 196 -23.57 23.53 -25.84
CA GLN F 196 -24.88 24.03 -25.42
C GLN F 196 -25.24 25.33 -26.14
N ALA F 197 -24.25 26.17 -26.44
CA ALA F 197 -24.51 27.43 -27.13
C ALA F 197 -25.12 27.20 -28.50
N SER F 198 -24.58 26.26 -29.26
CA SER F 198 -25.06 25.99 -30.61
C SER F 198 -26.15 24.94 -30.68
N GLY F 199 -26.34 24.16 -29.61
CA GLY F 199 -27.33 23.11 -29.64
C GLY F 199 -26.92 21.91 -30.47
N ALA F 200 -25.64 21.71 -30.66
CA ALA F 200 -25.16 20.68 -31.57
C ALA F 200 -23.89 20.07 -31.02
N TYR F 201 -23.56 18.89 -31.53
CA TYR F 201 -22.32 18.23 -31.17
C TYR F 201 -21.16 18.80 -31.96
N SER F 202 -20.01 18.85 -31.30
CA SER F 202 -18.73 19.20 -31.91
C SER F 202 -17.85 17.97 -31.92
N TYR F 203 -17.31 17.63 -33.09
CA TYR F 203 -16.48 16.44 -33.29
C TYR F 203 -15.07 16.87 -33.63
N THR F 204 -14.09 16.27 -32.96
CA THR F 204 -12.68 16.48 -33.29
C THR F 204 -12.02 15.15 -33.59
N ASN F 205 -11.60 14.96 -34.82
CA ASN F 205 -10.88 13.76 -35.22
C ASN F 205 -9.41 13.90 -34.90
N GLU F 206 -8.78 12.79 -34.57
CA GLU F 206 -7.33 12.73 -34.21
C GLU F 206 -7.06 13.77 -33.13
N ASN F 207 -6.01 14.57 -33.22
CA ASN F 207 -5.64 15.55 -32.23
C ASN F 207 -5.48 14.92 -30.85
N LYS F 208 -4.90 13.72 -30.81
CA LYS F 208 -4.55 13.02 -29.58
C LYS F 208 -5.80 12.77 -28.74
N PRO F 209 -6.71 11.91 -29.21
CA PRO F 209 -8.06 11.85 -28.66
C PRO F 209 -8.20 11.71 -27.15
N ALA F 210 -7.46 10.80 -26.50
CA ALA F 210 -7.64 10.63 -25.05
C ALA F 210 -7.21 11.89 -24.28
N THR F 211 -6.13 12.55 -24.74
CA THR F 211 -5.71 13.79 -24.09
C THR F 211 -6.71 14.90 -24.35
N ALA F 212 -7.18 15.01 -25.58
CA ALA F 212 -8.17 16.03 -25.91
C ALA F 212 -9.42 15.84 -25.07
N PHE F 213 -9.85 14.60 -24.94
CA PHE F 213 -10.99 14.27 -24.08
C PHE F 213 -10.74 14.69 -22.64
N LEU F 214 -9.57 14.31 -22.09
CA LEU F 214 -9.24 14.63 -20.71
C LEU F 214 -9.26 16.13 -20.45
N PHE F 215 -8.67 16.92 -21.35
CA PHE F 215 -8.67 18.36 -21.15
C PHE F 215 -10.07 18.93 -21.23
N LYS F 216 -10.89 18.47 -22.20
CA LYS F 216 -12.26 18.99 -22.27
C LYS F 216 -13.04 18.59 -21.04
N LEU F 217 -12.83 17.37 -20.55
CA LEU F 217 -13.53 16.93 -19.34
C LEU F 217 -13.17 17.79 -18.14
N ILE F 218 -11.88 18.08 -17.96
CA ILE F 218 -11.46 18.90 -16.82
C ILE F 218 -12.08 20.28 -16.92
N ALA F 219 -12.07 20.86 -18.12
CA ALA F 219 -12.65 22.18 -18.32
C ALA F 219 -14.16 22.18 -18.05
N GLN F 220 -14.87 21.15 -18.51
CA GLN F 220 -16.31 21.09 -18.26
C GLN F 220 -16.59 20.92 -16.78
N LEU F 221 -15.83 20.04 -16.11
CA LEU F 221 -16.01 19.79 -14.69
C LEU F 221 -15.80 21.06 -13.87
N GLN F 222 -14.84 21.90 -14.25
CA GLN F 222 -14.59 23.09 -13.44
C GLN F 222 -15.85 23.92 -13.23
N PHE F 223 -16.74 23.95 -14.23
CA PHE F 223 -17.98 24.73 -14.10
C PHE F 223 -18.89 24.19 -13.01
N SER F 224 -18.81 22.90 -12.70
CA SER F 224 -19.63 22.31 -11.64
C SER F 224 -19.14 22.65 -10.25
N GLY F 225 -17.94 23.20 -10.11
CA GLY F 225 -17.44 23.47 -8.77
C GLY F 225 -17.44 22.22 -7.93
N THR F 226 -17.73 22.39 -6.64
CA THR F 226 -17.96 21.27 -5.75
C THR F 226 -19.44 20.97 -5.69
N VAL F 227 -19.73 19.70 -5.48
CA VAL F 227 -21.12 19.27 -5.30
C VAL F 227 -21.83 20.10 -4.24
N PRO F 228 -23.13 20.34 -4.39
CA PRO F 228 -23.92 20.91 -3.30
C PRO F 228 -23.86 20.03 -2.05
N MET F 229 -24.15 20.65 -0.92
CA MET F 229 -24.02 19.99 0.37
C MET F 229 -25.19 19.05 0.62
N ILE F 230 -24.85 17.77 0.78
CA ILE F 230 -25.83 16.70 0.98
C ILE F 230 -26.57 16.87 2.31
N ASP F 231 -27.87 16.53 2.28
CA ASP F 231 -28.69 16.42 3.50
C ASP F 231 -28.70 14.94 3.88
N VAL F 232 -27.77 14.54 4.75
CA VAL F 232 -27.70 13.15 5.13
C VAL F 232 -28.91 12.75 5.97
N GLU F 233 -29.58 13.68 6.63
CA GLU F 233 -30.79 13.32 7.39
C GLU F 233 -31.93 12.92 6.47
N ALA F 234 -31.90 13.33 5.20
CA ALA F 234 -32.89 12.82 4.25
C ALA F 234 -32.72 11.32 4.06
N TYR F 235 -31.46 10.86 3.99
CA TYR F 235 -31.19 9.43 3.96
C TYR F 235 -31.52 8.77 5.28
N GLY F 236 -31.35 9.49 6.38
CA GLY F 236 -31.64 8.95 7.71
C GLY F 236 -33.11 8.66 7.95
N GLN F 237 -33.99 9.19 7.11
CA GLN F 237 -35.40 8.83 7.23
C GLN F 237 -35.58 7.32 7.05
N TRP F 238 -34.65 6.65 6.37
CA TRP F 238 -34.71 5.22 6.12
C TRP F 238 -34.15 4.40 7.28
N LEU F 239 -33.71 5.05 8.36
CA LEU F 239 -33.24 4.31 9.52
C LEU F 239 -34.39 3.69 10.30
N THR F 240 -35.58 4.27 10.22
CA THR F 240 -36.74 3.82 11.00
C THR F 240 -37.79 3.14 10.12
N LYS F 241 -37.42 2.74 8.91
CA LYS F 241 -38.35 2.04 8.03
C LYS F 241 -37.60 1.14 7.05
N GLN G 3 4.26 12.89 31.72
CA GLN G 3 4.87 14.20 31.52
C GLN G 3 5.31 14.50 30.08
N TRP G 4 4.66 15.50 29.49
CA TRP G 4 4.84 15.92 28.11
C TRP G 4 5.45 17.31 28.06
N SER G 5 6.09 17.61 26.92
CA SER G 5 6.72 18.91 26.70
C SER G 5 6.58 19.30 25.24
N LEU G 6 5.90 20.42 24.97
CA LEU G 6 5.84 20.89 23.59
C LEU G 6 7.23 21.23 23.05
N SER G 7 8.08 21.84 23.88
N SER G 7 8.07 21.85 23.88
CA SER G 7 9.43 22.13 23.41
CA SER G 7 9.44 22.14 23.46
C SER G 7 10.14 20.86 22.98
C SER G 7 10.14 20.87 22.99
N GLN G 8 9.94 19.77 23.71
CA GLN G 8 10.59 18.50 23.33
C GLN G 8 10.04 17.95 22.01
N LEU G 9 8.72 18.04 21.77
CA LEU G 9 8.20 17.64 20.47
C LEU G 9 8.93 18.36 19.34
N LEU G 10 9.03 19.69 19.46
CA LEU G 10 9.63 20.48 18.40
C LEU G 10 11.11 20.16 18.24
N SER G 11 11.80 19.90 19.36
N SER G 11 11.81 19.94 19.36
CA SER G 11 13.21 19.54 19.29
CA SER G 11 13.21 19.55 19.28
C SER G 11 13.40 18.17 18.65
C SER G 11 13.35 18.20 18.57
N SER G 12 12.50 17.23 18.95
CA SER G 12 12.64 15.89 18.40
C SER G 12 12.33 15.85 16.91
N LEU G 13 11.36 16.66 16.45
CA LEU G 13 11.12 16.76 15.01
C LEU G 13 12.41 17.18 14.29
N HIS G 14 13.06 18.23 14.79
CA HIS G 14 14.30 18.68 14.16
C HIS G 14 15.41 17.64 14.31
N GLU G 15 15.58 17.09 15.50
CA GLU G 15 16.70 16.17 15.72
C GLU G 15 16.61 14.98 14.78
N ASP G 16 15.39 14.52 14.50
CA ASP G 16 15.19 13.41 13.58
C ASP G 16 15.70 13.75 12.18
N ILE G 17 15.37 14.95 11.70
CA ILE G 17 15.84 15.36 10.38
C ILE G 17 17.36 15.47 10.38
N GLN G 18 17.92 16.14 11.39
CA GLN G 18 19.37 16.31 11.41
C GLN G 18 20.07 14.97 11.46
N GLN G 19 19.56 14.06 12.30
CA GLN G 19 20.17 12.73 12.44
C GLN G 19 20.12 11.96 11.13
N ARG G 20 18.98 11.97 10.46
CA ARG G 20 18.84 11.19 9.22
C ARG G 20 19.77 11.75 8.15
N LEU G 21 19.82 13.08 8.02
CA LEU G 21 20.73 13.66 7.04
C LEU G 21 22.19 13.36 7.39
N SER G 22 22.51 13.33 8.69
CA SER G 22 23.88 13.04 9.11
C SER G 22 24.26 11.60 8.80
N VAL G 23 23.36 10.66 9.04
CA VAL G 23 23.64 9.26 8.70
C VAL G 23 23.84 9.12 7.19
N VAL G 24 22.97 9.75 6.40
CA VAL G 24 23.10 9.68 4.95
C VAL G 24 24.47 10.18 4.51
N ARG G 25 24.90 11.33 5.04
CA ARG G 25 26.14 11.97 4.63
C ARG G 25 27.34 11.08 4.90
N LYS G 26 27.38 10.45 6.06
CA LYS G 26 28.55 9.66 6.43
C LYS G 26 28.51 8.23 5.94
N THR G 27 27.34 7.73 5.52
CA THR G 27 27.20 6.30 5.24
C THR G 27 27.16 5.95 3.76
N PHE G 28 26.55 6.77 2.91
CA PHE G 28 26.42 6.46 1.49
C PHE G 28 27.61 7.05 0.74
N GLY G 29 28.49 6.17 0.25
CA GLY G 29 29.71 6.63 -0.40
C GLY G 29 29.49 7.18 -1.80
N HIS G 30 28.49 6.70 -2.48
CA HIS G 30 28.20 7.09 -3.86
C HIS G 30 27.43 8.40 -3.89
N PRO G 31 27.88 9.39 -4.67
CA PRO G 31 27.23 10.71 -4.60
C PRO G 31 25.77 10.70 -5.00
N GLY G 32 25.40 9.96 -6.05
CA GLY G 32 24.01 9.92 -6.45
C GLY G 32 23.13 9.28 -5.41
N THR G 33 23.61 8.19 -4.80
CA THR G 33 22.87 7.53 -3.74
C THR G 33 22.67 8.44 -2.56
N LYS G 34 23.75 9.13 -2.14
CA LYS G 34 23.68 10.06 -1.03
C LYS G 34 22.68 11.19 -1.33
N GLY G 35 22.73 11.76 -2.55
CA GLY G 35 21.78 12.80 -2.90
C GLY G 35 20.33 12.33 -2.94
N ASP G 36 20.09 11.13 -3.47
CA ASP G 36 18.74 10.58 -3.50
C ASP G 36 18.22 10.38 -2.08
N ALA G 37 19.05 9.81 -1.21
CA ALA G 37 18.62 9.57 0.18
C ALA G 37 18.35 10.88 0.93
N SER G 38 19.18 11.91 0.70
CA SER G 38 18.98 13.20 1.34
C SER G 38 17.68 13.85 0.88
N GLU G 39 17.44 13.83 -0.42
CA GLU G 39 16.15 14.32 -0.94
C GLU G 39 14.98 13.56 -0.34
N ASN G 40 15.15 12.25 -0.15
CA ASN G 40 14.08 11.44 0.43
C ASN G 40 13.72 11.95 1.83
N VAL G 41 14.72 12.36 2.62
CA VAL G 41 14.46 12.90 3.95
C VAL G 41 13.62 14.16 3.86
N TRP G 42 14.03 15.12 3.04
CA TRP G 42 13.30 16.38 2.94
C TRP G 42 11.87 16.16 2.43
N ILE G 43 11.71 15.33 1.39
CA ILE G 43 10.38 15.07 0.87
C ILE G 43 9.52 14.39 1.92
N ASP G 44 10.08 13.44 2.66
CA ASP G 44 9.33 12.77 3.74
C ASP G 44 8.90 13.77 4.80
N MET G 45 9.79 14.69 5.19
CA MET G 45 9.44 15.68 6.20
C MET G 45 8.24 16.51 5.73
N LEU G 46 8.29 16.99 4.49
CA LEU G 46 7.22 17.83 3.97
C LEU G 46 5.94 17.03 3.76
N ASP G 47 6.05 15.81 3.24
CA ASP G 47 4.88 14.96 3.04
C ASP G 47 4.22 14.61 4.36
N THR G 48 5.02 14.46 5.41
CA THR G 48 4.51 14.08 6.73
C THR G 48 3.82 15.25 7.40
N TYR G 49 4.42 16.45 7.36
CA TYR G 49 3.98 17.55 8.20
C TYR G 49 3.20 18.64 7.48
N LEU G 50 3.47 18.89 6.20
CA LEU G 50 2.70 19.94 5.54
C LEU G 50 1.23 19.55 5.53
N PRO G 51 0.34 20.54 5.60
CA PRO G 51 -1.08 20.27 5.29
C PRO G 51 -1.23 19.52 3.97
N LYS G 52 -2.24 18.63 3.93
CA LYS G 52 -2.47 17.76 2.78
C LYS G 52 -2.89 18.50 1.52
N ARG G 53 -3.22 19.80 1.62
CA ARG G 53 -3.44 20.56 0.39
C ARG G 53 -2.15 20.72 -0.41
N TYR G 54 -1.01 20.43 0.17
CA TYR G 54 0.28 20.49 -0.50
C TYR G 54 0.80 19.10 -0.84
N GLN G 55 1.30 18.95 -2.06
CA GLN G 55 2.08 17.79 -2.45
C GLN G 55 3.55 18.22 -2.49
N ALA G 56 4.46 17.27 -2.22
CA ALA G 56 5.89 17.52 -2.32
C ALA G 56 6.51 16.36 -3.08
N ALA G 57 7.27 16.67 -4.13
CA ALA G 57 7.88 15.65 -4.98
C ALA G 57 8.96 16.26 -5.86
N LYS G 58 9.69 15.40 -6.54
CA LYS G 58 10.58 15.78 -7.62
C LYS G 58 9.78 15.87 -8.91
N ALA G 59 10.02 16.91 -9.70
CA ALA G 59 9.28 17.04 -10.94
C ALA G 59 9.96 18.07 -11.82
N HIS G 60 9.61 18.05 -13.12
CA HIS G 60 9.75 19.19 -14.00
C HIS G 60 8.43 19.93 -14.08
N VAL G 61 8.52 21.24 -14.36
CA VAL G 61 7.36 22.10 -14.53
C VAL G 61 7.29 22.54 -15.98
N VAL G 62 6.07 22.57 -16.55
CA VAL G 62 5.85 22.99 -17.93
C VAL G 62 4.74 24.03 -17.93
N ASP G 63 4.72 24.90 -18.93
CA ASP G 63 3.64 25.85 -19.08
C ASP G 63 2.92 25.72 -20.41
N SER G 64 1.82 26.48 -20.55
CA SER G 64 0.97 26.36 -21.72
C SER G 64 1.61 26.95 -22.96
N LEU G 65 2.76 27.62 -22.82
CA LEU G 65 3.52 28.11 -23.94
C LEU G 65 4.58 27.11 -24.39
N GLY G 66 4.60 25.91 -23.80
CA GLY G 66 5.55 24.91 -24.21
C GLY G 66 6.90 24.98 -23.54
N ASN G 67 7.08 25.87 -22.57
CA ASN G 67 8.37 26.08 -21.93
C ASN G 67 8.47 25.23 -20.67
N PHE G 68 9.69 24.78 -20.39
CA PHE G 68 9.94 23.87 -19.28
C PHE G 68 10.92 24.48 -18.29
N SER G 69 10.72 24.17 -17.02
CA SER G 69 11.70 24.49 -16.01
C SER G 69 12.87 23.51 -16.05
N GLN G 70 13.88 23.78 -15.23
CA GLN G 70 14.87 22.76 -14.93
C GLN G 70 14.25 21.69 -14.02
N GLN G 71 15.00 20.61 -13.79
CA GLN G 71 14.55 19.59 -12.85
C GLN G 71 14.50 20.17 -11.45
N ILE G 72 13.38 20.00 -10.76
CA ILE G 72 13.21 20.54 -9.42
C ILE G 72 13.21 19.36 -8.46
N ASN G 73 14.21 19.25 -7.57
CA ASN G 73 14.24 18.05 -6.74
C ASN G 73 13.24 18.10 -5.58
N VAL G 74 12.82 19.27 -5.14
CA VAL G 74 11.76 19.36 -4.14
C VAL G 74 10.81 20.49 -4.53
N VAL G 75 9.68 20.14 -5.14
CA VAL G 75 8.67 21.12 -5.50
C VAL G 75 7.43 20.85 -4.65
N VAL G 76 6.79 21.93 -4.19
CA VAL G 76 5.55 21.89 -3.43
C VAL G 76 4.43 22.45 -4.33
N PHE G 77 3.36 21.66 -4.51
CA PHE G 77 2.41 21.97 -5.56
C PHE G 77 1.02 21.44 -5.19
N ASP G 78 0.03 21.93 -5.90
CA ASP G 78 -1.34 21.47 -5.75
C ASP G 78 -1.67 20.29 -6.65
N ARG G 79 -2.44 19.34 -6.09
CA ARG G 79 -3.12 18.32 -6.88
C ARG G 79 -4.63 18.29 -6.66
N GLN G 80 -5.15 19.07 -5.70
CA GLN G 80 -6.60 19.05 -5.45
C GLN G 80 -7.38 19.63 -6.61
N TYR G 81 -6.81 20.63 -7.30
CA TYR G 81 -7.47 21.39 -8.35
C TYR G 81 -6.67 21.38 -9.64
N SER G 82 -5.59 20.60 -9.71
CA SER G 82 -4.65 20.68 -10.81
C SER G 82 -4.39 19.27 -11.33
N PRO G 83 -4.39 19.05 -12.64
CA PRO G 83 -3.92 17.78 -13.19
C PRO G 83 -2.41 17.74 -13.24
N PHE G 84 -1.87 16.52 -13.36
CA PHE G 84 -0.55 16.40 -13.96
C PHE G 84 -0.63 16.69 -15.45
N ILE G 85 0.47 17.18 -16.04
CA ILE G 85 0.52 17.20 -17.50
C ILE G 85 0.99 15.84 -18.04
N PHE G 86 1.97 15.22 -17.39
CA PHE G 86 2.40 13.89 -17.82
C PHE G 86 3.05 13.21 -16.64
N THR G 87 2.68 11.95 -16.39
CA THR G 87 3.37 11.16 -15.40
C THR G 87 3.46 9.74 -15.94
N TYR G 88 4.64 9.16 -15.84
CA TYR G 88 4.90 7.89 -16.53
C TYR G 88 6.12 7.24 -15.88
N GLU G 89 5.99 5.96 -15.52
CA GLU G 89 7.08 5.22 -14.87
C GLU G 89 7.62 5.97 -13.66
N ASN G 90 6.72 6.64 -12.92
CA ASN G 90 7.01 7.33 -11.69
C ASN G 90 7.84 8.59 -11.85
N GLU G 91 7.89 9.15 -13.06
CA GLU G 91 8.50 10.46 -13.28
C GLU G 91 7.43 11.41 -13.79
N THR G 92 7.54 12.69 -13.42
CA THR G 92 6.37 13.57 -13.46
C THR G 92 6.66 14.97 -13.95
N ILE G 93 5.72 15.50 -14.75
CA ILE G 93 5.75 16.90 -15.19
C ILE G 93 4.42 17.54 -14.75
N ILE G 94 4.53 18.63 -14.00
CA ILE G 94 3.39 19.35 -13.44
C ILE G 94 3.18 20.66 -14.19
N PRO G 95 1.97 21.20 -14.22
CA PRO G 95 1.76 22.51 -14.84
C PRO G 95 2.23 23.64 -13.92
N ALA G 96 2.68 24.74 -14.52
CA ALA G 96 3.18 25.88 -13.74
C ALA G 96 2.12 26.39 -12.78
N GLU G 97 0.84 26.31 -13.16
CA GLU G 97 -0.23 26.83 -12.32
C GLU G 97 -0.36 26.07 -11.00
N SER G 98 0.21 24.88 -10.90
CA SER G 98 0.07 24.09 -9.68
C SER G 98 1.09 24.44 -8.61
N VAL G 99 2.09 25.25 -8.93
CA VAL G 99 3.27 25.36 -8.08
C VAL G 99 3.07 26.37 -6.96
N TYR G 100 3.44 25.97 -5.75
CA TYR G 100 3.51 26.87 -4.61
C TYR G 100 4.93 27.28 -4.23
N ALA G 101 5.89 26.35 -4.32
CA ALA G 101 7.24 26.59 -3.84
C ALA G 101 8.21 25.66 -4.57
N VAL G 102 9.46 26.13 -4.72
CA VAL G 102 10.51 25.47 -5.47
C VAL G 102 11.76 25.46 -4.59
N PHE G 103 12.30 24.27 -4.31
CA PHE G 103 13.51 24.11 -3.51
C PHE G 103 14.57 23.31 -4.26
N GLU G 104 15.84 23.67 -4.01
CA GLU G 104 17.00 22.85 -4.37
C GLU G 104 17.59 22.30 -3.09
N ALA G 105 17.75 20.98 -3.05
CA ALA G 105 18.29 20.27 -1.89
C ALA G 105 19.64 19.68 -2.27
N LYS G 106 20.66 19.96 -1.45
CA LYS G 106 22.01 19.42 -1.61
C LYS G 106 22.63 19.28 -0.23
N GLN G 107 23.74 18.56 -0.11
CA GLN G 107 24.27 18.33 1.24
C GLN G 107 24.88 19.60 1.85
N THR G 108 25.55 20.44 1.04
CA THR G 108 26.31 21.56 1.60
C THR G 108 26.05 22.86 0.88
N ALA G 109 25.77 23.91 1.65
CA ALA G 109 25.62 25.26 1.11
C ALA G 109 26.98 25.88 0.81
N ASP G 110 27.13 26.44 -0.40
CA ASP G 110 28.29 27.21 -0.82
C ASP G 110 27.81 28.17 -1.90
N ALA G 111 28.72 29.00 -2.42
CA ALA G 111 28.32 30.03 -3.36
C ALA G 111 27.71 29.42 -4.62
N GLY G 112 28.30 28.33 -5.11
CA GLY G 112 27.78 27.68 -6.30
C GLY G 112 26.38 27.12 -6.11
N LEU G 113 26.11 26.55 -4.93
CA LEU G 113 24.78 26.00 -4.69
C LEU G 113 23.74 27.11 -4.61
N VAL G 114 24.06 28.22 -3.93
CA VAL G 114 23.07 29.29 -3.82
C VAL G 114 22.71 29.79 -5.22
N ALA G 115 23.73 30.01 -6.07
CA ALA G 115 23.47 30.47 -7.44
C ALA G 115 22.66 29.45 -8.22
N TYR G 116 22.99 28.15 -8.06
CA TYR G 116 22.25 27.09 -8.74
C TYR G 116 20.79 27.06 -8.31
N ALA G 117 20.54 27.20 -7.01
CA ALA G 117 19.17 27.22 -6.50
C ALA G 117 18.41 28.43 -7.05
N GLN G 118 19.06 29.59 -7.09
CA GLN G 118 18.42 30.79 -7.63
C GLN G 118 18.02 30.59 -9.09
N GLU G 119 18.88 29.92 -9.86
CA GLU G 119 18.55 29.65 -11.25
C GLU G 119 17.42 28.62 -11.37
N LYS G 120 17.40 27.60 -10.51
CA LYS G 120 16.28 26.66 -10.52
C LYS G 120 14.97 27.42 -10.29
N VAL G 121 14.92 28.26 -9.27
CA VAL G 121 13.71 29.00 -8.94
C VAL G 121 13.31 29.92 -10.10
N ALA G 122 14.27 30.65 -10.65
CA ALA G 122 13.98 31.50 -11.81
C ALA G 122 13.41 30.70 -12.96
N SER G 123 13.90 29.47 -13.19
CA SER G 123 13.42 28.66 -14.31
C SER G 123 11.95 28.31 -14.17
N VAL G 124 11.42 28.33 -12.96
CA VAL G 124 9.99 28.14 -12.74
C VAL G 124 9.24 29.46 -12.79
N ARG G 125 9.80 30.51 -12.19
CA ARG G 125 9.08 31.77 -12.15
C ARG G 125 8.94 32.40 -13.53
N ARG G 126 9.85 32.09 -14.45
CA ARG G 126 9.74 32.62 -15.81
C ARG G 126 8.57 32.01 -16.58
N LEU G 127 8.02 30.89 -16.11
CA LEU G 127 6.94 30.23 -16.80
C LEU G 127 5.64 31.02 -16.69
N HIS G 128 4.81 30.89 -17.72
CA HIS G 128 3.52 31.57 -17.76
C HIS G 128 2.45 30.75 -17.03
N ARG G 129 1.64 31.45 -16.21
CA ARG G 129 0.55 30.83 -15.49
C ARG G 129 -0.79 31.45 -15.88
N THR G 130 -1.72 30.59 -16.29
CA THR G 130 -3.08 31.01 -16.58
C THR G 130 -3.87 31.13 -15.28
N SER G 131 -5.02 31.80 -15.37
CA SER G 131 -5.90 31.98 -14.22
C SER G 131 -7.30 32.30 -14.72
N LEU G 132 -8.26 31.40 -14.44
CA LEU G 132 -9.63 31.56 -14.91
C LEU G 132 -10.56 31.98 -13.76
N PRO G 133 -11.67 32.64 -14.09
CA PRO G 133 -12.72 32.83 -13.05
C PRO G 133 -13.10 31.50 -12.42
N ILE G 134 -13.40 31.52 -11.12
CA ILE G 134 -13.47 30.29 -10.31
C ILE G 134 -14.92 30.01 -9.91
N PRO G 135 -15.54 28.97 -10.47
CA PRO G 135 -16.87 28.55 -10.00
C PRO G 135 -16.74 27.87 -8.64
N HIS G 136 -17.63 28.23 -7.73
CA HIS G 136 -17.63 27.72 -6.37
C HIS G 136 -19.05 27.86 -5.80
N ALA G 137 -19.18 27.61 -4.48
CA ALA G 137 -20.52 27.49 -3.91
C ALA G 137 -21.33 28.76 -4.01
N GLY G 138 -20.65 29.91 -4.01
CA GLY G 138 -21.34 31.18 -4.10
C GLY G 138 -21.50 31.82 -5.47
N GLY G 139 -21.09 31.15 -6.54
CA GLY G 139 -21.14 31.67 -7.87
C GLY G 139 -19.78 31.58 -8.51
N THR G 140 -19.33 32.66 -9.17
CA THR G 140 -18.02 32.65 -9.82
C THR G 140 -17.21 33.85 -9.34
N TYR G 141 -16.02 33.56 -8.80
CA TYR G 141 -15.10 34.62 -8.46
C TYR G 141 -14.40 35.12 -9.72
N PRO G 142 -14.08 36.40 -9.78
CA PRO G 142 -13.10 36.85 -10.80
C PRO G 142 -11.83 36.02 -10.66
N ALA G 143 -11.11 35.88 -11.78
CA ALA G 143 -9.87 35.11 -11.78
C ALA G 143 -8.96 35.55 -10.65
N LYS G 144 -8.38 34.59 -9.95
CA LYS G 144 -7.50 34.94 -8.85
C LYS G 144 -6.19 35.54 -9.35
N PRO G 145 -5.77 36.69 -8.84
CA PRO G 145 -4.44 37.21 -9.18
C PRO G 145 -3.36 36.19 -8.87
N LEU G 146 -2.32 36.17 -9.71
CA LEU G 146 -1.31 35.12 -9.59
C LEU G 146 -0.58 35.21 -8.27
N ILE G 147 -0.36 34.04 -7.66
CA ILE G 147 0.31 33.92 -6.37
C ILE G 147 1.82 33.96 -6.54
N PRO G 148 2.57 34.42 -5.54
CA PRO G 148 4.04 34.30 -5.63
C PRO G 148 4.42 32.84 -5.50
N ILE G 149 5.45 32.44 -6.23
CA ILE G 149 6.04 31.13 -6.04
C ILE G 149 7.22 31.32 -5.12
N LEU G 150 7.22 30.63 -3.99
CA LEU G 150 8.34 30.75 -3.05
C LEU G 150 9.53 29.96 -3.55
N GLY G 151 10.73 30.49 -3.30
CA GLY G 151 11.96 29.81 -3.67
C GLY G 151 12.81 29.52 -2.44
N GLY G 152 13.54 28.43 -2.49
CA GLY G 152 14.39 28.16 -1.34
C GLY G 152 15.46 27.12 -1.58
N LEU G 153 16.25 26.90 -0.53
CA LEU G 153 17.33 25.92 -0.53
C LEU G 153 17.28 25.11 0.76
N LEU G 154 17.67 23.84 0.63
CA LEU G 154 17.67 22.90 1.76
C LEU G 154 19.00 22.19 1.76
N THR G 155 19.78 22.40 2.81
CA THR G 155 21.06 21.71 2.91
C THR G 155 21.23 21.17 4.33
N PHE G 156 22.25 20.34 4.52
CA PHE G 156 22.63 19.88 5.85
C PHE G 156 23.70 20.78 6.46
N GLU G 157 24.78 21.00 5.73
CA GLU G 157 25.94 21.75 6.21
C GLU G 157 26.15 23.00 5.37
N SER G 158 27.14 23.77 5.78
CA SER G 158 27.59 24.93 5.04
C SER G 158 29.10 24.93 5.05
N GLU G 159 29.66 25.43 3.95
CA GLU G 159 31.10 25.62 3.83
C GLU G 159 31.57 26.83 4.61
N TRP G 160 30.67 27.72 5.03
CA TRP G 160 31.03 29.00 5.59
C TRP G 160 30.98 29.01 7.12
N SER G 161 31.72 29.97 7.69
CA SER G 161 31.82 30.18 9.13
C SER G 161 31.55 31.63 9.47
N PRO G 162 30.46 31.96 10.15
CA PRO G 162 29.35 31.07 10.53
C PRO G 162 28.54 30.66 9.30
N ALA G 163 27.72 29.62 9.46
CA ALA G 163 27.02 29.06 8.30
C ALA G 163 26.15 30.07 7.60
N LEU G 164 25.40 30.87 8.38
CA LEU G 164 24.49 31.89 7.85
C LEU G 164 25.09 33.28 8.01
N GLY G 165 26.38 33.42 7.71
CA GLY G 165 27.07 34.67 7.90
C GLY G 165 27.23 35.50 6.66
N PRO G 166 28.27 36.33 6.64
CA PRO G 166 28.45 37.28 5.53
C PRO G 166 28.52 36.64 4.16
N SER G 167 29.10 35.43 4.05
CA SER G 167 29.23 34.80 2.74
C SER G 167 27.88 34.34 2.21
N MET G 168 27.04 33.77 3.09
CA MET G 168 25.69 33.42 2.72
C MET G 168 24.89 34.67 2.35
N ASP G 169 25.02 35.73 3.14
CA ASP G 169 24.28 36.96 2.85
C ASP G 169 24.65 37.55 1.50
N LYS G 170 25.95 37.58 1.17
CA LYS G 170 26.38 38.03 -0.14
C LYS G 170 25.75 37.17 -1.24
N ALA G 171 25.80 35.85 -1.09
CA ALA G 171 25.26 34.96 -2.12
C ALA G 171 23.76 35.19 -2.32
N LEU G 172 23.01 35.27 -1.23
CA LEU G 172 21.57 35.45 -1.34
C LEU G 172 21.22 36.82 -1.93
N ASN G 173 21.91 37.88 -1.50
CA ASN G 173 21.61 39.22 -2.00
C ASN G 173 22.03 39.44 -3.43
N ALA G 174 22.75 38.51 -4.04
CA ALA G 174 23.07 38.62 -5.45
C ALA G 174 21.87 38.39 -6.36
N ASN G 175 20.77 37.84 -5.85
CA ASN G 175 19.56 37.69 -6.66
C ASN G 175 18.31 37.95 -5.82
N LEU G 176 17.76 39.16 -5.95
CA LEU G 176 16.54 39.53 -5.24
C LEU G 176 15.35 39.64 -6.17
N THR G 177 15.50 39.20 -7.43
CA THR G 177 14.43 39.28 -8.44
C THR G 177 13.94 37.88 -8.81
N GLU G 178 14.08 37.46 -10.07
CA GLU G 178 13.40 36.23 -10.49
C GLU G 178 13.95 35.01 -9.77
N GLY G 179 15.20 35.05 -9.31
CA GLY G 179 15.80 33.93 -8.60
C GLY G 179 15.83 34.09 -7.10
N ARG G 180 15.03 35.01 -6.57
CA ARG G 180 15.10 35.27 -5.13
C ARG G 180 14.70 34.05 -4.32
N LEU G 181 15.53 33.70 -3.36
CA LEU G 181 15.20 32.66 -2.38
C LEU G 181 14.49 33.31 -1.19
N ASP G 182 13.30 32.82 -0.87
CA ASP G 182 12.49 33.37 0.19
C ASP G 182 12.69 32.67 1.51
N ILE G 183 13.18 31.43 1.50
CA ILE G 183 13.27 30.66 2.73
C ILE G 183 14.28 29.55 2.51
N GLY G 184 14.95 29.16 3.56
CA GLY G 184 15.90 28.05 3.43
C GLY G 184 16.27 27.48 4.77
N CYS G 185 16.82 26.27 4.73
CA CYS G 185 17.24 25.58 5.92
C CYS G 185 18.63 24.99 5.71
N VAL G 186 19.52 25.25 6.66
CA VAL G 186 20.80 24.55 6.80
C VAL G 186 20.66 23.72 8.07
N ALA G 187 20.35 22.43 7.91
CA ALA G 187 19.80 21.68 9.03
C ALA G 187 20.73 21.63 10.24
N ALA G 188 22.04 21.61 10.02
CA ALA G 188 22.96 21.59 11.14
C ALA G 188 23.15 22.93 11.81
N HIS G 189 22.55 24.01 11.30
CA HIS G 189 22.89 25.35 11.79
C HIS G 189 21.76 26.35 11.99
N GLY G 190 20.78 26.40 11.10
CA GLY G 190 19.76 27.42 11.21
C GLY G 190 18.90 27.51 9.96
N HIS G 191 18.13 28.61 9.90
CA HIS G 191 17.23 28.85 8.77
C HIS G 191 17.25 30.34 8.47
N PHE G 192 16.82 30.67 7.26
CA PHE G 192 16.74 32.05 6.82
C PHE G 192 15.42 32.30 6.12
N PHE G 193 15.03 33.57 6.07
CA PHE G 193 13.87 33.93 5.26
C PHE G 193 14.04 35.37 4.80
N TYR G 194 13.43 35.67 3.67
CA TYR G 194 13.45 37.03 3.14
C TYR G 194 12.25 37.81 3.67
N ASP G 195 12.52 38.88 4.38
CA ASP G 195 11.49 39.74 4.97
C ASP G 195 11.17 40.82 3.96
N GLN G 196 9.98 40.75 3.35
CA GLN G 196 9.64 41.72 2.30
C GLN G 196 9.43 43.10 2.88
N ALA G 197 8.92 43.20 4.11
CA ALA G 197 8.71 44.51 4.73
C ALA G 197 10.02 45.28 4.85
N SER G 198 11.09 44.62 5.29
CA SER G 198 12.36 45.30 5.47
C SER G 198 13.29 45.17 4.27
N GLY G 199 12.98 44.29 3.32
CA GLY G 199 13.83 44.15 2.16
C GLY G 199 15.15 43.48 2.45
N ALA G 200 15.22 42.69 3.52
CA ALA G 200 16.47 42.07 3.92
C ALA G 200 16.18 40.66 4.42
N TYR G 201 17.23 39.85 4.45
CA TYR G 201 17.12 38.52 5.01
C TYR G 201 17.17 38.55 6.52
N SER G 202 16.43 37.63 7.12
CA SER G 202 16.48 37.32 8.54
C SER G 202 17.08 35.93 8.71
N TYR G 203 18.04 35.82 9.63
CA TYR G 203 18.73 34.59 9.93
C TYR G 203 18.47 34.22 11.38
N THR G 204 18.20 32.93 11.60
CA THR G 204 18.02 32.40 12.94
C THR G 204 18.94 31.21 13.09
N ASN G 205 19.88 31.28 14.01
CA ASN G 205 20.79 30.20 14.29
C ASN G 205 20.19 29.28 15.34
N GLU G 206 20.53 27.99 15.23
CA GLU G 206 20.00 26.97 16.13
C GLU G 206 18.48 27.08 16.21
N ASN G 207 17.91 26.95 17.41
CA ASN G 207 16.46 27.06 17.59
C ASN G 207 15.72 26.04 16.73
N LYS G 208 16.26 24.82 16.68
CA LYS G 208 15.63 23.66 16.05
C LYS G 208 15.41 23.93 14.57
N PRO G 209 16.50 24.05 13.79
CA PRO G 209 16.38 24.57 12.42
C PRO G 209 15.34 23.97 11.50
N ALA G 210 15.19 22.65 11.42
CA ALA G 210 14.23 22.08 10.50
C ALA G 210 12.80 22.39 10.92
N THR G 211 12.54 22.40 12.23
CA THR G 211 11.20 22.74 12.70
C THR G 211 10.91 24.21 12.44
N ALA G 212 11.88 25.07 12.74
CA ALA G 212 11.71 26.50 12.50
C ALA G 212 11.44 26.78 11.03
N PHE G 213 12.21 26.12 10.16
CA PHE G 213 11.96 26.19 8.72
C PHE G 213 10.55 25.73 8.37
N LEU G 214 10.12 24.58 8.88
CA LEU G 214 8.81 24.05 8.55
C LEU G 214 7.71 25.03 8.94
N PHE G 215 7.80 25.58 10.14
CA PHE G 215 6.76 26.49 10.62
C PHE G 215 6.73 27.77 9.78
N LYS G 216 7.90 28.32 9.46
CA LYS G 216 7.93 29.52 8.62
C LYS G 216 7.37 29.22 7.23
N LEU G 217 7.70 28.06 6.67
CA LEU G 217 7.17 27.69 5.37
C LEU G 217 5.66 27.61 5.39
N ILE G 218 5.09 26.95 6.40
CA ILE G 218 3.65 26.83 6.48
C ILE G 218 3.02 28.21 6.57
N ALA G 219 3.58 29.07 7.43
CA ALA G 219 3.05 30.42 7.60
C ALA G 219 3.14 31.23 6.31
N GLN G 220 4.26 31.13 5.58
CA GLN G 220 4.38 31.88 4.34
C GLN G 220 3.39 31.33 3.30
N LEU G 221 3.27 30.01 3.20
CA LEU G 221 2.37 29.40 2.24
C LEU G 221 0.92 29.81 2.48
N GLN G 222 0.52 29.95 3.75
CA GLN G 222 -0.86 30.31 4.03
C GLN G 222 -1.27 31.58 3.30
N PHE G 223 -0.35 32.53 3.12
CA PHE G 223 -0.73 33.77 2.43
C PHE G 223 -1.10 33.54 0.97
N SER G 224 -0.56 32.49 0.35
CA SER G 224 -0.84 32.18 -1.04
C SER G 224 -2.23 31.59 -1.27
N GLY G 225 -2.90 31.11 -0.24
CA GLY G 225 -4.16 30.45 -0.45
C GLY G 225 -3.99 29.26 -1.38
N THR G 226 -5.02 29.01 -2.19
CA THR G 226 -4.92 27.95 -3.19
C THR G 226 -4.46 28.52 -4.52
N VAL G 227 -3.77 27.69 -5.29
CA VAL G 227 -3.38 28.07 -6.65
C VAL G 227 -4.55 28.64 -7.43
N PRO G 228 -4.30 29.56 -8.36
CA PRO G 228 -5.36 30.00 -9.27
C PRO G 228 -5.86 28.86 -10.15
N MET G 229 -7.06 29.04 -10.68
CA MET G 229 -7.69 27.98 -11.48
C MET G 229 -7.08 27.88 -12.88
N ILE G 230 -6.48 26.71 -13.16
CA ILE G 230 -5.81 26.47 -14.43
C ILE G 230 -6.78 26.48 -15.60
N ASP G 231 -6.33 27.02 -16.73
CA ASP G 231 -6.99 26.89 -18.02
C ASP G 231 -6.29 25.74 -18.76
N VAL G 232 -6.80 24.51 -18.57
CA VAL G 232 -6.15 23.37 -19.20
C VAL G 232 -6.23 23.44 -20.72
N GLU G 233 -7.26 24.09 -21.27
CA GLU G 233 -7.40 24.20 -22.71
C GLU G 233 -6.32 25.09 -23.32
N ALA G 234 -5.65 25.90 -22.51
CA ALA G 234 -4.47 26.61 -23.03
C ALA G 234 -3.37 25.62 -23.40
N TYR G 235 -3.25 24.56 -22.62
CA TYR G 235 -2.32 23.49 -22.97
C TYR G 235 -2.77 22.75 -24.20
N GLY G 236 -4.09 22.67 -24.40
CA GLY G 236 -4.68 21.96 -25.52
C GLY G 236 -4.32 22.53 -26.86
N GLN G 237 -3.72 23.70 -26.92
CA GLN G 237 -3.28 24.21 -28.22
C GLN G 237 -2.17 23.36 -28.82
N TRP G 238 -1.48 22.57 -28.00
CA TRP G 238 -0.41 21.68 -28.43
C TRP G 238 -0.91 20.29 -28.80
N LEU G 239 -2.23 20.13 -28.85
CA LEU G 239 -2.80 18.87 -29.34
C LEU G 239 -2.79 18.73 -30.86
N THR G 240 -2.62 19.82 -31.60
CA THR G 240 -2.68 19.73 -33.06
C THR G 240 -1.39 19.12 -33.60
N LYS G 241 -1.46 18.71 -34.86
CA LYS G 241 -0.32 18.05 -35.50
C LYS G 241 0.77 19.07 -35.83
#